data_8W7J
#
_entry.id   8W7J
#
_cell.length_a   1.00
_cell.length_b   1.00
_cell.length_c   1.00
_cell.angle_alpha   90.00
_cell.angle_beta   90.00
_cell.angle_gamma   90.00
#
_symmetry.space_group_name_H-M   'P 1'
#
loop_
_entity.id
_entity.type
_entity.pdbx_description
1 polymer 'Protein kinase domain-containing protein'
2 polymer 'PneA LP'
3 non-polymer "GUANOSINE-5'-TRIPHOSPHATE"
4 non-polymer 'PHOSPHATE ION'
#
loop_
_entity_poly.entity_id
_entity_poly.type
_entity_poly.pdbx_seq_one_letter_code
_entity_poly.pdbx_strand_id
1 'polypeptide(L)'
;YNFNLEHPFFFTNNDYSTDTSIKYQASLPFNWHEVMNNDEWVYQYPIGKFVERQGWKIHISSEYNSSHELLQDVAKICHE
MRIPFKHLSTEDKFIMRNGKLVSRGFSGKFITCYPNQNELESVLQRLESALKQYNGPYILSDKRWDEAPIYLRYGVFRPS
RDDEKKVAIDELIVGDEVVKDERLPVFKIPKGIVPPDFLNKWLDKKDKKQGDFPFIIDNAIRFSNSGGIYNARLKEDGKK
IILKEARPYTGLGFDGTYSSEKLASECKALKILNEWSEAPKIYWHGKIWEHTFLGIEHMKGVPLNRWVTNNFPLYEVVDK
TKDYLLRVSKIVEKLIDLTNKFHSENVYHQDLHLGNILVKDEDEISIIDWEQAVFSNDEKVVHKVAAPGFRAWRETLPSE
IDWYGIRQIAHYLYMPLVTTSDLTYNYVSQTRIEGKKLFESLGYTREHIDYVESLLSYLDSKCPQIENISRKKVLKPMHE
IRTIESEQDIQDFIIKLLRGFTLTYGQWRKEFQSRFFPVHYYGLNFNQGIAFSDLAILWSYQQLAKKVKNFKFDDYYEIR
TQVINEAVNNFKKSSLSGLFDGKIGTIWLIYEFGEIDRAVELFTTHFIEIFENSQNKNLYSGQAGILLVGLYFLSKGEID
NKLGEEILIRLREYTLNYIENPETFCKVGASDVQSNDPYENFGGLLYGHAGVAWLFGEAYKLTGESIYKNGLELAVDKEL
VAYKVDSNNSLQYSQGHRLLPYLATGSAGLLLLINRNKEILSSKYLKYLTSLERATDVVFCVLPGLFNGFCGLEVANNIY
SDIDDNFSGQKKLIEQLYRYLCVIEEGFVIAGDNGLKITTDIASGFAGVAIGLVSIMDNKLTILPQI
;
A,B
2 'polypeptide(L)' (UNK)(UNK)(UNK)(UNK)(UNK)(UNK)(UNK)(UNK)(UNK)(UNK)(UNK)(UNK)(UNK)(UNK) C
#
loop_
_chem_comp.id
_chem_comp.type
_chem_comp.name
_chem_comp.formula
GTP non-polymer GUANOSINE-5'-TRIPHOSPHATE 'C10 H16 N5 O14 P3'
PO4 non-polymer 'PHOSPHATE ION' 'O4 P -3'
#
# COMPACT_ATOMS: atom_id res chain seq x y z
N TYR A 1 -10.83 -16.91 4.29
CA TYR A 1 -11.93 -17.01 3.33
C TYR A 1 -12.89 -15.84 3.48
N ASN A 2 -12.81 -15.15 4.62
CA ASN A 2 -13.66 -14.00 4.89
C ASN A 2 -12.96 -12.67 4.60
N PHE A 3 -11.78 -12.46 5.18
CA PHE A 3 -10.88 -11.32 4.91
C PHE A 3 -11.56 -9.98 5.17
N ASN A 4 -11.97 -9.80 6.43
CA ASN A 4 -12.60 -8.56 6.86
C ASN A 4 -11.53 -7.58 7.30
N LEU A 5 -11.69 -6.32 6.89
CA LEU A 5 -10.75 -5.27 7.27
C LEU A 5 -11.47 -3.94 7.30
N GLU A 6 -11.26 -3.19 8.38
CA GLU A 6 -11.89 -1.88 8.55
C GLU A 6 -11.35 -0.86 7.56
N HIS A 7 -12.26 -0.03 7.05
CA HIS A 7 -11.97 1.09 6.16
C HIS A 7 -13.19 2.00 6.12
N PRO A 8 -13.03 3.31 6.30
CA PRO A 8 -14.16 4.22 6.11
C PRO A 8 -14.58 4.25 4.65
N PHE A 9 -15.88 4.33 4.42
CA PHE A 9 -16.62 3.90 3.20
C PHE A 9 -16.45 2.38 3.09
N PHE A 10 -15.77 1.90 2.07
CA PHE A 10 -15.99 0.56 1.54
C PHE A 10 -15.06 -0.44 2.22
N PHE A 11 -15.64 -1.54 2.71
CA PHE A 11 -14.86 -2.54 3.42
C PHE A 11 -14.14 -3.45 2.42
N THR A 12 -12.83 -3.58 2.60
CA THR A 12 -11.96 -4.14 1.58
C THR A 12 -11.04 -5.25 2.09
N ASN A 13 -10.12 -5.69 1.24
CA ASN A 13 -9.20 -6.78 1.53
C ASN A 13 -8.00 -6.26 2.32
N ASN A 14 -7.16 -7.19 2.79
CA ASN A 14 -5.99 -6.87 3.61
C ASN A 14 -4.87 -6.24 2.78
N ASP A 15 -5.11 -5.06 2.24
CA ASP A 15 -4.14 -4.29 1.48
C ASP A 15 -4.00 -2.86 1.99
N TYR A 16 -5.11 -2.25 2.42
CA TYR A 16 -5.07 -0.93 3.03
C TYR A 16 -4.78 -1.13 4.51
N SER A 17 -3.51 -1.24 4.85
CA SER A 17 -3.11 -1.46 6.24
C SER A 17 -1.70 -0.93 6.42
N THR A 18 -1.53 0.06 7.29
CA THR A 18 -0.22 0.63 7.60
C THR A 18 -0.06 0.69 9.11
N ASP A 19 1.03 0.09 9.60
CA ASP A 19 1.30 0.07 11.03
C ASP A 19 1.83 1.43 11.47
N THR A 20 1.13 2.06 12.40
CA THR A 20 1.44 3.41 12.85
C THR A 20 1.75 3.45 14.35
N SER A 21 2.48 2.44 14.82
CA SER A 21 2.90 2.38 16.22
C SER A 21 4.42 2.50 16.29
N ILE A 22 4.93 2.55 17.51
CA ILE A 22 6.36 2.70 17.74
C ILE A 22 7.04 1.36 17.44
N LYS A 23 7.84 1.34 16.39
CA LYS A 23 8.47 0.11 15.93
C LYS A 23 9.62 -0.29 16.86
N TYR A 24 9.97 -1.58 16.81
CA TYR A 24 11.09 -2.12 17.56
C TYR A 24 12.27 -2.35 16.64
N GLN A 25 13.41 -1.74 16.99
CA GLN A 25 14.61 -1.78 16.18
C GLN A 25 15.79 -2.22 17.05
N ALA A 26 16.59 -3.15 16.54
CA ALA A 26 17.78 -3.61 17.22
C ALA A 26 19.03 -3.20 16.45
N SER A 27 20.17 -3.34 17.10
CA SER A 27 21.46 -2.97 16.52
C SER A 27 22.22 -4.22 16.10
N LEU A 28 23.03 -4.08 15.04
CA LEU A 28 23.78 -5.21 14.54
C LEU A 28 25.25 -4.83 14.36
N PRO A 29 26.17 -5.74 14.65
CA PRO A 29 27.57 -5.51 14.31
C PRO A 29 27.86 -5.93 12.88
N PHE A 30 29.14 -5.93 12.51
CA PHE A 30 29.53 -6.45 11.21
C PHE A 30 29.31 -7.96 11.15
N ASN A 31 29.22 -8.47 9.92
CA ASN A 31 28.92 -9.86 9.58
C ASN A 31 27.56 -10.31 10.13
N TRP A 32 26.62 -9.37 10.27
CA TRP A 32 25.24 -9.67 10.64
C TRP A 32 24.32 -9.05 9.59
N HIS A 33 23.05 -9.49 9.58
CA HIS A 33 22.12 -9.03 8.56
C HIS A 33 20.72 -8.92 9.14
N GLU A 34 19.84 -8.24 8.39
CA GLU A 34 18.48 -7.90 8.83
C GLU A 34 17.45 -8.19 7.73
N VAL A 35 17.43 -9.43 7.22
CA VAL A 35 16.41 -9.85 6.26
C VAL A 35 15.02 -9.70 6.86
N MET A 36 14.13 -9.03 6.12
CA MET A 36 12.72 -8.91 6.50
C MET A 36 11.98 -9.88 5.58
N ASN A 37 11.65 -11.06 6.11
CA ASN A 37 11.18 -12.14 5.26
C ASN A 37 9.69 -12.05 4.95
N ASN A 38 8.84 -12.15 5.98
CA ASN A 38 7.41 -12.37 5.73
C ASN A 38 6.55 -11.51 6.64
N ASP A 39 6.95 -10.25 6.84
CA ASP A 39 6.15 -9.12 7.33
C ASP A 39 5.80 -9.21 8.82
N GLU A 40 6.12 -10.32 9.50
CA GLU A 40 5.86 -10.44 10.93
C GLU A 40 7.14 -10.35 11.74
N TRP A 41 8.10 -11.22 11.48
CA TRP A 41 9.41 -11.16 12.12
C TRP A 41 10.39 -10.38 11.25
N VAL A 42 11.54 -10.06 11.83
CA VAL A 42 12.72 -9.62 11.09
C VAL A 42 13.84 -10.61 11.38
N TYR A 43 14.37 -11.22 10.32
CA TYR A 43 15.37 -12.27 10.47
C TYR A 43 16.73 -11.64 10.74
N GLN A 44 17.45 -12.21 11.69
CA GLN A 44 18.82 -11.81 11.97
C GLN A 44 19.66 -13.05 12.20
N TYR A 45 20.79 -13.14 11.51
CA TYR A 45 21.68 -14.28 11.68
C TYR A 45 23.09 -13.84 11.29
N PRO A 46 24.13 -14.36 11.95
CA PRO A 46 25.50 -14.06 11.53
C PRO A 46 25.78 -14.57 10.13
N ILE A 47 26.51 -13.74 9.36
CA ILE A 47 26.76 -14.02 7.96
C ILE A 47 27.89 -15.04 7.83
N GLY A 48 27.64 -16.11 7.09
CA GLY A 48 28.62 -17.15 6.88
C GLY A 48 28.56 -18.28 7.89
N LYS A 49 27.72 -18.18 8.91
CA LYS A 49 27.56 -19.24 9.90
C LYS A 49 26.39 -20.12 9.48
N PHE A 50 26.66 -21.40 9.27
CA PHE A 50 25.64 -22.37 8.87
C PHE A 50 24.77 -22.69 10.07
N VAL A 51 23.52 -22.27 10.04
CA VAL A 51 22.58 -22.54 11.13
C VAL A 51 22.07 -23.97 10.99
N GLU A 52 22.22 -24.75 12.05
CA GLU A 52 21.79 -26.14 12.05
C GLU A 52 20.31 -26.22 12.36
N ARG A 53 19.52 -26.70 11.40
CA ARG A 53 18.09 -26.91 11.55
C ARG A 53 17.84 -28.11 12.47
N GLN A 54 16.57 -28.24 12.90
CA GLN A 54 16.02 -29.43 13.56
C GLN A 54 16.67 -29.66 14.93
N GLY A 55 16.47 -28.69 15.82
CA GLY A 55 16.91 -28.78 17.20
C GLY A 55 15.85 -28.32 18.18
N TRP A 56 16.24 -27.49 19.14
CA TRP A 56 15.32 -26.97 20.14
C TRP A 56 15.33 -25.45 20.12
N LYS A 57 14.15 -24.86 20.31
CA LYS A 57 13.98 -23.41 20.23
C LYS A 57 13.35 -22.91 21.52
N ILE A 58 13.45 -21.60 21.73
CA ILE A 58 13.01 -20.96 22.96
C ILE A 58 12.04 -19.83 22.62
N HIS A 59 10.86 -19.86 23.24
CA HIS A 59 9.86 -18.81 23.09
C HIS A 59 9.91 -17.91 24.32
N ILE A 60 10.00 -16.59 24.08
CA ILE A 60 10.16 -15.60 25.14
C ILE A 60 9.04 -14.59 25.02
N SER A 61 8.37 -14.29 26.14
CA SER A 61 7.29 -13.31 26.18
C SER A 61 7.66 -12.13 27.06
N SER A 62 6.84 -11.09 26.99
CA SER A 62 7.06 -9.87 27.75
C SER A 62 5.74 -9.14 27.92
N GLU A 63 5.72 -8.20 28.85
CA GLU A 63 4.57 -7.35 29.10
C GLU A 63 4.75 -6.02 28.38
N TYR A 64 3.64 -5.28 28.25
CA TYR A 64 3.68 -4.01 27.56
C TYR A 64 4.33 -2.91 28.38
N ASN A 65 4.25 -3.01 29.72
CA ASN A 65 4.78 -1.95 30.56
C ASN A 65 6.31 -1.91 30.54
N SER A 66 6.95 -3.04 30.27
CA SER A 66 8.41 -3.07 30.13
C SER A 66 8.74 -4.14 29.09
N SER A 67 8.90 -3.71 27.84
CA SER A 67 9.32 -4.58 26.76
C SER A 67 10.57 -4.07 26.04
N HIS A 68 10.80 -2.76 26.01
CA HIS A 68 12.01 -2.21 25.41
C HIS A 68 13.23 -2.61 26.21
N GLU A 69 13.10 -2.69 27.53
CA GLU A 69 14.20 -3.09 28.39
C GLU A 69 14.58 -4.55 28.17
N LEU A 70 13.63 -5.38 27.72
CA LEU A 70 13.99 -6.74 27.32
C LEU A 70 14.84 -6.73 26.06
N LEU A 71 14.53 -5.83 25.12
CA LEU A 71 15.28 -5.73 23.88
C LEU A 71 16.70 -5.23 24.13
N GLN A 72 16.84 -4.14 24.88
CA GLN A 72 18.15 -3.56 25.13
C GLN A 72 18.86 -4.21 26.31
N ASP A 73 18.21 -5.16 27.00
CA ASP A 73 18.86 -5.96 28.02
C ASP A 73 19.25 -7.34 27.52
N VAL A 74 18.47 -7.91 26.59
CA VAL A 74 18.99 -9.03 25.81
C VAL A 74 19.20 -8.52 24.39
N ALA A 75 20.34 -7.89 24.17
CA ALA A 75 20.93 -7.71 22.85
C ALA A 75 22.41 -8.05 22.81
N LYS A 76 23.14 -7.84 23.91
CA LYS A 76 24.54 -8.22 23.97
C LYS A 76 24.72 -9.72 24.18
N ILE A 77 23.70 -10.40 24.70
CA ILE A 77 23.76 -11.86 24.83
C ILE A 77 23.75 -12.52 23.46
N CYS A 78 22.88 -12.04 22.57
CA CYS A 78 22.90 -12.52 21.19
C CYS A 78 24.09 -11.97 20.42
N HIS A 79 24.57 -10.77 20.78
CA HIS A 79 25.79 -10.25 20.16
C HIS A 79 27.01 -11.07 20.57
N GLU A 80 27.04 -11.57 21.80
CA GLU A 80 28.08 -12.50 22.21
C GLU A 80 27.86 -13.85 21.53
N MET A 81 28.98 -14.45 21.09
CA MET A 81 29.11 -15.72 20.34
C MET A 81 28.08 -15.77 19.20
N ARG A 82 27.39 -16.87 18.97
CA ARG A 82 26.66 -17.10 17.72
C ARG A 82 25.25 -17.59 18.02
N ILE A 83 24.30 -16.65 18.06
CA ILE A 83 22.87 -16.91 18.26
C ILE A 83 22.06 -16.09 17.27
N PRO A 84 21.38 -16.71 16.30
CA PRO A 84 20.41 -15.97 15.50
C PRO A 84 19.15 -15.70 16.31
N PHE A 85 18.43 -14.65 15.92
CA PHE A 85 17.16 -14.34 16.56
C PHE A 85 16.26 -13.64 15.57
N LYS A 86 14.96 -13.69 15.85
CA LYS A 86 13.97 -12.96 15.09
C LYS A 86 12.91 -12.44 16.03
N HIS A 87 12.55 -11.17 15.88
CA HIS A 87 11.63 -10.52 16.80
C HIS A 87 10.54 -9.80 16.03
N LEU A 88 9.47 -9.46 16.75
CA LEU A 88 8.31 -8.82 16.16
C LEU A 88 8.60 -7.36 15.85
N SER A 89 7.92 -6.84 14.83
CA SER A 89 8.29 -5.56 14.26
C SER A 89 7.77 -4.40 15.09
N THR A 90 6.46 -4.25 15.19
CA THR A 90 5.84 -3.07 15.79
C THR A 90 5.03 -3.47 17.01
N GLU A 91 4.56 -2.45 17.73
CA GLU A 91 3.76 -2.69 18.92
C GLU A 91 2.35 -3.11 18.60
N ASP A 92 1.88 -2.83 17.37
CA ASP A 92 0.51 -3.18 17.01
C ASP A 92 0.32 -4.68 16.88
N LYS A 93 1.29 -5.37 16.29
CA LYS A 93 1.20 -6.83 16.23
C LYS A 93 1.41 -7.46 17.61
N PHE A 94 2.18 -6.81 18.48
CA PHE A 94 2.32 -7.29 19.86
C PHE A 94 1.00 -7.16 20.61
N ILE A 95 0.27 -6.06 20.38
CA ILE A 95 -1.06 -5.92 20.97
C ILE A 95 -2.00 -6.97 20.39
N MET A 96 -1.94 -7.18 19.07
CA MET A 96 -2.85 -8.12 18.42
C MET A 96 -2.55 -9.58 18.76
N ARG A 97 -1.33 -9.90 19.19
CA ARG A 97 -1.01 -11.28 19.50
C ARG A 97 -0.93 -11.58 20.99
N ASN A 98 -0.63 -10.59 21.81
CA ASN A 98 -0.72 -10.75 23.26
C ASN A 98 -1.99 -10.06 23.78
N GLY A 99 -3.13 -10.56 23.32
CA GLY A 99 -4.39 -9.90 23.63
C GLY A 99 -5.58 -10.82 23.77
N LYS A 100 -6.72 -10.38 23.26
CA LYS A 100 -8.00 -11.05 23.47
C LYS A 100 -8.65 -11.59 22.20
N LEU A 101 -8.30 -11.07 21.03
CA LEU A 101 -8.93 -11.49 19.79
C LEU A 101 -8.13 -12.53 19.02
N VAL A 102 -7.01 -12.98 19.57
CA VAL A 102 -6.13 -13.93 18.88
C VAL A 102 -6.39 -15.32 19.46
N SER A 103 -6.14 -16.34 18.66
CA SER A 103 -6.34 -17.72 19.09
C SER A 103 -5.31 -18.12 20.15
N ARG A 104 -5.66 -19.13 20.94
CA ARG A 104 -4.80 -19.59 22.01
C ARG A 104 -3.66 -20.47 21.52
N GLY A 105 -3.73 -20.95 20.29
CA GLY A 105 -2.61 -21.68 19.71
C GLY A 105 -1.45 -20.79 19.29
N PHE A 106 -1.65 -19.48 19.23
CA PHE A 106 -0.59 -18.53 18.87
C PHE A 106 -0.78 -17.29 19.75
N SER A 107 -0.10 -17.27 20.89
CA SER A 107 -0.13 -16.13 21.79
C SER A 107 1.14 -16.13 22.63
N GLY A 108 1.64 -14.94 22.92
CA GLY A 108 2.90 -14.82 23.65
C GLY A 108 4.08 -15.24 22.81
N LYS A 109 4.38 -14.49 21.76
CA LYS A 109 5.52 -14.77 20.89
C LYS A 109 6.20 -13.44 20.57
N PHE A 110 7.22 -13.10 21.34
CA PHE A 110 7.93 -11.84 21.17
C PHE A 110 9.36 -12.03 20.70
N ILE A 111 10.17 -12.79 21.43
CA ILE A 111 11.55 -13.06 21.08
C ILE A 111 11.70 -14.55 20.85
N THR A 112 12.24 -14.93 19.70
CA THR A 112 12.60 -16.31 19.42
C THR A 112 14.09 -16.34 19.10
N CYS A 113 14.85 -17.14 19.85
CA CYS A 113 16.27 -17.32 19.61
C CYS A 113 16.52 -18.70 19.03
N TYR A 114 17.69 -18.88 18.41
CA TYR A 114 18.03 -20.14 17.76
C TYR A 114 19.39 -20.66 18.24
N PRO A 115 19.45 -21.30 19.42
CA PRO A 115 20.73 -21.92 19.81
C PRO A 115 21.02 -23.20 19.04
N ASN A 116 22.24 -23.68 19.14
CA ASN A 116 22.56 -25.01 18.66
C ASN A 116 22.28 -26.03 19.76
N GLN A 117 22.24 -27.31 19.38
CA GLN A 117 21.90 -28.36 20.33
C GLN A 117 23.00 -28.62 21.34
N ASN A 118 24.23 -28.23 21.04
CA ASN A 118 25.38 -28.50 21.91
C ASN A 118 25.72 -27.35 22.84
N GLU A 119 24.92 -26.28 22.85
CA GLU A 119 25.25 -25.08 23.60
C GLU A 119 24.09 -24.59 24.47
N LEU A 120 23.08 -25.43 24.68
CA LEU A 120 21.82 -24.99 25.27
C LEU A 120 21.96 -24.60 26.73
N GLU A 121 22.69 -25.40 27.51
CA GLU A 121 22.93 -25.05 28.91
C GLU A 121 23.78 -23.79 29.03
N SER A 122 24.78 -23.65 28.16
CA SER A 122 25.68 -22.51 28.22
C SER A 122 24.98 -21.21 27.85
N VAL A 123 23.99 -21.26 26.95
CA VAL A 123 23.26 -20.03 26.65
C VAL A 123 22.17 -19.79 27.69
N LEU A 124 21.53 -20.85 28.19
CA LEU A 124 20.41 -20.70 29.11
C LEU A 124 20.84 -20.24 30.50
N GLN A 125 22.01 -20.68 30.98
CA GLN A 125 22.50 -20.20 32.27
C GLN A 125 22.88 -18.73 32.21
N ARG A 126 23.40 -18.27 31.07
CA ARG A 126 23.78 -16.87 30.93
C ARG A 126 22.55 -15.98 30.80
N LEU A 127 21.57 -16.41 29.99
CA LEU A 127 20.40 -15.55 29.80
C LEU A 127 19.42 -15.64 30.96
N GLU A 128 19.43 -16.73 31.73
CA GLU A 128 18.52 -16.86 32.86
C GLU A 128 18.92 -15.96 34.02
N SER A 129 20.22 -15.87 34.30
CA SER A 129 20.70 -15.18 35.50
C SER A 129 20.60 -13.66 35.41
N ALA A 130 20.32 -13.10 34.24
CA ALA A 130 20.23 -11.66 34.07
C ALA A 130 18.81 -11.15 33.90
N LEU A 131 17.81 -12.04 33.93
CA LEU A 131 16.43 -11.62 33.72
C LEU A 131 15.54 -11.96 34.91
N LYS A 132 16.02 -11.66 36.12
CA LYS A 132 15.26 -11.98 37.33
C LYS A 132 14.02 -11.11 37.44
N GLN A 133 14.14 -9.82 37.16
CA GLN A 133 13.06 -8.86 37.39
C GLN A 133 12.20 -8.62 36.14
N TYR A 134 12.15 -9.61 35.24
CA TYR A 134 11.20 -9.60 34.13
C TYR A 134 10.15 -10.68 34.33
N ASN A 135 8.94 -10.39 33.87
CA ASN A 135 7.82 -11.32 34.00
C ASN A 135 6.81 -11.05 32.89
N GLY A 136 5.96 -12.05 32.63
CA GLY A 136 4.98 -11.97 31.58
C GLY A 136 4.00 -13.13 31.58
N PRO A 137 3.35 -13.36 30.43
CA PRO A 137 2.35 -14.44 30.35
C PRO A 137 2.95 -15.84 30.32
N TYR A 138 2.10 -16.85 30.14
CA TYR A 138 2.52 -18.23 30.31
C TYR A 138 3.05 -18.82 29.02
N ILE A 139 2.45 -18.46 27.87
CA ILE A 139 2.59 -19.07 26.54
C ILE A 139 2.18 -20.53 26.57
N LEU A 140 1.12 -20.87 25.82
CA LEU A 140 0.60 -22.23 25.82
C LEU A 140 1.51 -23.16 25.02
N SER A 141 1.31 -24.46 25.24
CA SER A 141 2.07 -25.56 24.62
C SER A 141 3.57 -25.50 24.91
N ASP A 142 3.94 -24.98 26.07
CA ASP A 142 5.32 -25.08 26.55
C ASP A 142 5.36 -25.51 28.00
N LYS A 143 6.53 -25.38 28.62
CA LYS A 143 6.74 -25.80 30.01
C LYS A 143 7.57 -24.76 30.74
N ARG A 144 7.37 -24.70 32.05
CA ARG A 144 8.03 -23.72 32.91
C ARG A 144 9.51 -24.04 33.06
N TRP A 145 10.36 -23.06 32.76
CA TRP A 145 11.80 -23.13 33.02
C TRP A 145 12.13 -22.07 34.04
N ASP A 146 12.46 -22.51 35.27
CA ASP A 146 12.97 -21.69 36.39
C ASP A 146 11.95 -20.61 36.73
N GLU A 147 12.36 -19.36 36.91
CA GLU A 147 11.45 -18.27 37.25
C GLU A 147 11.45 -17.13 36.25
N ALA A 148 12.56 -16.92 35.54
CA ALA A 148 12.59 -15.96 34.44
C ALA A 148 11.73 -16.48 33.29
N PRO A 149 11.13 -15.58 32.48
CA PRO A 149 10.29 -16.06 31.37
C PRO A 149 11.10 -16.71 30.27
N ILE A 150 11.10 -18.04 30.25
CA ILE A 150 11.86 -18.85 29.32
C ILE A 150 11.01 -20.09 29.04
N TYR A 151 10.66 -20.33 27.78
CA TYR A 151 9.78 -21.44 27.44
C TYR A 151 10.29 -22.12 26.18
N LEU A 152 10.53 -23.42 26.26
CA LEU A 152 11.10 -24.21 25.17
C LEU A 152 10.00 -24.97 24.43
N ARG A 153 10.30 -25.30 23.17
CA ARG A 153 9.40 -26.07 22.34
C ARG A 153 10.20 -26.70 21.20
N TYR A 154 9.59 -27.68 20.54
CA TYR A 154 10.13 -28.26 19.33
C TYR A 154 9.49 -27.56 18.14
N GLY A 155 10.31 -27.01 17.25
CA GLY A 155 9.79 -26.21 16.15
C GLY A 155 10.69 -26.24 14.93
N VAL A 156 10.25 -25.53 13.90
CA VAL A 156 10.93 -25.46 12.61
C VAL A 156 11.85 -24.26 12.62
N PHE A 157 13.16 -24.50 12.41
CA PHE A 157 14.11 -23.40 12.42
C PHE A 157 14.11 -22.64 11.10
N ARG A 158 14.45 -23.34 10.02
CA ARG A 158 14.66 -22.74 8.69
C ARG A 158 13.78 -23.45 7.67
N PRO A 159 13.68 -22.92 6.42
CA PRO A 159 13.10 -23.73 5.34
C PRO A 159 14.01 -24.84 4.86
N SER A 160 13.63 -25.49 3.75
CA SER A 160 14.34 -26.66 3.24
C SER A 160 15.76 -26.32 2.83
N ARG A 161 16.64 -27.32 2.94
CA ARG A 161 18.07 -27.13 2.79
C ARG A 161 18.46 -27.03 1.31
N ASP A 162 19.77 -27.09 1.04
CA ASP A 162 20.27 -26.72 -0.27
C ASP A 162 20.16 -27.86 -1.29
N ASP A 163 20.90 -28.95 -1.09
CA ASP A 163 21.09 -29.94 -2.15
C ASP A 163 20.98 -31.36 -1.61
N GLU A 164 19.95 -31.62 -0.81
CA GLU A 164 19.62 -32.98 -0.40
C GLU A 164 18.11 -33.15 -0.39
N LYS A 165 17.65 -34.30 0.10
CA LYS A 165 16.26 -34.70 -0.06
C LYS A 165 15.40 -34.16 1.07
N LYS A 166 14.30 -33.49 0.71
CA LYS A 166 13.31 -33.00 1.65
C LYS A 166 11.93 -33.43 1.16
N VAL A 167 11.01 -33.59 2.12
CA VAL A 167 9.65 -33.99 1.81
C VAL A 167 8.63 -32.93 2.20
N ALA A 168 8.94 -32.12 3.21
CA ALA A 168 8.02 -31.09 3.69
C ALA A 168 8.83 -30.01 4.39
N ILE A 169 8.13 -29.07 5.03
CA ILE A 169 8.75 -28.00 5.81
C ILE A 169 8.29 -28.01 7.26
N ASP A 170 7.61 -29.08 7.69
CA ASP A 170 7.05 -29.15 9.04
C ASP A 170 7.31 -30.46 9.76
N GLU A 171 7.61 -31.55 9.06
CA GLU A 171 7.65 -32.87 9.67
C GLU A 171 9.09 -33.30 9.98
N LEU A 172 9.20 -34.46 10.63
CA LEU A 172 10.49 -35.05 10.96
C LEU A 172 11.20 -35.53 9.70
N ILE A 173 12.53 -35.51 9.74
CA ILE A 173 13.34 -35.79 8.56
C ILE A 173 13.99 -37.14 8.88
N VAL A 174 13.24 -38.03 9.51
CA VAL A 174 13.74 -39.37 9.80
C VAL A 174 13.78 -40.22 8.53
N GLU A 177 8.28 -41.94 7.95
CA GLU A 177 7.04 -41.65 8.66
C GLU A 177 6.73 -40.16 8.61
N VAL A 178 5.45 -39.84 8.42
CA VAL A 178 4.98 -38.45 8.35
C VAL A 178 4.61 -38.00 9.76
N VAL A 179 4.90 -36.73 10.05
CA VAL A 179 4.56 -36.12 11.33
C VAL A 179 3.68 -34.92 11.03
N LYS A 180 2.38 -35.06 11.31
CA LYS A 180 1.44 -33.97 11.12
C LYS A 180 1.66 -32.90 12.20
N ASP A 181 1.42 -31.65 11.83
CA ASP A 181 1.46 -30.55 12.79
C ASP A 181 0.29 -30.69 13.76
N GLU A 182 0.58 -30.58 15.05
CA GLU A 182 -0.39 -30.76 16.12
C GLU A 182 -0.34 -29.54 17.03
N ARG A 183 -0.46 -28.37 16.41
CA ARG A 183 -0.34 -27.09 17.11
C ARG A 183 -1.57 -26.88 17.98
N LEU A 184 -1.56 -27.50 19.14
CA LEU A 184 -2.59 -27.47 20.17
C LEU A 184 -1.90 -27.06 21.46
N PRO A 185 -2.65 -26.51 22.45
CA PRO A 185 -1.99 -26.09 23.69
C PRO A 185 -1.56 -27.22 24.63
N VAL A 186 -0.83 -28.20 24.09
CA VAL A 186 -0.16 -29.26 24.82
C VAL A 186 1.20 -29.45 24.18
N PHE A 187 2.11 -30.16 24.83
CA PHE A 187 3.40 -30.41 24.24
C PHE A 187 3.51 -31.87 23.79
N LYS A 188 4.16 -32.08 22.66
CA LYS A 188 4.22 -33.40 22.05
C LYS A 188 5.67 -33.80 21.82
N ILE A 189 6.00 -35.04 22.17
CA ILE A 189 7.34 -35.59 21.96
C ILE A 189 7.21 -36.67 20.89
N PRO A 190 7.65 -36.42 19.66
CA PRO A 190 7.29 -37.32 18.54
C PRO A 190 8.27 -38.48 18.39
N LYS A 191 7.71 -39.70 18.38
CA LYS A 191 8.39 -40.96 18.06
C LYS A 191 9.57 -41.19 19.01
N GLY A 192 9.22 -41.43 20.27
CA GLY A 192 10.23 -41.55 21.30
C GLY A 192 10.89 -40.20 21.56
N ILE A 193 12.12 -40.25 22.06
CA ILE A 193 12.90 -39.04 22.29
C ILE A 193 14.38 -39.37 22.15
N VAL A 194 15.11 -38.53 21.43
CA VAL A 194 16.56 -38.51 21.55
C VAL A 194 16.84 -37.70 22.80
N PRO A 195 17.41 -38.30 23.85
CA PRO A 195 17.35 -37.70 25.19
C PRO A 195 18.30 -36.53 25.32
N PRO A 196 17.77 -35.32 25.59
CA PRO A 196 18.65 -34.16 25.81
C PRO A 196 19.24 -34.21 27.21
N ASP A 197 20.53 -34.53 27.30
CA ASP A 197 21.22 -34.63 28.58
C ASP A 197 21.34 -33.29 29.29
N PHE A 198 21.21 -32.18 28.54
CA PHE A 198 21.12 -30.85 29.14
C PHE A 198 19.79 -30.65 29.86
N LEU A 199 18.77 -31.45 29.56
CA LEU A 199 17.42 -31.16 30.01
C LEU A 199 16.72 -32.33 30.72
N ASN A 200 17.36 -33.49 30.88
CA ASN A 200 16.66 -34.64 31.42
C ASN A 200 16.34 -34.51 32.91
N LYS A 201 17.19 -33.80 33.66
CA LYS A 201 16.94 -33.63 35.10
C LYS A 201 15.82 -32.64 35.35
N TRP A 202 15.76 -31.57 34.55
CA TRP A 202 14.75 -30.53 34.72
C TRP A 202 13.38 -30.98 34.22
N LEU A 203 13.36 -31.85 33.20
CA LEU A 203 12.10 -32.29 32.61
C LEU A 203 11.27 -33.14 33.56
N ASP A 204 11.92 -33.92 34.41
CA ASP A 204 11.20 -34.74 35.39
C ASP A 204 11.63 -34.41 36.80
N PHE A 213 -9.60 -25.79 46.14
CA PHE A 213 -10.40 -25.70 44.93
C PHE A 213 -11.87 -26.06 45.19
N PRO A 214 -12.66 -25.09 45.69
CA PRO A 214 -14.06 -25.34 46.03
C PRO A 214 -15.03 -25.08 44.87
N PHE A 215 -14.78 -25.70 43.72
CA PHE A 215 -15.66 -25.57 42.56
C PHE A 215 -15.80 -26.91 41.85
N ILE A 216 -16.99 -27.13 41.31
CA ILE A 216 -17.30 -28.29 40.48
C ILE A 216 -17.70 -27.79 39.09
N ILE A 217 -17.11 -28.39 38.06
CA ILE A 217 -17.34 -27.91 36.69
C ILE A 217 -18.73 -28.28 36.23
N ASP A 218 -19.45 -27.30 35.67
CA ASP A 218 -20.81 -27.50 35.20
C ASP A 218 -20.93 -27.29 33.69
N ASN A 219 -20.54 -26.14 33.18
CA ASN A 219 -20.75 -25.82 31.76
C ASN A 219 -19.74 -24.77 31.34
N ALA A 220 -19.36 -24.82 30.08
CA ALA A 220 -18.47 -23.83 29.47
C ALA A 220 -19.21 -23.16 28.32
N ILE A 221 -19.76 -21.98 28.57
CA ILE A 221 -20.45 -21.25 27.52
C ILE A 221 -19.47 -20.67 26.51
N ARG A 222 -18.34 -20.14 26.98
CA ARG A 222 -17.22 -19.76 26.13
C ARG A 222 -15.92 -20.14 26.83
N PHE A 223 -14.81 -19.99 26.11
CA PHE A 223 -13.50 -20.07 26.75
C PHE A 223 -12.57 -18.97 26.25
N SER A 224 -13.01 -18.18 25.25
CA SER A 224 -12.36 -17.05 24.59
C SER A 224 -10.85 -17.11 24.48
N ASN A 225 -10.16 -16.06 24.95
CA ASN A 225 -8.70 -16.02 25.03
C ASN A 225 -8.24 -15.84 26.46
N SER A 226 -8.82 -14.89 27.19
CA SER A 226 -8.53 -14.69 28.60
C SER A 226 -9.42 -15.53 29.51
N GLY A 227 -10.17 -16.47 28.95
CA GLY A 227 -11.14 -17.22 29.71
C GLY A 227 -12.54 -16.67 29.54
N GLY A 228 -13.02 -15.93 30.53
CA GLY A 228 -14.34 -15.34 30.45
C GLY A 228 -15.33 -15.95 31.41
N ILE A 229 -16.61 -15.89 31.04
CA ILE A 229 -17.66 -16.34 31.95
C ILE A 229 -17.73 -17.86 31.92
N TYR A 230 -17.75 -18.47 33.11
CA TYR A 230 -17.59 -19.91 33.25
C TYR A 230 -18.61 -20.43 34.25
N ASN A 231 -19.52 -21.29 33.80
CA ASN A 231 -20.53 -21.86 34.68
C ASN A 231 -19.94 -22.98 35.53
N ALA A 232 -20.29 -22.97 36.81
CA ALA A 232 -19.80 -23.97 37.76
C ALA A 232 -20.78 -24.05 38.92
N ARG A 233 -20.38 -24.75 39.98
CA ARG A 233 -21.21 -24.93 41.16
C ARG A 233 -20.35 -24.74 42.40
N LEU A 234 -20.88 -24.02 43.38
CA LEU A 234 -20.19 -23.81 44.65
C LEU A 234 -20.48 -24.96 45.60
N LYS A 235 -19.54 -25.20 46.53
CA LYS A 235 -19.62 -26.33 47.43
C LYS A 235 -20.13 -25.95 48.83
N GLU A 236 -19.53 -24.95 49.45
CA GLU A 236 -19.91 -24.59 50.82
C GLU A 236 -21.25 -23.87 50.89
N ASP A 237 -21.72 -23.31 49.77
CA ASP A 237 -23.01 -22.64 49.73
C ASP A 237 -24.01 -23.32 48.80
N GLY A 238 -23.58 -24.31 48.04
CA GLY A 238 -24.45 -24.96 47.07
C GLY A 238 -24.76 -24.05 45.90
N LYS A 239 -26.03 -24.07 45.47
CA LYS A 239 -26.68 -23.16 44.51
C LYS A 239 -26.00 -23.07 43.14
N LYS A 240 -26.49 -22.18 42.29
CA LYS A 240 -25.90 -21.94 40.99
C LYS A 240 -24.96 -20.74 41.05
N ILE A 241 -23.91 -20.79 40.24
CA ILE A 241 -22.86 -19.77 40.29
C ILE A 241 -22.19 -19.71 38.93
N ILE A 242 -21.59 -18.57 38.61
CA ILE A 242 -20.76 -18.42 37.42
C ILE A 242 -19.40 -17.89 37.85
N LEU A 243 -18.39 -18.17 37.04
CA LEU A 243 -17.02 -17.79 37.31
C LEU A 243 -16.46 -16.95 36.17
N LYS A 244 -15.75 -15.89 36.52
CA LYS A 244 -14.95 -15.14 35.56
C LYS A 244 -13.48 -15.32 35.90
N GLU A 245 -12.69 -15.78 34.92
CA GLU A 245 -11.28 -16.04 35.12
C GLU A 245 -10.46 -15.11 34.24
N ALA A 246 -9.25 -14.80 34.71
CA ALA A 246 -8.37 -13.87 33.99
C ALA A 246 -6.93 -14.15 34.40
N ARG A 247 -6.14 -14.68 33.46
CA ARG A 247 -4.72 -14.80 33.69
C ARG A 247 -4.05 -13.43 33.76
N PRO A 248 -3.05 -13.28 34.62
CA PRO A 248 -2.32 -12.00 34.68
C PRO A 248 -1.56 -11.74 33.40
N TYR A 249 -1.40 -10.43 33.09
CA TYR A 249 -0.62 -9.92 31.97
C TYR A 249 -1.13 -10.39 30.60
N THR A 250 -2.43 -10.69 30.52
CA THR A 250 -3.09 -10.98 29.25
C THR A 250 -4.40 -10.21 29.19
N GLY A 251 -4.88 -10.00 27.97
CA GLY A 251 -6.04 -9.16 27.77
C GLY A 251 -5.59 -7.72 27.65
N LEU A 252 -5.74 -7.13 26.47
CA LEU A 252 -5.13 -5.83 26.20
C LEU A 252 -5.89 -5.12 25.10
N GLY A 253 -6.47 -3.97 25.43
CA GLY A 253 -7.04 -3.08 24.44
C GLY A 253 -6.00 -2.14 23.89
N PHE A 254 -6.47 -1.10 23.22
CA PHE A 254 -5.57 -0.09 22.65
C PHE A 254 -5.32 1.05 23.62
N ASP A 255 -4.93 0.67 24.84
CA ASP A 255 -4.63 1.54 25.96
C ASP A 255 -3.94 0.67 26.99
N GLY A 256 -3.23 1.30 27.93
CA GLY A 256 -2.72 0.52 29.05
C GLY A 256 -3.87 0.09 29.94
N THR A 257 -4.26 -1.17 29.81
CA THR A 257 -5.42 -1.73 30.51
C THR A 257 -5.34 -3.24 30.39
N TYR A 258 -5.30 -3.94 31.50
CA TYR A 258 -5.20 -5.39 31.52
C TYR A 258 -6.50 -6.00 32.02
N SER A 259 -6.51 -7.33 32.11
CA SER A 259 -7.70 -8.03 32.57
C SER A 259 -7.96 -7.79 34.05
N SER A 260 -6.91 -7.85 34.87
CA SER A 260 -7.08 -7.70 36.31
C SER A 260 -7.36 -6.27 36.72
N GLU A 261 -7.20 -5.30 35.83
CA GLU A 261 -7.54 -3.93 36.10
C GLU A 261 -9.01 -3.63 35.87
N LYS A 262 -9.79 -4.60 35.39
CA LYS A 262 -11.22 -4.44 35.20
C LYS A 262 -12.06 -5.29 36.13
N LEU A 263 -11.58 -6.47 36.54
CA LEU A 263 -12.30 -7.25 37.54
C LEU A 263 -12.32 -6.56 38.90
N ALA A 264 -11.24 -5.86 39.27
CA ALA A 264 -11.26 -5.07 40.49
C ALA A 264 -12.26 -3.92 40.38
N SER A 265 -12.38 -3.32 39.18
CA SER A 265 -13.31 -2.23 38.96
C SER A 265 -14.76 -2.70 39.06
N GLU A 266 -15.08 -3.85 38.46
CA GLU A 266 -16.45 -4.35 38.58
C GLU A 266 -16.73 -4.92 39.97
N CYS A 267 -15.68 -5.37 40.67
CA CYS A 267 -15.84 -5.77 42.07
C CYS A 267 -16.23 -4.57 42.92
N LYS A 268 -15.58 -3.43 42.68
CA LYS A 268 -15.98 -2.18 43.33
C LYS A 268 -17.39 -1.77 42.94
N ALA A 269 -17.74 -1.90 41.65
CA ALA A 269 -19.05 -1.46 41.17
C ALA A 269 -20.19 -2.37 41.64
N LEU A 270 -19.90 -3.63 41.94
CA LEU A 270 -20.91 -4.55 42.45
C LEU A 270 -20.89 -4.65 43.96
N LYS A 271 -19.86 -4.12 44.62
CA LYS A 271 -19.84 -4.02 46.07
C LYS A 271 -20.39 -2.69 46.57
N ILE A 272 -20.35 -1.64 45.73
CA ILE A 272 -20.86 -0.34 46.14
C ILE A 272 -22.40 -0.37 46.23
N LEU A 273 -23.04 -1.23 45.44
CA LEU A 273 -24.49 -1.38 45.48
C LEU A 273 -24.84 -2.82 45.82
N ASN A 274 -25.74 -3.00 46.78
CA ASN A 274 -26.14 -4.33 47.19
C ASN A 274 -27.64 -4.50 47.40
N GLU A 275 -28.41 -3.42 47.47
CA GLU A 275 -29.83 -3.49 47.77
C GLU A 275 -30.70 -3.68 46.54
N TRP A 276 -30.10 -3.69 45.34
CA TRP A 276 -30.84 -3.90 44.11
C TRP A 276 -30.86 -5.40 43.81
N SER A 277 -32.05 -5.99 43.79
CA SER A 277 -32.18 -7.44 43.64
C SER A 277 -31.93 -7.92 42.23
N GLU A 278 -32.01 -7.04 41.24
CA GLU A 278 -31.80 -7.43 39.84
C GLU A 278 -30.35 -7.28 39.40
N ALA A 279 -29.50 -6.73 40.24
CA ALA A 279 -28.06 -6.70 40.01
C ALA A 279 -27.39 -7.77 40.85
N PRO A 280 -26.38 -8.47 40.32
CA PRO A 280 -25.83 -9.62 41.04
C PRO A 280 -25.02 -9.23 42.26
N LYS A 281 -24.94 -10.19 43.18
CA LYS A 281 -24.21 -10.03 44.43
C LYS A 281 -22.93 -10.84 44.38
N ILE A 282 -21.83 -10.25 44.85
CA ILE A 282 -20.54 -10.90 44.84
C ILE A 282 -20.51 -11.99 45.90
N TYR A 283 -20.01 -13.16 45.56
CA TYR A 283 -19.93 -14.28 46.48
C TYR A 283 -18.50 -14.53 46.97
N TRP A 284 -17.52 -14.58 46.06
CA TRP A 284 -16.15 -14.91 46.46
C TRP A 284 -15.21 -14.31 45.41
N HIS A 285 -14.61 -13.17 45.74
CA HIS A 285 -13.67 -12.52 44.84
C HIS A 285 -12.24 -12.93 45.24
N GLY A 286 -11.99 -14.23 45.12
CA GLY A 286 -10.72 -14.78 45.56
C GLY A 286 -9.71 -14.91 44.43
N LYS A 287 -8.45 -15.08 44.81
CA LYS A 287 -7.33 -15.12 43.88
C LYS A 287 -6.61 -16.46 44.02
N ILE A 288 -7.05 -17.46 43.25
CA ILE A 288 -6.35 -18.73 43.20
C ILE A 288 -5.09 -18.56 42.36
N TRP A 289 -3.94 -18.97 42.94
CA TRP A 289 -2.60 -18.70 42.44
C TRP A 289 -2.44 -17.21 42.18
N GLU A 290 -2.19 -16.86 40.92
CA GLU A 290 -2.22 -15.49 40.44
C GLU A 290 -3.44 -15.19 39.59
N HIS A 291 -4.28 -16.19 39.32
CA HIS A 291 -5.54 -15.96 38.62
C HIS A 291 -6.50 -15.17 39.50
N THR A 292 -7.47 -14.52 38.86
CA THR A 292 -8.49 -13.75 39.56
C THR A 292 -9.86 -14.38 39.28
N PHE A 293 -10.21 -15.37 40.09
CA PHE A 293 -11.52 -15.99 40.01
C PHE A 293 -12.58 -15.09 40.65
N LEU A 294 -13.84 -15.41 40.37
CA LEU A 294 -14.92 -14.51 40.75
C LEU A 294 -16.24 -15.27 40.85
N GLY A 295 -16.80 -15.38 42.06
CA GLY A 295 -18.08 -16.02 42.25
C GLY A 295 -19.27 -15.08 42.11
N ILE A 296 -20.03 -15.23 41.04
CA ILE A 296 -21.19 -14.39 40.75
C ILE A 296 -22.42 -15.28 40.59
N GLU A 297 -23.54 -14.86 41.20
CA GLU A 297 -24.79 -15.58 41.10
C GLU A 297 -25.35 -15.52 39.68
N HIS A 298 -26.35 -16.37 39.42
CA HIS A 298 -26.93 -16.53 38.10
C HIS A 298 -28.37 -16.01 38.08
N MET A 299 -28.75 -15.43 36.95
CA MET A 299 -30.11 -14.96 36.72
C MET A 299 -30.85 -15.90 35.79
N LYS A 300 -32.18 -15.92 35.94
CA LYS A 300 -33.07 -16.58 35.00
C LYS A 300 -33.66 -15.55 34.05
N GLY A 301 -33.95 -15.99 32.83
CA GLY A 301 -34.58 -15.11 31.87
C GLY A 301 -34.02 -15.22 30.47
N VAL A 302 -34.52 -14.38 29.56
CA VAL A 302 -34.09 -14.37 28.16
C VAL A 302 -33.68 -12.95 27.81
N PRO A 303 -32.72 -12.77 26.89
CA PRO A 303 -32.27 -11.41 26.55
C PRO A 303 -33.29 -10.67 25.69
N LEU A 304 -33.08 -9.36 25.61
CA LEU A 304 -33.91 -8.52 24.74
C LEU A 304 -33.65 -8.81 23.27
N ASN A 305 -32.45 -9.32 22.94
CA ASN A 305 -32.10 -9.58 21.55
C ASN A 305 -32.96 -10.68 20.95
N ARG A 306 -33.30 -11.69 21.74
CA ARG A 306 -34.24 -12.72 21.31
C ARG A 306 -35.66 -12.46 21.78
N TRP A 307 -35.88 -11.39 22.56
CA TRP A 307 -37.24 -11.07 22.98
C TRP A 307 -38.07 -10.49 21.86
N VAL A 308 -37.44 -9.73 20.95
CA VAL A 308 -38.16 -9.15 19.83
C VAL A 308 -38.38 -10.13 18.69
N THR A 309 -37.86 -11.36 18.80
CA THR A 309 -38.12 -12.36 17.78
C THR A 309 -39.56 -12.85 17.84
N ASN A 310 -40.07 -13.12 19.05
CA ASN A 310 -41.39 -13.69 19.21
C ASN A 310 -42.41 -12.69 19.75
N ASN A 311 -42.09 -11.41 19.78
CA ASN A 311 -43.04 -10.44 20.30
C ASN A 311 -43.31 -9.29 19.34
N PHE A 312 -42.29 -8.83 18.61
CA PHE A 312 -42.50 -7.83 17.57
C PHE A 312 -43.38 -8.42 16.47
N PRO A 313 -44.43 -7.70 16.03
CA PRO A 313 -45.32 -8.29 15.03
C PRO A 313 -44.69 -8.39 13.65
N LEU A 314 -44.33 -9.62 13.26
CA LEU A 314 -43.79 -9.88 11.94
C LEU A 314 -44.90 -10.09 10.92
N TYR A 315 -45.92 -10.83 11.28
CA TYR A 315 -47.15 -10.90 10.50
C TYR A 315 -48.11 -9.85 11.04
N GLU A 316 -49.38 -9.92 10.67
CA GLU A 316 -50.37 -8.95 11.13
C GLU A 316 -51.48 -9.65 11.93
N VAL A 317 -51.24 -10.88 12.36
CA VAL A 317 -52.18 -11.62 13.19
C VAL A 317 -51.43 -12.19 14.39
N VAL A 318 -50.10 -12.09 14.36
CA VAL A 318 -49.25 -12.74 15.35
C VAL A 318 -49.24 -12.02 16.69
N ASP A 319 -49.75 -10.78 16.75
CA ASP A 319 -49.68 -9.99 17.97
C ASP A 319 -50.66 -10.46 19.04
N LYS A 320 -51.60 -11.35 18.70
CA LYS A 320 -52.50 -12.05 19.63
C LYS A 320 -53.36 -11.06 20.43
N THR A 321 -54.24 -10.39 19.68
CA THR A 321 -55.25 -9.44 20.19
C THR A 321 -54.62 -8.28 20.95
N LYS A 322 -53.80 -7.53 20.20
CA LYS A 322 -53.27 -6.19 20.52
C LYS A 322 -52.30 -6.29 21.71
N ASP A 323 -52.32 -5.27 22.57
CA ASP A 323 -51.56 -4.99 23.79
C ASP A 323 -50.05 -5.22 23.67
N TYR A 324 -49.46 -5.15 22.48
CA TYR A 324 -48.01 -5.31 22.38
C TYR A 324 -47.27 -4.06 22.84
N LEU A 325 -47.80 -2.89 22.50
CA LEU A 325 -47.09 -1.65 22.80
C LEU A 325 -47.08 -1.33 24.28
N LEU A 326 -48.10 -1.77 25.02
CA LEU A 326 -48.04 -1.65 26.48
C LEU A 326 -46.98 -2.57 27.07
N ARG A 327 -46.81 -3.76 26.49
CA ARG A 327 -45.74 -4.66 26.92
C ARG A 327 -44.37 -4.07 26.61
N VAL A 328 -44.26 -3.31 25.53
CA VAL A 328 -43.04 -2.54 25.28
C VAL A 328 -42.89 -1.44 26.33
N SER A 329 -43.98 -0.73 26.63
CA SER A 329 -43.92 0.47 27.45
C SER A 329 -43.55 0.17 28.90
N LYS A 330 -44.04 -0.95 29.44
CA LYS A 330 -43.70 -1.31 30.82
C LYS A 330 -42.22 -1.65 30.96
N ILE A 331 -41.67 -2.40 29.99
CA ILE A 331 -40.24 -2.70 29.99
C ILE A 331 -39.42 -1.42 29.81
N VAL A 332 -39.88 -0.52 28.94
CA VAL A 332 -39.15 0.71 28.66
C VAL A 332 -39.14 1.63 29.89
N GLU A 333 -40.27 1.74 30.60
CA GLU A 333 -40.27 2.56 31.81
C GLU A 333 -39.51 1.88 32.94
N LYS A 334 -39.42 0.55 32.92
CA LYS A 334 -38.54 -0.14 33.87
C LYS A 334 -37.08 0.18 33.61
N LEU A 335 -36.66 0.22 32.35
CA LEU A 335 -35.29 0.67 32.03
C LEU A 335 -35.07 2.13 32.39
N ILE A 336 -36.04 3.00 32.10
CA ILE A 336 -35.82 4.42 32.36
C ILE A 336 -35.91 4.74 33.85
N ASP A 337 -36.51 3.87 34.66
CA ASP A 337 -36.48 4.06 36.10
C ASP A 337 -35.14 3.68 36.70
N LEU A 338 -34.52 2.61 36.20
CA LEU A 338 -33.27 2.11 36.75
C LEU A 338 -32.05 2.75 36.09
N THR A 339 -32.01 4.07 36.07
CA THR A 339 -30.84 4.80 35.60
C THR A 339 -30.21 5.65 36.68
N ASN A 340 -30.98 6.55 37.28
CA ASN A 340 -30.46 7.46 38.29
C ASN A 340 -30.44 6.85 39.68
N LYS A 341 -30.90 5.60 39.83
CA LYS A 341 -30.85 4.95 41.13
C LYS A 341 -29.42 4.60 41.51
N PHE A 342 -28.66 4.00 40.59
CA PHE A 342 -27.25 3.73 40.86
C PHE A 342 -26.34 4.85 40.40
N HIS A 343 -26.85 5.84 39.68
CA HIS A 343 -26.06 7.01 39.34
C HIS A 343 -25.85 7.93 40.54
N SER A 344 -26.63 7.77 41.60
CA SER A 344 -26.40 8.51 42.84
C SER A 344 -25.12 8.08 43.54
N GLU A 345 -24.64 6.87 43.28
CA GLU A 345 -23.35 6.40 43.78
C GLU A 345 -22.19 6.85 42.91
N ASN A 346 -22.49 7.58 41.82
CA ASN A 346 -21.52 8.05 40.83
C ASN A 346 -20.71 6.90 40.25
N VAL A 347 -21.39 5.81 39.91
CA VAL A 347 -20.80 4.74 39.12
C VAL A 347 -21.36 4.85 37.72
N TYR A 348 -20.60 4.35 36.74
CA TYR A 348 -21.00 4.42 35.35
C TYR A 348 -20.67 3.11 34.68
N HIS A 349 -21.63 2.56 33.95
CA HIS A 349 -21.45 1.28 33.27
C HIS A 349 -21.50 1.51 31.76
N GLN A 350 -20.33 1.44 31.12
CA GLN A 350 -20.24 1.49 29.67
C GLN A 350 -20.75 0.18 29.08
N ASP A 351 -20.88 0.17 27.74
CA ASP A 351 -21.24 -1.00 26.93
C ASP A 351 -22.62 -1.54 27.33
N LEU A 352 -23.63 -0.76 26.98
CA LEU A 352 -25.04 -1.08 27.24
C LEU A 352 -25.70 -1.81 26.09
N HIS A 353 -24.97 -2.68 25.40
CA HIS A 353 -25.52 -3.38 24.23
C HIS A 353 -26.57 -4.40 24.65
N LEU A 354 -27.24 -4.97 23.65
CA LEU A 354 -28.40 -5.84 23.88
C LEU A 354 -28.00 -7.30 24.04
N GLY A 355 -27.03 -7.52 24.92
CA GLY A 355 -26.69 -8.86 25.39
C GLY A 355 -26.56 -8.80 26.89
N ASN A 356 -27.07 -7.73 27.46
CA ASN A 356 -27.01 -7.44 28.88
C ASN A 356 -28.38 -7.25 29.51
N ILE A 357 -29.32 -6.63 28.81
CA ILE A 357 -30.67 -6.48 29.33
C ILE A 357 -31.40 -7.80 29.09
N LEU A 358 -31.61 -8.57 30.15
CA LEU A 358 -32.33 -9.83 30.07
C LEU A 358 -33.64 -9.72 30.83
N VAL A 359 -34.74 -10.03 30.15
CA VAL A 359 -36.08 -9.94 30.71
C VAL A 359 -36.51 -11.35 31.12
N LYS A 360 -36.84 -11.51 32.39
CA LYS A 360 -37.33 -12.78 32.91
C LYS A 360 -38.86 -12.80 32.81
N ASP A 361 -39.49 -13.75 33.48
CA ASP A 361 -40.94 -13.83 33.50
C ASP A 361 -41.49 -12.67 34.35
N GLU A 362 -42.77 -12.35 34.09
CA GLU A 362 -43.47 -11.17 34.63
C GLU A 362 -42.76 -9.86 34.26
N ASP A 363 -42.14 -9.85 33.08
CA ASP A 363 -41.40 -8.75 32.45
C ASP A 363 -40.55 -7.93 33.44
N GLU A 364 -39.59 -8.61 34.05
CA GLU A 364 -38.65 -7.97 34.96
C GLU A 364 -37.26 -7.97 34.35
N ILE A 365 -36.56 -6.83 34.49
CA ILE A 365 -35.29 -6.63 33.81
C ILE A 365 -34.13 -6.86 34.77
N SER A 366 -32.95 -7.12 34.21
CA SER A 366 -31.75 -7.34 35.00
C SER A 366 -30.53 -7.10 34.11
N ILE A 367 -29.77 -6.04 34.39
CA ILE A 367 -28.53 -5.77 33.69
C ILE A 367 -27.42 -6.58 34.35
N ILE A 368 -26.73 -7.40 33.57
CA ILE A 368 -25.90 -8.45 34.15
C ILE A 368 -24.41 -8.31 33.82
N ASP A 369 -24.02 -7.56 32.81
CA ASP A 369 -22.62 -7.47 32.39
C ASP A 369 -22.06 -6.12 32.81
N TRP A 370 -21.02 -6.14 33.64
CA TRP A 370 -20.50 -4.92 34.25
C TRP A 370 -19.00 -4.77 34.07
N GLU A 371 -18.43 -5.26 32.97
CA GLU A 371 -16.98 -5.35 32.89
C GLU A 371 -16.34 -4.11 32.26
N GLN A 372 -17.02 -2.98 32.35
CA GLN A 372 -16.44 -1.66 32.14
C GLN A 372 -17.08 -0.74 33.17
N ALA A 373 -16.26 -0.17 34.04
CA ALA A 373 -16.80 0.65 35.10
C ALA A 373 -15.84 1.74 35.57
N VAL A 374 -16.04 2.95 35.09
CA VAL A 374 -15.32 4.11 35.61
C VAL A 374 -16.04 4.59 36.86
N PHE A 375 -15.38 5.48 37.61
CA PHE A 375 -15.98 6.00 38.84
C PHE A 375 -15.80 7.50 39.00
N SER A 376 -15.59 8.23 37.90
CA SER A 376 -15.49 9.67 37.94
C SER A 376 -15.99 10.22 36.62
N ASN A 377 -16.64 11.39 36.66
CA ASN A 377 -17.24 11.97 35.46
C ASN A 377 -16.79 13.42 35.32
N ASP A 378 -15.56 13.59 34.82
CA ASP A 378 -15.13 14.80 34.11
C ASP A 378 -13.99 14.42 33.15
N GLU A 379 -14.37 13.96 31.96
CA GLU A 379 -13.47 13.41 30.97
C GLU A 379 -14.27 13.06 29.72
N LYS A 380 -13.57 12.96 28.60
CA LYS A 380 -14.13 12.49 27.35
C LYS A 380 -13.22 11.39 26.81
N VAL A 381 -13.76 10.19 26.66
CA VAL A 381 -12.98 9.04 26.22
C VAL A 381 -13.63 8.43 24.99
N VAL A 382 -12.81 7.73 24.20
CA VAL A 382 -13.32 6.95 23.09
C VAL A 382 -14.00 5.71 23.63
N HIS A 383 -15.21 5.43 23.15
CA HIS A 383 -15.87 4.18 23.50
C HIS A 383 -15.14 3.08 22.75
N LYS A 384 -14.14 2.48 23.40
CA LYS A 384 -13.14 1.70 22.68
C LYS A 384 -13.59 0.26 22.43
N VAL A 385 -14.31 -0.34 23.36
CA VAL A 385 -14.79 -1.71 23.23
C VAL A 385 -16.32 -1.65 23.23
N ALA A 386 -16.93 -2.21 22.21
CA ALA A 386 -18.35 -2.03 22.01
C ALA A 386 -18.91 -3.25 21.28
N ALA A 387 -20.07 -3.07 20.66
CA ALA A 387 -20.78 -4.08 19.90
C ALA A 387 -21.05 -3.56 18.49
N PRO A 388 -21.36 -4.43 17.54
CA PRO A 388 -21.83 -3.95 16.23
C PRO A 388 -23.14 -3.20 16.37
N GLY A 389 -23.08 -1.89 16.12
CA GLY A 389 -24.24 -1.04 16.14
C GLY A 389 -24.25 0.00 17.25
N PHE A 390 -23.69 -0.31 18.42
CA PHE A 390 -23.74 0.58 19.58
C PHE A 390 -22.29 0.96 19.87
N ARG A 391 -21.76 1.96 19.18
CA ARG A 391 -20.32 2.24 19.22
C ARG A 391 -19.96 3.69 19.48
N ALA A 392 -20.94 4.57 19.73
CA ALA A 392 -20.79 5.98 20.11
C ALA A 392 -20.03 6.83 19.10
N TRP A 393 -19.80 8.10 19.45
CA TRP A 393 -19.42 9.11 18.47
C TRP A 393 -18.34 10.07 18.99
N ARG A 394 -17.15 9.53 19.27
CA ARG A 394 -15.87 10.25 19.38
C ARG A 394 -15.85 11.28 20.54
N GLU A 395 -15.67 10.70 21.73
CA GLU A 395 -15.19 11.43 22.92
C GLU A 395 -16.22 12.44 23.46
N THR A 396 -17.37 11.92 23.86
CA THR A 396 -18.23 12.66 24.77
C THR A 396 -18.02 12.16 26.20
N LEU A 397 -18.72 12.79 27.14
CA LEU A 397 -18.67 12.35 28.52
C LEU A 397 -19.42 11.03 28.68
N PRO A 398 -18.99 10.15 29.58
CA PRO A 398 -19.57 8.78 29.63
C PRO A 398 -21.03 8.73 30.05
N SER A 399 -21.54 9.75 30.73
CA SER A 399 -22.96 9.77 31.10
C SER A 399 -23.84 9.86 29.85
N GLU A 400 -23.52 10.78 28.94
CA GLU A 400 -24.29 10.82 27.71
C GLU A 400 -23.92 9.71 26.73
N ILE A 401 -22.77 9.06 26.93
CA ILE A 401 -22.50 7.80 26.21
C ILE A 401 -23.52 6.75 26.64
N ASP A 402 -23.78 6.65 27.95
CA ASP A 402 -24.77 5.73 28.45
C ASP A 402 -26.18 6.10 27.99
N TRP A 403 -26.48 7.40 27.97
CA TRP A 403 -27.80 7.83 27.50
C TRP A 403 -27.98 7.62 26.01
N TYR A 404 -26.91 7.75 25.22
CA TYR A 404 -26.95 7.41 23.79
C TYR A 404 -27.20 5.93 23.57
N GLY A 405 -26.55 5.09 24.39
CA GLY A 405 -26.84 3.66 24.35
C GLY A 405 -28.29 3.35 24.71
N ILE A 406 -28.83 4.07 25.70
CA ILE A 406 -30.23 3.92 26.08
C ILE A 406 -31.16 4.34 24.94
N ARG A 407 -30.82 5.44 24.26
CA ARG A 407 -31.61 5.91 23.12
C ARG A 407 -31.64 4.90 21.98
N GLN A 408 -30.49 4.32 21.65
CA GLN A 408 -30.53 3.33 20.58
C GLN A 408 -31.09 1.98 21.02
N ILE A 409 -31.09 1.68 22.32
CA ILE A 409 -31.89 0.56 22.83
C ILE A 409 -33.37 0.80 22.55
N ALA A 410 -33.85 2.00 22.87
CA ALA A 410 -35.25 2.33 22.66
C ALA A 410 -35.61 2.36 21.17
N HIS A 411 -34.69 2.78 20.32
CA HIS A 411 -34.99 2.83 18.89
C HIS A 411 -34.93 1.45 18.23
N TYR A 412 -34.09 0.54 18.73
CA TYR A 412 -34.20 -0.84 18.29
C TYR A 412 -35.51 -1.45 18.77
N LEU A 413 -35.97 -1.04 19.96
CA LEU A 413 -37.28 -1.45 20.42
C LEU A 413 -38.40 -0.85 19.58
N TYR A 414 -38.15 0.28 18.92
CA TYR A 414 -39.14 0.86 18.02
C TYR A 414 -39.24 0.09 16.71
N MET A 415 -38.10 -0.14 16.04
CA MET A 415 -38.04 -0.91 14.80
C MET A 415 -36.65 -1.56 14.80
N PRO A 416 -36.55 -2.86 14.44
CA PRO A 416 -35.30 -3.62 14.63
C PRO A 416 -34.24 -3.50 13.53
N LEU A 417 -33.90 -2.28 13.14
CA LEU A 417 -32.69 -1.98 12.37
C LEU A 417 -31.90 -0.86 13.04
N VAL A 418 -30.79 -1.22 13.68
CA VAL A 418 -29.84 -0.22 14.18
C VAL A 418 -28.42 -0.63 13.82
N THR A 419 -28.28 -1.55 12.87
CA THR A 419 -26.96 -2.17 12.64
C THR A 419 -26.03 -1.25 11.86
N THR A 420 -26.55 -0.18 11.27
CA THR A 420 -25.73 0.73 10.47
C THR A 420 -25.60 2.11 11.08
N SER A 421 -25.90 2.25 12.37
CA SER A 421 -25.75 3.55 13.03
C SER A 421 -24.30 3.92 13.31
N ASP A 422 -23.36 2.98 13.15
CA ASP A 422 -21.95 3.32 13.27
C ASP A 422 -21.47 4.07 12.04
N LEU A 423 -22.09 3.84 10.89
CA LEU A 423 -21.69 4.46 9.64
C LEU A 423 -22.36 5.82 9.42
N THR A 424 -23.63 5.94 9.80
CA THR A 424 -24.38 7.17 9.60
C THR A 424 -24.85 7.68 10.97
N TYR A 425 -24.44 8.91 11.31
CA TYR A 425 -24.86 9.51 12.57
C TYR A 425 -26.33 9.89 12.50
N ASN A 426 -27.01 9.72 13.64
CA ASN A 426 -28.45 9.92 13.80
C ASN A 426 -29.24 9.09 12.80
N TYR A 427 -28.93 7.79 12.79
CA TYR A 427 -29.71 6.83 12.01
C TYR A 427 -31.12 6.66 12.55
N VAL A 428 -31.36 7.06 13.80
CA VAL A 428 -32.66 6.92 14.43
C VAL A 428 -33.73 7.80 13.81
N SER A 429 -33.34 8.80 13.00
CA SER A 429 -34.29 9.72 12.42
C SER A 429 -35.20 9.04 11.39
N GLN A 430 -34.60 8.29 10.45
CA GLN A 430 -35.36 7.58 9.43
C GLN A 430 -36.29 6.55 10.04
N THR A 431 -35.78 5.81 11.04
CA THR A 431 -36.57 4.79 11.73
C THR A 431 -37.73 5.42 12.49
N ARG A 432 -37.50 6.57 13.14
CA ARG A 432 -38.56 7.24 13.87
C ARG A 432 -39.61 7.84 12.94
N ILE A 433 -39.22 8.24 11.72
CA ILE A 433 -40.21 8.68 10.74
C ILE A 433 -41.06 7.50 10.27
N GLU A 434 -40.43 6.38 9.91
CA GLU A 434 -41.22 5.27 9.36
C GLU A 434 -41.99 4.49 10.41
N GLY A 435 -41.62 4.63 11.69
CA GLY A 435 -42.23 3.79 12.72
C GLY A 435 -43.70 4.06 12.95
N LYS A 436 -44.12 5.32 12.81
CA LYS A 436 -45.53 5.65 12.98
C LYS A 436 -46.38 5.06 11.85
N LYS A 437 -45.85 5.04 10.62
CA LYS A 437 -46.59 4.42 9.52
C LYS A 437 -46.54 2.91 9.61
N LEU A 438 -45.49 2.34 10.21
CA LEU A 438 -45.46 0.90 10.44
C LEU A 438 -46.46 0.51 11.52
N PHE A 439 -46.54 1.28 12.60
CA PHE A 439 -47.37 0.94 13.74
C PHE A 439 -48.82 1.42 13.60
N GLU A 440 -49.12 2.21 12.57
CA GLU A 440 -50.50 2.61 12.31
C GLU A 440 -51.15 1.81 11.18
N SER A 441 -50.35 1.12 10.35
CA SER A 441 -50.90 0.33 9.25
C SER A 441 -51.43 -1.01 9.71
N LEU A 442 -51.14 -1.43 10.94
CA LEU A 442 -51.60 -2.72 11.43
C LEU A 442 -52.92 -2.61 12.18
N GLY A 443 -53.22 -1.46 12.77
CA GLY A 443 -54.43 -1.28 13.54
C GLY A 443 -54.17 -1.28 15.03
N TYR A 444 -54.10 -0.09 15.63
CA TYR A 444 -53.80 0.03 17.05
C TYR A 444 -54.47 1.29 17.58
N THR A 445 -54.67 1.33 18.89
CA THR A 445 -55.13 2.56 19.52
C THR A 445 -54.03 3.61 19.47
N ARG A 446 -54.44 4.88 19.31
CA ARG A 446 -53.47 5.94 19.11
C ARG A 446 -52.75 6.31 20.40
N GLU A 447 -53.31 5.96 21.56
CA GLU A 447 -52.72 6.35 22.84
C GLU A 447 -51.40 5.64 23.10
N HIS A 448 -51.26 4.40 22.64
CA HIS A 448 -50.01 3.67 22.86
C HIS A 448 -48.86 4.26 22.05
N ILE A 449 -49.12 4.56 20.77
CA ILE A 449 -48.12 5.22 19.92
C ILE A 449 -47.82 6.61 20.44
N ASP A 450 -48.84 7.31 20.95
CA ASP A 450 -48.62 8.64 21.52
C ASP A 450 -47.76 8.59 22.78
N TYR A 451 -47.95 7.57 23.62
CA TYR A 451 -47.12 7.41 24.81
C TYR A 451 -45.69 7.05 24.45
N VAL A 452 -45.51 6.19 23.42
CA VAL A 452 -44.17 5.80 22.98
C VAL A 452 -43.42 7.00 22.40
N GLU A 453 -44.09 7.80 21.57
CA GLU A 453 -43.40 8.96 21.01
C GLU A 453 -43.20 10.05 22.06
N SER A 454 -44.05 10.10 23.09
CA SER A 454 -43.85 11.06 24.17
C SER A 454 -42.63 10.71 25.02
N LEU A 455 -42.47 9.43 25.36
CA LEU A 455 -41.28 9.03 26.11
C LEU A 455 -40.02 9.14 25.26
N LEU A 456 -40.12 8.90 23.95
CA LEU A 456 -38.95 9.07 23.09
C LEU A 456 -38.57 10.54 22.96
N SER A 457 -39.57 11.43 22.89
CA SER A 457 -39.30 12.86 22.85
C SER A 457 -38.88 13.42 24.20
N TYR A 458 -39.12 12.68 25.28
CA TYR A 458 -38.44 13.01 26.53
C TYR A 458 -36.98 12.58 26.49
N LEU A 459 -36.72 11.37 25.97
CA LEU A 459 -35.40 10.76 26.04
C LEU A 459 -34.38 11.38 25.09
N ASP A 460 -34.82 11.91 23.94
CA ASP A 460 -33.90 12.29 22.88
C ASP A 460 -33.04 13.52 23.22
N SER A 461 -33.40 14.31 24.22
CA SER A 461 -32.68 15.55 24.51
C SER A 461 -31.63 15.39 25.60
N LYS A 462 -31.51 14.22 26.22
CA LYS A 462 -30.48 14.01 27.23
C LYS A 462 -29.15 13.57 26.64
N CYS A 463 -29.11 13.26 25.34
CA CYS A 463 -27.86 12.99 24.64
C CYS A 463 -27.59 14.15 23.69
N PRO A 464 -26.59 14.99 23.95
CA PRO A 464 -26.39 16.18 23.11
C PRO A 464 -25.83 15.84 21.75
N GLN A 465 -26.33 16.54 20.74
CA GLN A 465 -25.86 16.35 19.38
C GLN A 465 -24.46 16.94 19.21
N ILE A 466 -23.73 16.42 18.22
CA ILE A 466 -22.40 16.89 17.87
C ILE A 466 -22.36 17.15 16.37
N GLU A 467 -21.47 18.03 15.95
CA GLU A 467 -21.25 18.28 14.53
C GLU A 467 -19.75 18.21 14.25
N ASN A 468 -19.24 17.01 14.07
CA ASN A 468 -17.93 16.82 13.44
C ASN A 468 -17.93 15.73 12.37
N ILE A 469 -18.63 14.62 12.62
CA ILE A 469 -18.91 13.51 11.69
C ILE A 469 -17.66 12.77 11.18
N SER A 470 -16.59 13.49 10.82
CA SER A 470 -15.28 12.97 10.41
C SER A 470 -15.36 12.13 9.13
N ARG A 471 -15.60 12.86 8.04
CA ARG A 471 -15.39 12.52 6.63
C ARG A 471 -16.50 11.60 6.07
N LYS A 472 -17.34 11.02 6.92
CA LYS A 472 -18.50 10.26 6.45
C LYS A 472 -19.74 11.13 6.42
N LYS A 473 -19.58 12.41 6.07
CA LYS A 473 -20.66 13.38 6.17
C LYS A 473 -21.68 13.23 5.05
N VAL A 474 -21.27 12.64 3.92
CA VAL A 474 -22.11 12.59 2.72
C VAL A 474 -23.26 11.58 2.85
N LEU A 475 -23.29 10.82 3.95
CA LEU A 475 -24.39 9.92 4.24
C LEU A 475 -25.30 10.62 5.24
N LYS A 476 -26.27 11.31 4.75
CA LYS A 476 -27.18 12.03 5.60
C LYS A 476 -28.45 11.22 5.83
N PRO A 477 -29.14 11.42 6.97
CA PRO A 477 -30.45 10.81 7.15
C PRO A 477 -31.47 11.43 6.21
N MET A 478 -32.53 10.68 5.95
CA MET A 478 -33.56 11.06 4.99
C MET A 478 -34.71 11.72 5.74
N HIS A 479 -35.01 12.96 5.36
CA HIS A 479 -36.13 13.70 5.92
C HIS A 479 -37.11 14.15 4.85
N GLU A 480 -37.00 13.62 3.63
CA GLU A 480 -37.84 14.01 2.50
C GLU A 480 -38.47 12.75 1.89
N ILE A 481 -39.58 12.33 2.48
CA ILE A 481 -40.26 11.12 2.04
C ILE A 481 -41.48 11.52 1.20
N ARG A 482 -41.92 10.59 0.35
CA ARG A 482 -43.05 10.81 -0.54
C ARG A 482 -43.83 9.51 -0.69
N THR A 483 -45.07 9.64 -1.12
CA THR A 483 -45.91 8.52 -1.48
C THR A 483 -45.95 8.39 -3.01
N ILE A 484 -46.30 7.20 -3.48
CA ILE A 484 -46.25 6.87 -4.90
C ILE A 484 -47.69 6.79 -5.41
N GLU A 485 -48.05 7.74 -6.28
CA GLU A 485 -49.37 7.73 -6.91
C GLU A 485 -49.29 8.11 -8.38
N SER A 486 -48.10 8.23 -8.94
CA SER A 486 -47.93 8.54 -10.36
C SER A 486 -46.66 7.85 -10.86
N GLU A 487 -46.60 7.66 -12.17
CA GLU A 487 -45.42 7.03 -12.77
C GLU A 487 -44.22 7.97 -12.79
N GLN A 488 -44.45 9.28 -12.69
CA GLN A 488 -43.35 10.24 -12.66
C GLN A 488 -42.54 10.11 -11.37
N ASP A 489 -43.15 9.62 -10.29
CA ASP A 489 -42.40 9.30 -9.08
C ASP A 489 -41.38 8.19 -9.35
N ILE A 490 -41.78 7.16 -10.08
CA ILE A 490 -40.87 6.09 -10.45
C ILE A 490 -39.80 6.59 -11.41
N GLN A 491 -40.19 7.48 -12.33
CA GLN A 491 -39.23 8.06 -13.27
C GLN A 491 -38.19 8.91 -12.55
N ASP A 492 -38.60 9.66 -11.53
CA ASP A 492 -37.65 10.41 -10.72
C ASP A 492 -36.76 9.50 -9.89
N PHE A 493 -37.33 8.43 -9.33
CA PHE A 493 -36.57 7.56 -8.45
C PHE A 493 -35.51 6.79 -9.23
N ILE A 494 -35.83 6.38 -10.46
CA ILE A 494 -34.88 5.58 -11.23
C ILE A 494 -33.67 6.42 -11.64
N ILE A 495 -33.89 7.66 -12.09
CA ILE A 495 -32.76 8.52 -12.44
C ILE A 495 -31.99 8.94 -11.20
N LYS A 496 -32.67 9.08 -10.03
CA LYS A 496 -31.96 9.36 -8.79
C LYS A 496 -31.06 8.20 -8.38
N LEU A 497 -31.57 6.96 -8.44
CA LEU A 497 -30.77 5.79 -8.11
C LEU A 497 -29.61 5.61 -9.08
N LEU A 498 -29.83 5.92 -10.36
CA LEU A 498 -28.79 5.74 -11.35
C LEU A 498 -27.68 6.78 -11.18
N ARG A 499 -28.07 8.02 -10.86
CA ARG A 499 -27.07 9.07 -10.60
C ARG A 499 -26.31 8.78 -9.31
N GLY A 500 -26.99 8.16 -8.33
CA GLY A 500 -26.30 7.73 -7.12
C GLY A 500 -25.30 6.63 -7.39
N PHE A 501 -25.61 5.72 -8.30
CA PHE A 501 -24.63 4.71 -8.70
C PHE A 501 -23.44 5.35 -9.42
N THR A 502 -23.70 6.41 -10.20
CA THR A 502 -22.61 7.17 -10.81
C THR A 502 -21.72 7.81 -9.75
N LEU A 503 -22.33 8.34 -8.67
CA LEU A 503 -21.55 8.84 -7.54
C LEU A 503 -20.75 7.73 -6.85
N THR A 504 -21.33 6.52 -6.76
CA THR A 504 -20.61 5.41 -6.16
C THR A 504 -19.39 5.02 -6.97
N TYR A 505 -19.53 4.98 -8.31
CA TYR A 505 -18.39 4.72 -9.18
C TYR A 505 -17.35 5.83 -9.11
N GLY A 506 -17.80 7.09 -8.96
CA GLY A 506 -16.86 8.18 -8.80
C GLY A 506 -16.08 8.11 -7.50
N GLN A 507 -16.73 7.71 -6.41
CA GLN A 507 -16.05 7.60 -5.13
C GLN A 507 -15.22 6.32 -5.01
N TRP A 508 -15.47 5.32 -5.86
CA TRP A 508 -14.63 4.12 -5.89
C TRP A 508 -13.47 4.24 -6.85
N ARG A 509 -13.60 5.05 -7.90
CA ARG A 509 -12.54 5.22 -8.89
C ARG A 509 -11.37 6.05 -8.37
N LYS A 510 -11.55 6.76 -7.25
CA LYS A 510 -10.52 7.69 -6.77
C LYS A 510 -9.28 6.96 -6.28
N GLU A 511 -9.46 5.90 -5.50
CA GLU A 511 -8.34 5.30 -4.78
C GLU A 511 -7.95 3.93 -5.32
N PHE A 512 -8.89 2.99 -5.38
CA PHE A 512 -8.53 1.62 -5.67
C PHE A 512 -8.62 1.33 -7.17
N GLN A 513 -7.75 0.41 -7.62
CA GLN A 513 -7.70 0.03 -9.02
C GLN A 513 -7.48 -1.47 -9.23
N SER A 514 -7.45 -2.27 -8.16
CA SER A 514 -7.34 -3.71 -8.32
C SER A 514 -8.63 -4.31 -8.88
N ARG A 515 -9.76 -3.66 -8.62
CA ARG A 515 -11.04 -4.02 -9.20
C ARG A 515 -11.67 -2.77 -9.81
N PHE A 516 -12.90 -2.92 -10.29
CA PHE A 516 -13.63 -1.81 -10.89
C PHE A 516 -14.86 -1.39 -10.11
N PHE A 517 -15.38 -2.22 -9.22
CA PHE A 517 -16.64 -1.91 -8.56
C PHE A 517 -16.66 -2.43 -7.13
N PRO A 518 -17.35 -1.73 -6.22
CA PRO A 518 -17.41 -2.20 -4.83
C PRO A 518 -18.29 -3.43 -4.70
N VAL A 519 -17.80 -4.41 -3.95
CA VAL A 519 -18.51 -5.67 -3.75
C VAL A 519 -18.59 -5.96 -2.26
N HIS A 520 -19.53 -6.83 -1.90
CA HIS A 520 -19.66 -7.31 -0.53
C HIS A 520 -18.47 -8.21 -0.20
N TYR A 521 -18.16 -8.33 1.09
CA TYR A 521 -16.87 -8.89 1.50
C TYR A 521 -16.83 -10.41 1.40
N TYR A 522 -17.97 -11.04 1.12
CA TYR A 522 -17.95 -12.47 0.79
C TYR A 522 -17.24 -12.71 -0.54
N GLY A 523 -17.73 -12.10 -1.61
CA GLY A 523 -17.12 -12.28 -2.92
C GLY A 523 -16.16 -11.17 -3.27
N LEU A 524 -15.18 -10.93 -2.42
CA LEU A 524 -14.26 -9.84 -2.64
C LEU A 524 -13.17 -10.20 -3.65
N ASN A 525 -13.05 -11.47 -4.02
CA ASN A 525 -12.03 -11.91 -4.96
C ASN A 525 -12.57 -12.21 -6.36
N PHE A 526 -13.85 -12.56 -6.49
CA PHE A 526 -14.39 -12.96 -7.78
C PHE A 526 -14.61 -11.73 -8.67
N ASN A 527 -14.65 -11.97 -9.99
CA ASN A 527 -14.66 -10.88 -10.94
C ASN A 527 -15.57 -11.05 -12.15
N GLN A 528 -16.37 -12.12 -12.23
CA GLN A 528 -17.09 -12.37 -13.47
C GLN A 528 -18.45 -12.98 -13.17
N GLY A 529 -19.36 -12.80 -14.13
CA GLY A 529 -20.68 -13.40 -14.09
C GLY A 529 -21.72 -12.50 -13.43
N ILE A 530 -22.91 -13.06 -13.25
CA ILE A 530 -23.95 -12.42 -12.43
C ILE A 530 -23.71 -12.83 -10.97
N ALA A 531 -22.74 -12.15 -10.38
CA ALA A 531 -22.28 -12.45 -9.04
C ALA A 531 -21.55 -11.22 -8.53
N PHE A 532 -20.70 -11.42 -7.53
CA PHE A 532 -19.80 -10.38 -7.08
C PHE A 532 -18.78 -10.14 -8.19
N SER A 533 -19.08 -9.19 -9.08
CA SER A 533 -18.37 -9.05 -10.34
C SER A 533 -18.33 -7.59 -10.79
N ASP A 534 -18.11 -7.36 -12.08
CA ASP A 534 -18.15 -6.02 -12.66
C ASP A 534 -19.11 -5.88 -13.83
N LEU A 535 -19.21 -6.90 -14.69
CA LEU A 535 -19.89 -6.74 -15.97
C LEU A 535 -21.42 -6.75 -15.83
N ALA A 536 -21.95 -7.55 -14.90
CA ALA A 536 -23.40 -7.61 -14.70
C ALA A 536 -23.95 -6.30 -14.16
N ILE A 537 -23.12 -5.54 -13.43
CA ILE A 537 -23.52 -4.22 -12.98
C ILE A 537 -23.71 -3.27 -14.15
N LEU A 538 -22.84 -3.36 -15.17
CA LEU A 538 -23.07 -2.52 -16.35
C LEU A 538 -24.23 -3.05 -17.18
N TRP A 539 -24.51 -4.35 -17.13
CA TRP A 539 -25.71 -4.85 -17.80
C TRP A 539 -26.97 -4.28 -17.16
N SER A 540 -26.99 -4.22 -15.82
CA SER A 540 -28.08 -3.56 -15.11
C SER A 540 -28.13 -2.06 -15.41
N TYR A 541 -26.95 -1.45 -15.55
CA TYR A 541 -26.84 -0.03 -15.88
C TYR A 541 -27.47 0.26 -17.24
N GLN A 542 -27.18 -0.59 -18.23
CA GLN A 542 -27.74 -0.40 -19.57
C GLN A 542 -29.23 -0.72 -19.60
N GLN A 543 -29.65 -1.76 -18.87
CA GLN A 543 -31.06 -2.13 -18.88
C GLN A 543 -31.92 -1.16 -18.08
N LEU A 544 -31.32 -0.33 -17.23
CA LEU A 544 -32.07 0.69 -16.53
C LEU A 544 -31.93 2.08 -17.14
N ALA A 545 -30.85 2.35 -17.87
CA ALA A 545 -30.59 3.69 -18.38
C ALA A 545 -31.55 4.05 -19.51
N LYS A 546 -31.75 3.14 -20.46
CA LYS A 546 -32.70 3.36 -21.54
C LYS A 546 -34.13 3.03 -21.13
N LYS A 547 -34.33 2.59 -19.89
CA LYS A 547 -35.64 2.13 -19.46
C LYS A 547 -36.66 3.26 -19.36
N VAL A 548 -36.21 4.47 -19.03
CA VAL A 548 -37.16 5.56 -18.91
C VAL A 548 -37.30 6.29 -20.24
N LYS A 549 -36.28 7.05 -20.63
CA LYS A 549 -36.20 7.49 -22.02
C LYS A 549 -34.78 7.44 -22.56
N ASN A 550 -33.82 7.92 -21.77
CA ASN A 550 -32.41 8.08 -22.18
C ASN A 550 -31.60 8.43 -20.95
N PHE A 551 -30.33 8.78 -21.17
CA PHE A 551 -29.48 9.36 -20.14
C PHE A 551 -28.47 10.27 -20.82
N LYS A 552 -27.68 10.97 -19.99
CA LYS A 552 -26.66 11.87 -20.53
C LYS A 552 -25.51 11.09 -21.17
N PHE A 553 -25.15 9.95 -20.58
CA PHE A 553 -24.08 9.05 -21.04
C PHE A 553 -22.75 9.78 -21.18
N ASP A 554 -22.27 10.28 -20.03
CA ASP A 554 -21.04 11.07 -20.03
C ASP A 554 -19.81 10.19 -20.26
N ASP A 555 -19.79 8.99 -19.67
CA ASP A 555 -18.58 8.17 -19.71
C ASP A 555 -18.88 6.70 -19.97
N TYR A 556 -20.10 6.35 -20.38
CA TYR A 556 -20.50 4.95 -20.45
C TYR A 556 -19.82 4.20 -21.59
N TYR A 557 -19.54 4.88 -22.70
CA TYR A 557 -19.06 4.20 -23.90
C TYR A 557 -17.64 3.69 -23.74
N GLU A 558 -16.74 4.54 -23.23
CA GLU A 558 -15.35 4.11 -23.08
C GLU A 558 -15.17 3.12 -21.93
N ILE A 559 -16.01 3.20 -20.89
CA ILE A 559 -15.90 2.21 -19.83
C ILE A 559 -16.56 0.91 -20.25
N ARG A 560 -17.53 0.96 -21.17
CA ARG A 560 -18.08 -0.27 -21.74
C ARG A 560 -17.06 -0.97 -22.62
N THR A 561 -16.34 -0.19 -23.44
CA THR A 561 -15.25 -0.72 -24.23
C THR A 561 -14.14 -1.27 -23.34
N GLN A 562 -13.85 -0.57 -22.23
CA GLN A 562 -12.84 -1.04 -21.28
C GLN A 562 -13.25 -2.36 -20.63
N VAL A 563 -14.50 -2.46 -20.17
CA VAL A 563 -14.90 -3.65 -19.44
C VAL A 563 -15.00 -4.84 -20.39
N ILE A 564 -15.33 -4.62 -21.67
CA ILE A 564 -15.33 -5.78 -22.56
C ILE A 564 -13.90 -6.17 -22.95
N ASN A 565 -13.00 -5.21 -23.19
CA ASN A 565 -11.68 -5.65 -23.67
C ASN A 565 -10.70 -5.98 -22.54
N GLU A 566 -11.07 -5.80 -21.27
CA GLU A 566 -10.36 -6.55 -20.23
C GLU A 566 -11.30 -7.41 -19.39
N ALA A 567 -12.45 -7.81 -19.94
CA ALA A 567 -13.15 -8.99 -19.45
C ALA A 567 -13.07 -10.15 -20.42
N VAL A 568 -12.77 -9.88 -21.70
CA VAL A 568 -12.70 -10.92 -22.71
C VAL A 568 -11.25 -11.30 -23.04
N ASN A 569 -10.28 -10.40 -22.81
CA ASN A 569 -8.91 -10.65 -23.24
C ASN A 569 -8.23 -11.76 -22.44
N ASN A 570 -8.40 -11.77 -21.12
CA ASN A 570 -7.77 -12.81 -20.32
C ASN A 570 -8.62 -14.08 -20.30
N PHE A 571 -9.79 -14.02 -19.64
CA PHE A 571 -10.93 -14.94 -19.79
C PHE A 571 -10.66 -16.37 -19.31
N LYS A 572 -9.40 -16.72 -19.04
CA LYS A 572 -9.02 -18.08 -18.67
C LYS A 572 -8.04 -18.09 -17.51
N LYS A 573 -7.84 -16.95 -16.84
CA LYS A 573 -6.88 -16.89 -15.74
C LYS A 573 -7.40 -17.66 -14.53
N SER A 574 -8.69 -17.54 -14.23
CA SER A 574 -9.29 -18.34 -13.18
C SER A 574 -9.83 -19.65 -13.76
N SER A 575 -10.00 -20.64 -12.89
CA SER A 575 -10.40 -21.99 -13.29
C SER A 575 -11.63 -22.40 -12.48
N LEU A 576 -12.81 -22.05 -12.98
CA LEU A 576 -14.05 -22.33 -12.27
C LEU A 576 -15.21 -22.27 -13.26
N SER A 577 -16.24 -23.08 -12.99
CA SER A 577 -17.35 -23.26 -13.90
C SER A 577 -18.67 -22.94 -13.21
N GLY A 578 -19.66 -22.53 -13.99
CA GLY A 578 -20.97 -22.18 -13.50
C GLY A 578 -21.59 -21.08 -14.34
N LEU A 579 -22.88 -20.80 -14.07
CA LEU A 579 -23.53 -19.68 -14.74
C LEU A 579 -23.35 -18.39 -13.95
N PHE A 580 -23.41 -18.49 -12.62
CA PHE A 580 -23.47 -17.30 -11.78
C PHE A 580 -22.14 -16.57 -11.74
N ASP A 581 -21.04 -17.32 -11.64
CA ASP A 581 -19.70 -16.74 -11.55
C ASP A 581 -18.65 -17.56 -12.30
N GLY A 582 -19.06 -18.43 -13.21
CA GLY A 582 -18.20 -19.50 -13.70
C GLY A 582 -17.86 -19.57 -15.18
N LYS A 583 -17.44 -18.45 -15.78
CA LYS A 583 -16.74 -18.33 -17.08
C LYS A 583 -17.69 -18.53 -18.27
N ILE A 584 -18.93 -18.98 -18.07
CA ILE A 584 -19.89 -19.13 -19.14
C ILE A 584 -21.02 -18.11 -19.01
N GLY A 585 -21.32 -17.68 -17.79
CA GLY A 585 -22.11 -16.46 -17.60
C GLY A 585 -21.43 -15.24 -18.20
N THR A 586 -20.09 -15.23 -18.24
CA THR A 586 -19.37 -14.16 -18.93
C THR A 586 -19.72 -14.14 -20.42
N ILE A 587 -19.79 -15.31 -21.05
CA ILE A 587 -20.22 -15.41 -22.44
C ILE A 587 -21.68 -14.97 -22.59
N TRP A 588 -22.53 -15.33 -21.63
CA TRP A 588 -23.93 -14.93 -21.68
C TRP A 588 -24.10 -13.41 -21.58
N LEU A 589 -23.31 -12.77 -20.72
CA LEU A 589 -23.36 -11.31 -20.63
C LEU A 589 -22.76 -10.62 -21.84
N ILE A 590 -21.74 -11.22 -22.47
CA ILE A 590 -21.24 -10.66 -23.72
C ILE A 590 -22.30 -10.76 -24.82
N TYR A 591 -23.06 -11.86 -24.82
CA TYR A 591 -24.14 -12.01 -25.80
C TYR A 591 -25.28 -11.03 -25.54
N GLU A 592 -25.68 -10.87 -24.28
CA GLU A 592 -26.88 -10.10 -23.97
C GLU A 592 -26.61 -8.65 -23.65
N PHE A 593 -25.37 -8.18 -23.81
CA PHE A 593 -25.10 -6.76 -23.59
C PHE A 593 -25.55 -5.89 -24.75
N GLY A 594 -25.89 -6.49 -25.88
CA GLY A 594 -26.21 -5.75 -27.10
C GLY A 594 -25.18 -5.93 -28.20
N GLU A 595 -24.08 -6.62 -27.93
CA GLU A 595 -23.02 -6.86 -28.89
C GLU A 595 -23.44 -8.04 -29.78
N ILE A 596 -22.59 -8.37 -30.76
CA ILE A 596 -22.72 -9.59 -31.55
C ILE A 596 -22.36 -10.78 -30.65
N ASP A 597 -22.66 -12.00 -31.13
CA ASP A 597 -22.53 -13.21 -30.31
C ASP A 597 -21.10 -13.48 -29.88
N ARG A 598 -20.11 -13.10 -30.71
CA ARG A 598 -18.73 -12.85 -30.32
C ARG A 598 -17.99 -14.07 -29.79
N ALA A 599 -18.36 -14.55 -28.59
CA ALA A 599 -17.63 -15.60 -27.90
C ALA A 599 -18.16 -16.98 -28.20
N VAL A 600 -18.93 -17.15 -29.28
CA VAL A 600 -19.38 -18.46 -29.72
C VAL A 600 -18.20 -19.32 -30.15
N GLU A 601 -17.16 -18.70 -30.72
CA GLU A 601 -15.94 -19.43 -31.06
C GLU A 601 -15.26 -20.00 -29.81
N LEU A 602 -15.21 -19.23 -28.73
CA LEU A 602 -14.66 -19.74 -27.46
C LEU A 602 -15.56 -20.82 -26.87
N PHE A 603 -16.87 -20.67 -27.04
CA PHE A 603 -17.83 -21.66 -26.56
C PHE A 603 -17.63 -23.00 -27.26
N THR A 604 -17.54 -22.97 -28.59
CA THR A 604 -17.25 -24.17 -29.37
C THR A 604 -15.83 -24.68 -29.13
N THR A 605 -14.91 -23.80 -28.72
CA THR A 605 -13.54 -24.22 -28.45
C THR A 605 -13.46 -25.05 -27.17
N HIS A 606 -14.08 -24.59 -26.08
CA HIS A 606 -13.81 -25.24 -24.81
C HIS A 606 -15.06 -25.48 -23.96
N PHE A 607 -16.24 -25.62 -24.58
CA PHE A 607 -17.44 -25.93 -23.81
C PHE A 607 -17.37 -27.36 -23.26
N ILE A 608 -16.92 -28.31 -24.08
CA ILE A 608 -16.78 -29.69 -23.61
C ILE A 608 -15.64 -29.79 -22.59
N GLU A 609 -14.61 -28.96 -22.73
CA GLU A 609 -13.51 -28.94 -21.76
C GLU A 609 -13.96 -28.43 -20.41
N ILE A 610 -14.78 -27.38 -20.39
CA ILE A 610 -15.35 -26.89 -19.13
C ILE A 610 -16.35 -27.90 -18.57
N PHE A 611 -17.09 -28.57 -19.45
CA PHE A 611 -18.13 -29.51 -19.02
C PHE A 611 -17.54 -30.77 -18.39
N GLU A 612 -16.41 -31.26 -18.90
CA GLU A 612 -15.94 -32.59 -18.53
C GLU A 612 -15.21 -32.64 -17.19
N ASN A 613 -14.91 -31.50 -16.57
CA ASN A 613 -14.08 -31.50 -15.36
C ASN A 613 -14.77 -30.75 -14.22
N SER A 614 -16.05 -31.06 -13.99
CA SER A 614 -16.81 -30.49 -12.90
C SER A 614 -17.57 -31.58 -12.16
N GLN A 615 -17.80 -31.35 -10.87
CA GLN A 615 -18.48 -32.31 -10.00
C GLN A 615 -19.85 -31.85 -9.53
N ASN A 616 -19.98 -30.60 -9.10
CA ASN A 616 -21.26 -30.09 -8.64
C ASN A 616 -22.19 -29.79 -9.80
N LYS A 617 -23.49 -29.88 -9.53
CA LYS A 617 -24.51 -29.64 -10.55
C LYS A 617 -25.55 -28.62 -10.10
N ASN A 618 -25.24 -27.84 -9.07
CA ASN A 618 -26.13 -26.77 -8.66
C ASN A 618 -26.01 -25.60 -9.63
N LEU A 619 -27.01 -24.71 -9.60
CA LEU A 619 -26.98 -23.57 -10.51
C LEU A 619 -25.95 -22.51 -10.13
N TYR A 620 -25.36 -22.58 -8.93
CA TYR A 620 -24.43 -21.55 -8.54
C TYR A 620 -23.09 -21.71 -9.24
N SER A 621 -22.46 -22.88 -9.11
CA SER A 621 -21.15 -23.11 -9.68
C SER A 621 -21.06 -24.50 -10.29
N GLY A 622 -22.10 -24.90 -11.02
CA GLY A 622 -22.13 -26.23 -11.61
C GLY A 622 -22.48 -26.25 -13.07
N GLN A 623 -22.67 -27.46 -13.63
CA GLN A 623 -22.88 -27.61 -15.05
C GLN A 623 -24.34 -27.41 -15.48
N ALA A 624 -25.26 -27.29 -14.51
CA ALA A 624 -26.67 -27.07 -14.83
C ALA A 624 -26.87 -25.71 -15.51
N GLY A 625 -26.19 -24.68 -15.00
CA GLY A 625 -26.22 -23.39 -15.67
C GLY A 625 -25.55 -23.40 -17.03
N ILE A 626 -24.52 -24.25 -17.19
CA ILE A 626 -23.86 -24.37 -18.49
C ILE A 626 -24.81 -24.97 -19.51
N LEU A 627 -25.58 -25.98 -19.09
CA LEU A 627 -26.62 -26.52 -19.93
C LEU A 627 -27.73 -25.52 -20.22
N LEU A 628 -28.05 -24.66 -19.23
CA LEU A 628 -29.05 -23.62 -19.47
C LEU A 628 -28.58 -22.64 -20.54
N VAL A 629 -27.30 -22.26 -20.50
CA VAL A 629 -26.73 -21.39 -21.52
C VAL A 629 -26.74 -22.08 -22.88
N GLY A 630 -26.44 -23.39 -22.90
CA GLY A 630 -26.45 -24.14 -24.14
C GLY A 630 -27.83 -24.23 -24.78
N LEU A 631 -28.84 -24.57 -23.99
CA LEU A 631 -30.21 -24.59 -24.51
C LEU A 631 -30.73 -23.21 -24.88
N TYR A 632 -30.27 -22.16 -24.19
CA TYR A 632 -30.62 -20.81 -24.61
C TYR A 632 -30.03 -20.48 -25.98
N PHE A 633 -28.77 -20.88 -26.21
CA PHE A 633 -28.16 -20.58 -27.50
C PHE A 633 -28.73 -21.43 -28.62
N LEU A 634 -29.13 -22.68 -28.33
CA LEU A 634 -29.85 -23.46 -29.33
C LEU A 634 -31.25 -22.90 -29.59
N SER A 635 -31.90 -22.33 -28.58
CA SER A 635 -33.21 -21.72 -28.80
C SER A 635 -33.09 -20.41 -29.57
N LYS A 636 -31.93 -19.75 -29.51
CA LYS A 636 -31.72 -18.56 -30.32
C LYS A 636 -31.62 -18.91 -31.80
N GLY A 637 -31.11 -20.10 -32.13
CA GLY A 637 -31.19 -20.62 -33.47
C GLY A 637 -29.90 -20.73 -34.26
N GLU A 638 -28.75 -20.43 -33.65
CA GLU A 638 -27.48 -20.57 -34.37
C GLU A 638 -26.36 -20.93 -33.39
N ILE A 639 -25.89 -22.18 -33.50
CA ILE A 639 -24.61 -22.55 -32.91
C ILE A 639 -23.70 -23.27 -33.93
N ASP A 640 -24.13 -24.45 -34.38
CA ASP A 640 -23.41 -25.34 -35.28
C ASP A 640 -24.38 -26.47 -35.67
N ASN A 641 -23.87 -27.50 -36.33
CA ASN A 641 -24.68 -28.65 -36.68
C ASN A 641 -24.42 -29.88 -35.81
N LYS A 642 -23.38 -29.85 -34.98
CA LYS A 642 -22.97 -31.05 -34.24
C LYS A 642 -23.09 -30.89 -32.74
N LEU A 643 -22.59 -29.79 -32.17
CA LEU A 643 -22.64 -29.59 -30.73
C LEU A 643 -24.06 -29.37 -30.22
N GLY A 644 -24.97 -28.94 -31.09
CA GLY A 644 -26.38 -28.93 -30.72
C GLY A 644 -26.92 -30.32 -30.47
N GLU A 645 -26.43 -31.32 -31.20
CA GLU A 645 -26.76 -32.70 -30.90
C GLU A 645 -26.01 -33.19 -29.67
N GLU A 646 -24.79 -32.70 -29.44
CA GLU A 646 -23.99 -33.13 -28.30
C GLU A 646 -24.59 -32.67 -26.98
N ILE A 647 -25.13 -31.45 -26.95
CA ILE A 647 -25.79 -30.92 -25.76
C ILE A 647 -27.02 -31.74 -25.43
N LEU A 648 -27.80 -32.11 -26.45
CA LEU A 648 -28.98 -32.94 -26.23
C LEU A 648 -28.62 -34.35 -25.81
N ILE A 649 -27.57 -34.94 -26.40
CA ILE A 649 -27.16 -36.29 -26.03
C ILE A 649 -26.44 -36.35 -24.69
N ARG A 650 -26.01 -35.20 -24.15
CA ARG A 650 -25.51 -35.18 -22.79
C ARG A 650 -26.61 -34.92 -21.77
N LEU A 651 -27.54 -34.02 -22.09
CA LEU A 651 -28.67 -33.75 -21.20
C LEU A 651 -29.58 -34.97 -21.11
N ARG A 652 -29.73 -35.72 -22.19
CA ARG A 652 -30.17 -37.09 -22.07
C ARG A 652 -29.06 -37.90 -21.40
N GLU A 653 -29.45 -38.66 -20.38
CA GLU A 653 -28.68 -39.37 -19.35
C GLU A 653 -28.08 -38.44 -18.30
N TYR A 654 -28.02 -37.12 -18.54
CA TYR A 654 -27.86 -36.21 -17.41
C TYR A 654 -29.14 -36.16 -16.60
N THR A 655 -30.29 -36.21 -17.29
CA THR A 655 -31.57 -36.35 -16.60
C THR A 655 -31.68 -37.72 -15.95
N LEU A 656 -31.18 -38.76 -16.61
CA LEU A 656 -31.39 -40.13 -16.12
C LEU A 656 -30.53 -40.46 -14.91
N ASN A 657 -29.30 -39.94 -14.85
CA ASN A 657 -28.48 -40.13 -13.66
C ASN A 657 -29.09 -39.43 -12.45
N TYR A 658 -29.82 -38.35 -12.67
CA TYR A 658 -30.57 -37.69 -11.60
C TYR A 658 -31.81 -38.48 -11.23
N ILE A 659 -32.52 -39.03 -12.23
CA ILE A 659 -33.79 -39.71 -11.97
C ILE A 659 -33.56 -41.01 -11.21
N GLU A 660 -32.60 -41.82 -11.66
CA GLU A 660 -32.30 -43.05 -10.94
C GLU A 660 -31.56 -42.82 -9.63
N ASN A 661 -30.82 -41.71 -9.49
CA ASN A 661 -30.09 -41.37 -8.27
C ASN A 661 -30.10 -39.87 -8.03
N PRO A 662 -31.09 -39.36 -7.27
CA PRO A 662 -31.11 -37.92 -6.96
C PRO A 662 -30.17 -37.51 -5.83
N GLU A 663 -29.52 -38.47 -5.16
CA GLU A 663 -28.71 -38.15 -4.00
C GLU A 663 -27.41 -37.45 -4.39
N THR A 664 -26.89 -37.75 -5.59
CA THR A 664 -25.60 -37.20 -5.99
C THR A 664 -25.71 -35.71 -6.35
N PHE A 665 -26.80 -35.32 -7.02
CA PHE A 665 -26.90 -33.96 -7.52
C PHE A 665 -27.22 -32.94 -6.44
N CYS A 666 -27.87 -33.35 -5.36
CA CYS A 666 -28.34 -32.40 -4.35
C CYS A 666 -28.48 -33.11 -3.02
N LYS A 667 -28.54 -32.33 -1.96
CA LYS A 667 -28.77 -32.83 -0.61
C LYS A 667 -30.16 -32.44 -0.15
N VAL A 668 -30.97 -33.44 0.19
CA VAL A 668 -32.28 -33.21 0.77
C VAL A 668 -32.14 -33.15 2.28
N GLY A 669 -33.07 -32.49 2.93
CA GLY A 669 -33.07 -32.33 4.37
C GLY A 669 -32.88 -30.89 4.77
N ALA A 670 -32.93 -30.66 6.09
CA ALA A 670 -32.87 -29.33 6.64
C ALA A 670 -31.53 -28.98 7.28
N SER A 671 -30.80 -29.99 7.77
CA SER A 671 -29.49 -29.88 8.41
C SER A 671 -29.48 -29.01 9.66
N ASP A 672 -28.30 -28.82 10.26
CA ASP A 672 -28.14 -27.98 11.45
C ASP A 672 -27.01 -27.00 11.18
N VAL A 673 -27.33 -25.92 10.47
CA VAL A 673 -26.37 -24.87 10.13
C VAL A 673 -27.09 -23.53 10.24
N GLN A 674 -26.55 -22.63 11.04
CA GLN A 674 -27.03 -21.25 11.11
C GLN A 674 -25.85 -20.41 10.61
N SER A 675 -25.92 -19.96 9.36
CA SER A 675 -24.82 -19.24 8.76
C SER A 675 -25.36 -18.35 7.64
N ASN A 676 -24.44 -17.65 6.97
CA ASN A 676 -24.81 -16.80 5.85
C ASN A 676 -23.80 -16.92 4.71
N ASP A 677 -22.83 -17.83 4.80
CA ASP A 677 -21.85 -18.00 3.74
C ASP A 677 -22.50 -18.67 2.53
N PRO A 678 -22.19 -18.22 1.31
CA PRO A 678 -22.85 -18.78 0.13
C PRO A 678 -22.51 -20.23 -0.16
N TYR A 679 -21.34 -20.70 0.24
CA TYR A 679 -20.93 -22.07 -0.08
C TYR A 679 -21.43 -23.10 0.92
N GLU A 680 -22.08 -22.67 2.01
CA GLU A 680 -22.52 -23.58 3.06
C GLU A 680 -24.01 -23.90 2.97
N ASN A 681 -24.85 -22.88 2.80
CA ASN A 681 -26.30 -23.05 2.84
C ASN A 681 -26.85 -23.78 1.60
N PHE A 682 -27.06 -25.08 1.76
CA PHE A 682 -27.64 -25.91 0.71
C PHE A 682 -29.13 -25.61 0.57
N GLY A 683 -29.70 -26.08 -0.54
CA GLY A 683 -31.13 -26.00 -0.75
C GLY A 683 -31.57 -24.65 -1.26
N GLY A 684 -32.86 -24.57 -1.61
CA GLY A 684 -33.42 -23.36 -2.16
C GLY A 684 -33.33 -23.32 -3.66
N LEU A 685 -33.79 -22.20 -4.23
CA LEU A 685 -33.83 -22.05 -5.68
C LEU A 685 -32.43 -21.95 -6.28
N LEU A 686 -31.60 -21.09 -5.72
CA LEU A 686 -30.27 -20.90 -6.29
C LEU A 686 -29.27 -21.90 -5.73
N TYR A 687 -29.10 -21.91 -4.41
CA TYR A 687 -27.99 -22.63 -3.77
C TYR A 687 -28.39 -24.05 -3.42
N GLY A 688 -28.93 -24.80 -4.38
CA GLY A 688 -29.40 -26.14 -4.05
C GLY A 688 -30.22 -26.85 -5.11
N HIS A 689 -31.35 -27.40 -4.71
CA HIS A 689 -32.10 -28.37 -5.50
C HIS A 689 -33.25 -27.78 -6.31
N ALA A 690 -33.87 -26.70 -5.85
CA ALA A 690 -35.08 -26.21 -6.49
C ALA A 690 -34.83 -25.55 -7.84
N GLY A 691 -33.57 -25.26 -8.19
CA GLY A 691 -33.27 -24.74 -9.51
C GLY A 691 -33.03 -25.77 -10.57
N VAL A 692 -33.01 -27.05 -10.21
CA VAL A 692 -32.83 -28.13 -11.19
C VAL A 692 -34.06 -28.22 -12.09
N ALA A 693 -35.25 -28.00 -11.53
CA ALA A 693 -36.48 -28.10 -12.30
C ALA A 693 -36.65 -26.97 -13.31
N TRP A 694 -35.88 -25.89 -13.17
CA TRP A 694 -35.90 -24.83 -14.18
C TRP A 694 -35.37 -25.34 -15.52
N LEU A 695 -34.33 -26.19 -15.47
CA LEU A 695 -33.82 -26.84 -16.68
C LEU A 695 -34.87 -27.74 -17.32
N PHE A 696 -35.60 -28.49 -16.50
CA PHE A 696 -36.63 -29.38 -17.02
C PHE A 696 -37.77 -28.60 -17.64
N GLY A 697 -38.12 -27.45 -17.03
CA GLY A 697 -39.14 -26.59 -17.62
C GLY A 697 -38.71 -25.99 -18.95
N GLU A 698 -37.47 -25.52 -19.04
CA GLU A 698 -36.96 -24.99 -20.31
C GLU A 698 -36.88 -26.07 -21.38
N ALA A 699 -36.44 -27.27 -21.00
CA ALA A 699 -36.34 -28.37 -21.95
C ALA A 699 -37.71 -28.85 -22.43
N TYR A 700 -38.71 -28.85 -21.53
CA TYR A 700 -40.06 -29.20 -21.97
C TYR A 700 -40.66 -28.11 -22.83
N LYS A 701 -40.36 -26.84 -22.55
CA LYS A 701 -40.84 -25.77 -23.41
C LYS A 701 -40.11 -25.73 -24.75
N LEU A 702 -38.94 -26.37 -24.86
CA LEU A 702 -38.26 -26.46 -26.15
C LEU A 702 -38.63 -27.74 -26.87
N THR A 703 -38.41 -28.89 -26.24
CA THR A 703 -38.64 -30.18 -26.88
C THR A 703 -40.09 -30.62 -26.83
N GLY A 704 -40.69 -30.62 -25.64
CA GLY A 704 -42.05 -31.11 -25.48
C GLY A 704 -42.16 -32.62 -25.39
N GLU A 705 -41.58 -33.20 -24.33
CA GLU A 705 -41.69 -34.63 -24.10
C GLU A 705 -41.89 -34.88 -22.61
N SER A 706 -42.36 -36.09 -22.29
CA SER A 706 -42.91 -36.37 -20.97
C SER A 706 -41.86 -36.55 -19.87
N ILE A 707 -40.65 -37.00 -20.23
CA ILE A 707 -39.65 -37.35 -19.22
C ILE A 707 -39.14 -36.10 -18.51
N TYR A 708 -39.03 -34.98 -19.22
CA TYR A 708 -38.65 -33.72 -18.59
C TYR A 708 -39.71 -33.24 -17.61
N LYS A 709 -40.99 -33.40 -17.97
CA LYS A 709 -42.07 -33.06 -17.06
C LYS A 709 -42.06 -33.93 -15.82
N ASN A 710 -41.80 -35.24 -15.99
CA ASN A 710 -41.70 -36.14 -14.85
C ASN A 710 -40.52 -35.78 -13.95
N GLY A 711 -39.39 -35.39 -14.55
CA GLY A 711 -38.25 -34.95 -13.76
C GLY A 711 -38.55 -33.69 -12.98
N LEU A 712 -39.31 -32.76 -13.58
CA LEU A 712 -39.73 -31.56 -12.86
C LEU A 712 -40.67 -31.89 -11.71
N GLU A 713 -41.62 -32.82 -11.93
CA GLU A 713 -42.55 -33.20 -10.87
C GLU A 713 -41.83 -33.86 -9.71
N LEU A 714 -40.88 -34.75 -10.00
CA LEU A 714 -40.08 -35.35 -8.93
C LEU A 714 -39.17 -34.33 -8.23
N ALA A 715 -38.67 -33.33 -8.97
CA ALA A 715 -37.87 -32.29 -8.34
C ALA A 715 -38.68 -31.45 -7.36
N VAL A 716 -39.90 -31.06 -7.76
CA VAL A 716 -40.76 -30.30 -6.85
C VAL A 716 -41.22 -31.16 -5.69
N ASP A 717 -41.44 -32.47 -5.93
CA ASP A 717 -41.84 -33.38 -4.86
C ASP A 717 -40.73 -33.57 -3.83
N LYS A 718 -39.48 -33.71 -4.28
CA LYS A 718 -38.39 -33.97 -3.35
C LYS A 718 -37.73 -32.70 -2.82
N GLU A 719 -38.09 -31.52 -3.32
CA GLU A 719 -37.57 -30.31 -2.70
C GLU A 719 -38.41 -29.85 -1.52
N LEU A 720 -39.70 -30.17 -1.50
CA LEU A 720 -40.61 -29.68 -0.47
C LEU A 720 -40.57 -30.50 0.82
N VAL A 721 -39.58 -31.39 0.97
CA VAL A 721 -39.46 -32.17 2.20
C VAL A 721 -39.03 -31.26 3.36
N ALA A 722 -38.05 -30.40 3.12
CA ALA A 722 -37.47 -29.57 4.18
C ALA A 722 -38.20 -28.23 4.29
N TYR A 723 -39.50 -28.31 4.54
CA TYR A 723 -40.33 -27.12 4.72
C TYR A 723 -41.26 -27.36 5.90
N LYS A 724 -40.91 -26.80 7.06
CA LYS A 724 -41.70 -26.96 8.27
C LYS A 724 -42.82 -25.92 8.32
N VAL A 725 -44.01 -26.38 8.70
CA VAL A 725 -45.19 -25.54 8.74
C VAL A 725 -45.12 -24.62 9.96
N ASP A 726 -45.47 -23.35 9.77
CA ASP A 726 -45.50 -22.36 10.83
C ASP A 726 -46.70 -22.63 11.75
N SER A 727 -46.84 -21.80 12.80
CA SER A 727 -48.04 -21.84 13.63
C SER A 727 -49.27 -21.46 12.82
N ASN A 728 -49.17 -20.43 12.00
CA ASN A 728 -50.16 -20.19 10.97
C ASN A 728 -49.89 -21.10 9.78
N ASN A 729 -50.89 -21.21 8.90
CA ASN A 729 -50.73 -22.06 7.73
C ASN A 729 -49.79 -21.42 6.72
N SER A 730 -48.50 -21.77 6.81
CA SER A 730 -47.49 -21.19 5.94
C SER A 730 -46.34 -22.17 5.78
N LEU A 731 -45.79 -22.25 4.58
CA LEU A 731 -44.64 -23.10 4.32
C LEU A 731 -43.36 -22.28 4.47
N GLN A 732 -42.43 -22.77 5.28
CA GLN A 732 -41.24 -22.03 5.65
C GLN A 732 -40.03 -22.93 5.55
N TYR A 733 -38.96 -22.43 4.94
CA TYR A 733 -37.69 -23.15 4.98
C TYR A 733 -37.01 -22.91 6.31
N SER A 734 -36.51 -23.98 6.91
CA SER A 734 -35.97 -23.92 8.26
C SER A 734 -34.68 -24.72 8.37
N GLN A 735 -33.63 -24.06 8.86
CA GLN A 735 -32.41 -24.73 9.27
C GLN A 735 -32.02 -24.23 10.65
N GLY A 736 -31.65 -25.17 11.54
CA GLY A 736 -31.40 -24.81 12.92
C GLY A 736 -32.69 -24.39 13.62
N HIS A 737 -32.61 -23.28 14.36
CA HIS A 737 -33.77 -22.69 15.00
C HIS A 737 -34.35 -21.53 14.21
N ARG A 738 -33.80 -21.23 13.03
CA ARG A 738 -34.19 -20.07 12.25
C ARG A 738 -35.13 -20.47 11.12
N LEU A 739 -35.97 -19.52 10.72
CA LEU A 739 -36.86 -19.68 9.57
C LEU A 739 -36.33 -18.82 8.42
N LEU A 740 -36.49 -19.32 7.20
CA LEU A 740 -35.96 -18.66 6.01
C LEU A 740 -37.07 -18.48 4.97
N PRO A 741 -37.89 -17.44 5.10
CA PRO A 741 -38.82 -17.10 4.00
C PRO A 741 -38.19 -16.10 3.04
N TYR A 742 -37.19 -16.54 2.28
CA TYR A 742 -36.45 -15.63 1.40
C TYR A 742 -36.44 -16.18 -0.01
N LEU A 743 -35.62 -15.61 -0.89
CA LEU A 743 -35.62 -16.06 -2.28
C LEU A 743 -34.58 -17.14 -2.55
N ALA A 744 -33.32 -16.91 -2.17
CA ALA A 744 -32.26 -17.82 -2.58
C ALA A 744 -32.32 -19.13 -1.79
N THR A 745 -32.06 -19.07 -0.50
CA THR A 745 -32.23 -20.24 0.37
C THR A 745 -33.56 -20.17 1.11
N GLY A 746 -34.65 -20.07 0.35
CA GLY A 746 -35.92 -19.83 0.99
C GLY A 746 -37.16 -20.30 0.26
N SER A 747 -38.27 -19.60 0.50
CA SER A 747 -39.58 -20.04 0.03
C SER A 747 -40.09 -19.26 -1.17
N ALA A 748 -39.64 -18.03 -1.37
CA ALA A 748 -40.11 -17.26 -2.53
C ALA A 748 -39.54 -17.78 -3.84
N GLY A 749 -38.45 -18.55 -3.78
CA GLY A 749 -37.91 -19.14 -4.99
C GLY A 749 -38.81 -20.19 -5.61
N LEU A 750 -39.50 -20.97 -4.77
CA LEU A 750 -40.40 -22.00 -5.27
C LEU A 750 -41.63 -21.40 -5.94
N LEU A 751 -42.01 -20.18 -5.54
CA LEU A 751 -43.21 -19.59 -6.11
C LEU A 751 -42.97 -19.15 -7.55
N LEU A 752 -41.73 -18.78 -7.89
CA LEU A 752 -41.37 -18.52 -9.29
C LEU A 752 -41.53 -19.78 -10.14
N LEU A 753 -41.01 -20.91 -9.64
CA LEU A 753 -41.05 -22.16 -10.38
C LEU A 753 -42.47 -22.67 -10.54
N ILE A 754 -43.31 -22.47 -9.52
CA ILE A 754 -44.70 -22.90 -9.62
C ILE A 754 -45.49 -21.96 -10.52
N ASN A 755 -45.31 -20.65 -10.36
CA ASN A 755 -46.15 -19.68 -11.05
C ASN A 755 -45.82 -19.52 -12.52
N ARG A 756 -44.55 -19.69 -12.90
CA ARG A 756 -44.20 -19.53 -14.32
C ARG A 756 -44.74 -20.69 -15.15
N ASN A 757 -44.51 -21.92 -14.71
CA ASN A 757 -44.95 -23.10 -15.45
C ASN A 757 -46.33 -23.56 -14.96
N LYS A 758 -47.30 -22.63 -15.04
CA LYS A 758 -48.63 -22.89 -14.50
C LYS A 758 -49.41 -23.85 -15.38
N GLU A 759 -49.32 -23.70 -16.70
CA GLU A 759 -50.05 -24.59 -17.60
C GLU A 759 -49.39 -25.97 -17.69
N ILE A 760 -48.07 -26.03 -17.52
CA ILE A 760 -47.37 -27.31 -17.55
C ILE A 760 -47.70 -28.13 -16.31
N LEU A 761 -47.70 -27.49 -15.14
CA LEU A 761 -47.98 -28.17 -13.89
C LEU A 761 -49.45 -28.57 -13.79
N SER A 762 -49.68 -29.68 -13.10
CA SER A 762 -51.04 -30.16 -12.83
C SER A 762 -51.66 -29.37 -11.69
N SER A 763 -52.92 -29.66 -11.40
CA SER A 763 -53.64 -28.94 -10.36
C SER A 763 -53.27 -29.38 -8.95
N LYS A 764 -52.50 -30.47 -8.80
CA LYS A 764 -52.16 -30.94 -7.47
C LYS A 764 -51.12 -30.05 -6.81
N TYR A 765 -50.17 -29.53 -7.58
CA TYR A 765 -49.16 -28.62 -7.04
C TYR A 765 -49.57 -27.16 -7.11
N LEU A 766 -50.72 -26.86 -7.72
CA LEU A 766 -51.14 -25.46 -7.84
C LEU A 766 -51.85 -24.94 -6.60
N LYS A 767 -52.16 -25.81 -5.64
CA LYS A 767 -52.87 -25.40 -4.43
C LYS A 767 -51.93 -24.87 -3.35
N TYR A 768 -50.62 -24.89 -3.58
CA TYR A 768 -49.68 -24.34 -2.61
C TYR A 768 -49.49 -22.83 -2.76
N LEU A 769 -50.04 -22.23 -3.81
CA LEU A 769 -49.85 -20.80 -4.04
C LEU A 769 -50.55 -19.98 -2.98
N THR A 770 -51.71 -20.41 -2.52
CA THR A 770 -52.46 -19.67 -1.51
C THR A 770 -51.79 -19.74 -0.13
N SER A 771 -50.90 -20.70 0.10
CA SER A 771 -50.15 -20.74 1.34
C SER A 771 -48.81 -20.02 1.22
N LEU A 772 -48.12 -20.17 0.08
CA LEU A 772 -46.87 -19.44 -0.12
C LEU A 772 -47.08 -17.94 -0.31
N GLU A 773 -48.26 -17.51 -0.73
CA GLU A 773 -48.54 -16.07 -0.76
C GLU A 773 -48.66 -15.51 0.65
N ARG A 774 -49.21 -16.29 1.58
CA ARG A 774 -49.24 -15.86 2.98
C ARG A 774 -47.85 -15.93 3.60
N ALA A 775 -47.08 -16.97 3.26
CA ALA A 775 -45.75 -17.14 3.82
C ALA A 775 -44.79 -16.05 3.35
N THR A 776 -44.87 -15.66 2.08
CA THR A 776 -44.07 -14.57 1.55
C THR A 776 -44.80 -13.24 1.62
N ASP A 777 -45.30 -12.91 2.81
CA ASP A 777 -45.96 -11.62 3.04
C ASP A 777 -45.68 -11.22 4.48
N VAL A 778 -44.62 -10.42 4.65
CA VAL A 778 -44.23 -9.93 5.96
C VAL A 778 -44.21 -8.40 5.91
N VAL A 779 -44.43 -7.78 7.07
CA VAL A 779 -44.33 -6.33 7.18
C VAL A 779 -42.93 -5.88 7.53
N PHE A 780 -41.99 -6.81 7.67
CA PHE A 780 -40.67 -6.48 8.18
C PHE A 780 -39.62 -7.47 7.68
N CYS A 781 -38.44 -6.95 7.34
CA CYS A 781 -37.27 -7.76 7.08
C CYS A 781 -36.06 -7.07 7.69
N VAL A 782 -34.96 -7.81 7.79
CA VAL A 782 -33.76 -7.31 8.47
C VAL A 782 -32.70 -6.98 7.43
N LEU A 783 -32.76 -7.64 6.27
CA LEU A 783 -31.74 -7.44 5.25
C LEU A 783 -32.35 -6.82 4.00
N PRO A 784 -31.70 -5.80 3.42
CA PRO A 784 -32.19 -5.19 2.17
C PRO A 784 -31.55 -5.79 0.92
N GLY A 785 -31.96 -7.02 0.59
CA GLY A 785 -31.39 -7.71 -0.56
C GLY A 785 -32.40 -8.43 -1.42
N LEU A 786 -31.93 -9.23 -2.37
CA LEU A 786 -32.84 -9.96 -3.25
C LEU A 786 -32.51 -11.45 -3.26
N PHE A 787 -31.24 -11.80 -3.07
CA PHE A 787 -30.93 -13.21 -2.78
C PHE A 787 -31.45 -13.57 -1.40
N ASN A 788 -30.94 -12.89 -0.38
CA ASN A 788 -31.40 -13.06 1.00
C ASN A 788 -31.74 -11.69 1.63
N GLY A 789 -32.90 -11.17 1.26
CA GLY A 789 -33.34 -9.89 1.76
C GLY A 789 -34.80 -9.57 1.51
N PHE A 790 -35.08 -8.32 1.12
CA PHE A 790 -36.44 -7.86 0.92
C PHE A 790 -36.85 -7.78 -0.54
N CYS A 791 -35.95 -7.28 -1.41
CA CYS A 791 -36.31 -7.02 -2.81
C CYS A 791 -36.66 -8.30 -3.55
N GLY A 792 -36.14 -9.44 -3.09
CA GLY A 792 -36.55 -10.72 -3.63
C GLY A 792 -37.90 -11.20 -3.15
N LEU A 793 -38.43 -10.60 -2.08
CA LEU A 793 -39.72 -11.05 -1.57
C LEU A 793 -40.90 -10.37 -2.23
N GLU A 794 -40.71 -9.21 -2.85
CA GLU A 794 -41.77 -8.62 -3.65
C GLU A 794 -41.27 -8.37 -5.07
N VAL A 795 -40.48 -9.31 -5.59
CA VAL A 795 -40.41 -9.55 -7.02
C VAL A 795 -41.11 -10.86 -7.34
N ALA A 796 -41.26 -11.75 -6.36
CA ALA A 796 -42.04 -12.97 -6.53
C ALA A 796 -43.53 -12.69 -6.56
N ASN A 797 -43.97 -11.60 -5.94
CA ASN A 797 -45.40 -11.31 -5.86
C ASN A 797 -45.98 -10.93 -7.22
N ASN A 798 -45.27 -10.09 -7.97
CA ASN A 798 -45.74 -9.65 -9.29
C ASN A 798 -44.62 -9.85 -10.30
N ILE A 799 -44.51 -11.06 -10.85
CA ILE A 799 -43.61 -11.28 -11.98
C ILE A 799 -44.37 -11.97 -13.12
N TYR A 800 -45.36 -12.79 -12.77
CA TYR A 800 -46.19 -13.48 -13.76
C TYR A 800 -47.57 -13.68 -13.12
N SER A 801 -48.46 -12.73 -13.34
CA SER A 801 -49.81 -12.92 -12.83
C SER A 801 -50.71 -13.52 -13.90
N ASP A 802 -50.97 -12.70 -14.93
CA ASP A 802 -51.93 -12.80 -16.04
C ASP A 802 -52.34 -11.38 -16.42
N ILE A 803 -52.61 -10.57 -15.40
CA ILE A 803 -53.14 -9.22 -15.57
C ILE A 803 -52.09 -8.22 -15.10
N ASP A 804 -51.92 -7.14 -15.87
CA ASP A 804 -50.93 -6.12 -15.53
C ASP A 804 -51.47 -5.25 -14.41
N ASP A 805 -50.94 -5.43 -13.19
CA ASP A 805 -51.29 -4.65 -12.01
C ASP A 805 -50.02 -4.23 -11.27
N ASN A 806 -49.08 -3.66 -12.02
CA ASN A 806 -47.73 -3.43 -11.50
C ASN A 806 -47.66 -2.28 -10.51
N PHE A 807 -48.68 -1.41 -10.49
CA PHE A 807 -48.56 -0.11 -9.82
C PHE A 807 -48.54 -0.26 -8.30
N SER A 808 -49.40 -1.11 -7.74
CA SER A 808 -49.48 -1.25 -6.29
C SER A 808 -48.25 -1.95 -5.73
N GLY A 809 -47.78 -3.00 -6.40
CA GLY A 809 -46.57 -3.68 -5.98
C GLY A 809 -45.35 -2.79 -6.09
N GLN A 810 -45.28 -1.99 -7.15
CA GLN A 810 -44.20 -1.00 -7.29
C GLN A 810 -44.26 0.04 -6.18
N LYS A 811 -45.46 0.50 -5.82
CA LYS A 811 -45.63 1.48 -4.76
C LYS A 811 -45.15 0.95 -3.42
N LYS A 812 -45.51 -0.31 -3.10
CA LYS A 812 -45.05 -0.92 -1.86
C LYS A 812 -43.54 -1.12 -1.86
N LEU A 813 -42.98 -1.53 -3.01
CA LEU A 813 -41.53 -1.73 -3.10
C LEU A 813 -40.76 -0.43 -2.90
N ILE A 814 -41.22 0.66 -3.52
CA ILE A 814 -40.51 1.93 -3.40
C ILE A 814 -40.68 2.52 -2.00
N GLU A 815 -41.84 2.33 -1.37
CA GLU A 815 -42.04 2.83 0.00
C GLU A 815 -41.13 2.11 1.00
N GLN A 816 -41.10 0.78 0.94
CA GLN A 816 -40.25 0.08 1.89
C GLN A 816 -38.77 0.14 1.52
N LEU A 817 -38.46 0.46 0.27
CA LEU A 817 -37.07 0.75 -0.06
C LEU A 817 -36.65 2.10 0.48
N TYR A 818 -37.55 3.11 0.45
CA TYR A 818 -37.32 4.36 1.18
C TYR A 818 -37.13 4.12 2.68
N ARG A 819 -37.79 3.11 3.23
CA ARG A 819 -37.47 2.70 4.59
C ARG A 819 -36.02 2.21 4.68
N TYR A 820 -35.56 1.44 3.69
CA TYR A 820 -34.21 0.86 3.79
C TYR A 820 -33.07 1.71 3.22
N LEU A 821 -33.32 2.70 2.35
CA LEU A 821 -32.20 3.32 1.65
C LEU A 821 -31.39 4.27 2.53
N CYS A 822 -30.26 4.71 1.98
CA CYS A 822 -29.44 5.79 2.52
C CYS A 822 -29.16 6.77 1.40
N VAL A 823 -29.01 8.05 1.76
CA VAL A 823 -29.04 9.15 0.80
C VAL A 823 -27.65 9.79 0.73
N ILE A 824 -27.15 9.97 -0.49
CA ILE A 824 -25.98 10.81 -0.76
C ILE A 824 -26.34 11.78 -1.89
N GLU A 825 -26.11 13.07 -1.64
CA GLU A 825 -26.34 14.17 -2.58
C GLU A 825 -27.76 14.21 -3.13
N GLU A 826 -27.89 14.19 -4.45
CA GLU A 826 -29.16 14.03 -5.12
C GLU A 826 -29.44 12.57 -5.46
N GLY A 827 -28.41 11.73 -5.47
CA GLY A 827 -28.56 10.33 -5.79
C GLY A 827 -28.89 9.49 -4.57
N PHE A 828 -28.62 8.18 -4.69
CA PHE A 828 -28.93 7.23 -3.64
C PHE A 828 -27.92 6.09 -3.67
N VAL A 829 -27.69 5.50 -2.49
CA VAL A 829 -26.92 4.28 -2.34
C VAL A 829 -27.77 3.28 -1.57
N ILE A 830 -27.26 2.06 -1.41
CA ILE A 830 -27.95 1.04 -0.64
C ILE A 830 -26.91 0.34 0.23
N ALA A 831 -27.39 -0.28 1.30
CA ALA A 831 -26.55 -1.05 2.20
C ALA A 831 -26.72 -2.54 1.92
N GLY A 832 -25.62 -3.29 1.97
CA GLY A 832 -25.63 -4.70 1.68
C GLY A 832 -25.94 -5.54 2.90
N ASP A 833 -25.69 -6.85 2.76
CA ASP A 833 -25.80 -7.78 3.87
C ASP A 833 -24.75 -7.47 4.92
N ASN A 834 -25.10 -7.67 6.20
CA ASN A 834 -24.32 -7.25 7.37
C ASN A 834 -24.03 -5.77 7.24
N GLY A 835 -25.08 -4.95 7.26
CA GLY A 835 -24.96 -3.56 6.86
C GLY A 835 -24.15 -2.68 7.78
N LEU A 836 -22.92 -2.40 7.36
CA LEU A 836 -22.07 -1.36 7.94
C LEU A 836 -21.36 -0.59 6.84
N LYS A 837 -21.71 -0.83 5.58
CA LYS A 837 -20.93 -0.42 4.43
C LYS A 837 -21.88 -0.13 3.29
N ILE A 838 -21.32 0.16 2.11
CA ILE A 838 -22.09 0.34 0.89
C ILE A 838 -21.53 -0.62 -0.14
N THR A 839 -22.37 -1.55 -0.62
CA THR A 839 -22.00 -2.52 -1.64
C THR A 839 -22.91 -2.35 -2.85
N THR A 840 -22.32 -2.44 -4.04
CA THR A 840 -23.05 -2.29 -5.30
C THR A 840 -22.78 -3.49 -6.20
N ASP A 841 -23.63 -4.50 -6.11
CA ASP A 841 -23.53 -5.68 -6.97
C ASP A 841 -24.93 -6.26 -7.18
N ILE A 842 -24.98 -7.51 -7.62
CA ILE A 842 -26.23 -8.20 -7.90
C ILE A 842 -26.61 -9.08 -6.70
N ALA A 843 -25.82 -9.03 -5.62
CA ALA A 843 -26.15 -9.71 -4.38
C ALA A 843 -26.28 -8.65 -3.29
N SER A 844 -27.51 -8.15 -3.11
CA SER A 844 -27.87 -7.09 -2.15
C SER A 844 -27.06 -5.82 -2.40
N GLY A 845 -27.28 -5.26 -3.58
CA GLY A 845 -26.58 -4.06 -4.02
C GLY A 845 -27.43 -3.27 -4.98
N PHE A 846 -26.78 -2.42 -5.77
CA PHE A 846 -27.51 -1.56 -6.70
C PHE A 846 -28.05 -2.34 -7.88
N ALA A 847 -27.27 -3.29 -8.39
CA ALA A 847 -27.69 -4.04 -9.58
C ALA A 847 -28.87 -4.95 -9.29
N GLY A 848 -28.96 -5.46 -8.06
CA GLY A 848 -30.09 -6.30 -7.70
C GLY A 848 -31.40 -5.55 -7.65
N VAL A 849 -31.41 -4.37 -7.03
CA VAL A 849 -32.63 -3.58 -7.02
C VAL A 849 -32.89 -2.98 -8.40
N ALA A 850 -31.84 -2.82 -9.21
CA ALA A 850 -32.01 -2.39 -10.60
C ALA A 850 -32.76 -3.43 -11.41
N ILE A 851 -32.36 -4.70 -11.33
CA ILE A 851 -33.07 -5.72 -12.09
C ILE A 851 -34.41 -6.05 -11.46
N GLY A 852 -34.59 -5.80 -10.15
CA GLY A 852 -35.91 -5.90 -9.57
C GLY A 852 -36.87 -4.85 -10.12
N LEU A 853 -36.41 -3.61 -10.24
CA LEU A 853 -37.21 -2.57 -10.87
C LEU A 853 -37.34 -2.74 -12.37
N VAL A 854 -36.47 -3.54 -13.01
CA VAL A 854 -36.71 -3.91 -14.40
C VAL A 854 -37.85 -4.93 -14.49
N SER A 855 -37.71 -6.05 -13.78
CA SER A 855 -38.64 -7.16 -13.91
C SER A 855 -39.97 -6.92 -13.22
N ILE A 856 -40.10 -5.86 -12.41
CA ILE A 856 -41.37 -5.62 -11.75
C ILE A 856 -42.45 -5.15 -12.73
N MET A 857 -42.07 -4.53 -13.85
CA MET A 857 -43.05 -4.28 -14.90
C MET A 857 -42.70 -4.92 -16.23
N ASP A 858 -41.45 -5.37 -16.43
CA ASP A 858 -41.12 -6.02 -17.69
C ASP A 858 -41.58 -7.47 -17.74
N ASN A 859 -41.90 -8.06 -16.57
CA ASN A 859 -42.46 -9.40 -16.43
C ASN A 859 -41.57 -10.48 -17.06
N LYS A 860 -40.28 -10.44 -16.74
CA LYS A 860 -39.40 -11.43 -17.33
C LYS A 860 -38.54 -12.17 -16.30
N LEU A 861 -38.11 -11.49 -15.23
CA LEU A 861 -37.06 -11.96 -14.32
C LEU A 861 -35.78 -12.29 -15.10
N THR A 862 -35.16 -11.21 -15.59
CA THR A 862 -34.05 -11.29 -16.53
C THR A 862 -32.78 -11.90 -15.95
N ILE A 863 -32.70 -12.09 -14.63
CA ILE A 863 -31.51 -12.67 -14.01
C ILE A 863 -31.29 -14.12 -14.47
N LEU A 864 -32.35 -14.85 -14.78
CA LEU A 864 -32.19 -16.22 -15.20
C LEU A 864 -32.60 -16.35 -16.67
N PRO A 865 -31.82 -17.03 -17.50
CA PRO A 865 -32.11 -17.08 -18.94
C PRO A 865 -33.31 -17.96 -19.24
N GLN A 866 -34.33 -17.38 -19.84
CA GLN A 866 -35.54 -18.08 -20.23
C GLN A 866 -35.43 -18.54 -21.68
N ILE A 867 -36.52 -19.05 -22.23
CA ILE A 867 -36.56 -19.50 -23.62
C ILE A 867 -36.71 -18.30 -24.55
N UNK B 1 -4.09 -22.72 46.48
CA UNK B 1 -3.19 -21.99 45.63
C UNK B 1 -2.25 -22.85 44.78
N UNK B 2 -2.48 -24.17 44.66
CA UNK B 2 -1.64 -24.97 43.77
C UNK B 2 -2.24 -26.11 42.97
N UNK B 3 -3.12 -25.90 41.99
CA UNK B 3 -3.56 -26.98 41.08
C UNK B 3 -2.49 -26.83 40.03
N UNK B 4 -2.45 -27.64 38.97
CA UNK B 4 -1.46 -27.38 37.91
C UNK B 4 -1.39 -28.12 36.59
N UNK B 5 -1.68 -29.39 36.58
CA UNK B 5 -1.38 -30.13 35.38
C UNK B 5 -2.01 -29.72 34.12
N UNK B 6 -3.31 -29.59 34.11
CA UNK B 6 -4.02 -29.16 32.94
C UNK B 6 -5.41 -28.92 33.41
N UNK B 7 -5.70 -27.74 33.90
CA UNK B 7 -7.05 -27.46 34.24
C UNK B 7 -7.73 -27.49 32.89
N UNK B 8 -7.01 -27.17 31.83
CA UNK B 8 -7.57 -27.08 30.49
C UNK B 8 -7.97 -28.26 29.71
N UNK B 9 -8.72 -28.04 28.65
CA UNK B 9 -9.25 -29.10 27.83
C UNK B 9 -10.28 -29.74 28.71
N UNK B 10 -10.62 -29.07 29.80
CA UNK B 10 -11.62 -29.56 30.74
C UNK B 10 -13.00 -29.60 30.22
N UNK B 11 -13.36 -28.61 29.43
CA UNK B 11 -14.73 -28.51 29.01
C UNK B 11 -14.86 -28.03 27.58
N UNK B 12 -15.98 -28.32 26.93
CA UNK B 12 -16.07 -27.95 25.55
C UNK B 12 -17.46 -27.82 24.96
N UNK B 13 -17.90 -28.83 24.20
CA UNK B 13 -19.16 -28.70 23.45
C UNK B 13 -20.43 -28.52 24.20
N UNK B 14 -21.32 -27.75 23.60
CA UNK B 14 -22.59 -27.49 24.22
C UNK B 14 -23.36 -28.77 24.53
N ASN C 2 11.60 14.28 -14.25
CA ASN C 2 12.92 14.65 -13.77
C ASN C 2 12.84 15.41 -12.44
N PHE C 3 12.28 14.75 -11.43
CA PHE C 3 12.13 15.33 -10.10
C PHE C 3 12.61 14.36 -9.04
N ASN C 4 13.02 14.91 -7.90
CA ASN C 4 13.64 14.14 -6.83
C ASN C 4 12.73 14.06 -5.62
N LEU C 5 12.48 12.83 -5.16
CA LEU C 5 11.82 12.59 -3.89
C LEU C 5 12.32 11.25 -3.39
N GLU C 6 12.97 11.24 -2.22
CA GLU C 6 13.69 10.08 -1.76
C GLU C 6 13.25 9.69 -0.35
N HIS C 7 13.18 8.38 -0.11
CA HIS C 7 13.09 7.79 1.19
C HIS C 7 14.44 7.14 1.50
N PRO C 8 14.67 6.68 2.74
CA PRO C 8 15.90 5.92 3.02
C PRO C 8 16.03 4.64 2.20
N PHE C 9 17.30 4.23 2.05
CA PHE C 9 17.81 3.02 1.39
C PHE C 9 17.65 3.16 -0.13
N PHE C 10 16.45 2.98 -0.66
CA PHE C 10 16.26 2.96 -2.11
C PHE C 10 16.07 4.38 -2.66
N PHE C 11 15.64 4.45 -3.92
CA PHE C 11 15.22 5.69 -4.55
C PHE C 11 13.93 5.45 -5.32
N THR C 12 13.09 6.47 -5.40
CA THR C 12 11.78 6.34 -6.06
C THR C 12 11.35 7.70 -6.62
N ASN C 13 10.16 7.72 -7.21
CA ASN C 13 9.58 8.93 -7.77
C ASN C 13 8.61 9.57 -6.76
N ASN C 14 7.84 10.56 -7.23
CA ASN C 14 6.92 11.32 -6.38
C ASN C 14 5.69 10.54 -5.96
N ASP C 15 5.46 9.35 -6.53
CA ASP C 15 4.28 8.55 -6.18
C ASP C 15 4.36 8.00 -4.76
N TYR C 16 5.55 7.81 -4.23
CA TYR C 16 5.74 7.22 -2.90
C TYR C 16 5.92 8.35 -1.90
N SER C 17 4.79 8.80 -1.34
CA SER C 17 4.80 9.82 -0.30
C SER C 17 4.29 9.29 1.03
N THR C 18 3.07 8.74 1.06
CA THR C 18 2.39 8.20 2.24
C THR C 18 2.38 9.21 3.39
N ASP C 19 1.66 10.31 3.16
CA ASP C 19 1.64 11.42 4.10
C ASP C 19 0.83 11.05 5.35
N THR C 20 1.39 11.33 6.51
CA THR C 20 0.73 11.11 7.80
C THR C 20 0.77 12.42 8.58
N SER C 21 -0.36 13.11 8.63
CA SER C 21 -0.43 14.42 9.29
C SER C 21 -1.83 14.58 9.87
N ILE C 22 -2.19 15.81 10.19
CA ILE C 22 -3.47 16.11 10.84
C ILE C 22 -4.49 16.47 9.76
N LYS C 23 -5.60 15.73 9.73
CA LYS C 23 -6.71 16.07 8.84
C LYS C 23 -7.37 17.35 9.33
N TYR C 24 -7.82 18.18 8.38
CA TYR C 24 -8.24 19.54 8.69
C TYR C 24 -9.61 19.56 9.36
N GLN C 25 -10.61 18.93 8.73
CA GLN C 25 -11.98 18.66 9.20
C GLN C 25 -12.84 19.92 9.31
N ALA C 26 -14.06 19.85 8.78
CA ALA C 26 -15.01 20.96 8.84
C ALA C 26 -16.41 20.39 8.85
N SER C 27 -17.37 21.20 9.29
CA SER C 27 -18.77 20.81 9.34
C SER C 27 -19.42 21.03 7.97
N LEU C 28 -20.71 20.70 7.85
CA LEU C 28 -21.39 20.74 6.57
C LEU C 28 -22.90 20.86 6.75
N PRO C 29 -23.54 21.84 6.10
CA PRO C 29 -24.97 22.06 6.30
C PRO C 29 -25.86 21.16 5.45
N PHE C 30 -27.17 21.38 5.53
CA PHE C 30 -28.14 20.59 4.78
C PHE C 30 -28.08 20.97 3.30
N ASN C 31 -28.08 19.94 2.44
CA ASN C 31 -27.79 20.03 1.00
C ASN C 31 -26.46 20.73 0.73
N TRP C 32 -25.39 20.11 1.21
CA TRP C 32 -24.03 20.53 0.89
C TRP C 32 -23.19 19.28 0.64
N HIS C 33 -21.90 19.49 0.34
CA HIS C 33 -21.05 18.38 -0.06
C HIS C 33 -19.59 18.68 0.24
N GLU C 34 -18.80 17.62 0.33
CA GLU C 34 -17.36 17.66 0.18
C GLU C 34 -16.96 16.72 -0.95
N VAL C 35 -15.90 17.09 -1.66
CA VAL C 35 -15.37 16.24 -2.73
C VAL C 35 -13.87 16.48 -2.81
N MET C 36 -13.12 15.40 -3.04
CA MET C 36 -11.68 15.48 -3.30
C MET C 36 -11.49 15.38 -4.81
N ASN C 37 -11.59 16.53 -5.48
CA ASN C 37 -11.60 16.56 -6.94
C ASN C 37 -10.19 16.46 -7.51
N ASN C 38 -9.32 17.43 -7.18
CA ASN C 38 -7.98 17.49 -7.73
C ASN C 38 -6.97 16.70 -6.92
N ASP C 39 -7.41 15.99 -5.87
CA ASP C 39 -6.62 15.19 -4.94
C ASP C 39 -5.59 16.01 -4.17
N GLU C 40 -5.72 17.34 -4.17
CA GLU C 40 -4.88 18.23 -3.38
C GLU C 40 -5.70 19.34 -2.73
N TRP C 41 -6.93 19.56 -3.17
CA TRP C 41 -7.88 20.47 -2.53
C TRP C 41 -9.20 19.73 -2.35
N VAL C 42 -9.87 19.98 -1.23
CA VAL C 42 -11.25 19.54 -1.02
C VAL C 42 -12.18 20.72 -1.28
N TYR C 43 -13.30 20.45 -1.95
CA TYR C 43 -14.18 21.48 -2.46
C TYR C 43 -15.54 21.30 -1.81
N GLN C 44 -16.08 22.39 -1.25
CA GLN C 44 -17.41 22.41 -0.67
C GLN C 44 -18.35 23.21 -1.57
N TYR C 45 -19.57 22.70 -1.77
CA TYR C 45 -20.51 23.34 -2.67
C TYR C 45 -21.93 22.93 -2.33
N PRO C 46 -22.90 23.83 -2.46
CA PRO C 46 -24.31 23.42 -2.35
C PRO C 46 -24.79 22.80 -3.65
N ILE C 47 -26.00 22.22 -3.58
CA ILE C 47 -26.51 21.46 -4.71
C ILE C 47 -27.06 22.38 -5.79
N GLY C 48 -28.12 23.12 -5.48
CA GLY C 48 -28.75 23.95 -6.48
C GLY C 48 -28.34 25.41 -6.44
N LYS C 49 -27.44 25.79 -7.34
CA LYS C 49 -27.01 27.19 -7.45
C LYS C 49 -26.47 27.37 -8.87
N PHE C 50 -26.73 28.56 -9.43
CA PHE C 50 -26.27 28.87 -10.79
C PHE C 50 -24.80 29.29 -10.71
N VAL C 51 -23.91 28.40 -11.11
CA VAL C 51 -22.47 28.67 -11.06
C VAL C 51 -22.04 29.29 -12.38
N GLU C 52 -21.41 30.46 -12.30
CA GLU C 52 -20.86 31.10 -13.49
C GLU C 52 -19.41 30.66 -13.66
N ARG C 53 -18.75 31.12 -14.71
CA ARG C 53 -17.33 30.89 -14.88
C ARG C 53 -16.58 32.20 -14.72
N GLN C 54 -15.33 32.07 -14.24
CA GLN C 54 -14.44 33.16 -13.85
C GLN C 54 -15.10 34.10 -12.85
N GLY C 55 -14.81 35.40 -12.95
CA GLY C 55 -15.34 36.37 -12.02
C GLY C 55 -14.27 36.97 -11.13
N TRP C 56 -14.30 36.64 -9.84
CA TRP C 56 -13.32 37.16 -8.90
C TRP C 56 -13.00 36.09 -7.85
N LYS C 57 -11.78 36.15 -7.34
CA LYS C 57 -11.32 35.24 -6.30
C LYS C 57 -10.76 36.06 -5.13
N ILE C 58 -10.99 35.57 -3.92
CA ILE C 58 -10.54 36.23 -2.70
C ILE C 58 -9.61 35.27 -1.98
N HIS C 59 -8.44 35.77 -1.57
CA HIS C 59 -7.40 34.95 -0.96
C HIS C 59 -7.15 35.43 0.46
N ILE C 60 -7.06 34.50 1.40
CA ILE C 60 -6.79 34.77 2.80
C ILE C 60 -5.67 33.84 3.25
N SER C 61 -4.60 34.40 3.82
CA SER C 61 -3.49 33.61 4.33
C SER C 61 -3.29 33.89 5.81
N SER C 62 -2.85 32.86 6.53
CA SER C 62 -2.64 32.95 7.97
C SER C 62 -1.28 32.36 8.30
N GLU C 63 -0.96 32.32 9.59
CA GLU C 63 0.27 31.71 10.05
C GLU C 63 0.06 30.21 10.27
N TYR C 64 1.11 29.54 10.78
CA TYR C 64 1.05 28.10 10.98
C TYR C 64 0.15 27.74 12.15
N ASN C 65 0.26 28.46 13.26
CA ASN C 65 -0.43 28.06 14.49
C ASN C 65 -1.92 28.39 14.47
N SER C 66 -2.32 29.47 13.81
CA SER C 66 -3.70 29.95 13.84
C SER C 66 -4.49 29.52 12.63
N SER C 67 -4.25 28.31 12.11
CA SER C 67 -4.93 27.87 10.90
C SER C 67 -6.32 27.31 11.19
N HIS C 68 -6.44 26.48 12.23
CA HIS C 68 -7.67 25.73 12.44
C HIS C 68 -8.79 26.60 12.99
N GLU C 69 -8.47 27.54 13.88
CA GLU C 69 -9.49 28.45 14.38
C GLU C 69 -9.95 29.42 13.30
N LEU C 70 -9.04 29.86 12.44
CA LEU C 70 -9.42 30.64 11.26
C LEU C 70 -10.31 29.83 10.33
N LEU C 71 -10.01 28.55 10.16
CA LEU C 71 -10.84 27.67 9.33
C LEU C 71 -12.24 27.53 9.93
N GLN C 72 -12.32 27.40 11.27
CA GLN C 72 -13.63 27.28 11.92
C GLN C 72 -14.43 28.57 11.80
N ASP C 73 -13.77 29.73 11.96
CA ASP C 73 -14.46 31.01 11.83
C ASP C 73 -14.93 31.26 10.39
N VAL C 74 -14.09 30.93 9.41
CA VAL C 74 -14.47 31.08 8.01
C VAL C 74 -15.59 30.11 7.65
N ALA C 75 -15.56 28.90 8.21
CA ALA C 75 -16.63 27.93 7.97
C ALA C 75 -17.95 28.38 8.59
N LYS C 76 -17.92 28.93 9.80
CA LYS C 76 -19.19 29.37 10.41
C LYS C 76 -19.69 30.66 9.77
N ILE C 77 -18.81 31.43 9.14
CA ILE C 77 -19.27 32.57 8.36
C ILE C 77 -19.88 32.11 7.04
N CYS C 78 -19.22 31.20 6.33
CA CYS C 78 -19.54 30.90 4.94
C CYS C 78 -20.49 29.73 4.75
N HIS C 79 -20.80 28.97 5.81
CA HIS C 79 -21.66 27.81 5.62
C HIS C 79 -23.13 28.23 5.49
N GLU C 80 -23.52 29.29 6.17
CA GLU C 80 -24.91 29.75 6.15
C GLU C 80 -25.15 30.63 4.90
N MET C 81 -25.64 29.96 3.84
CA MET C 81 -25.92 30.46 2.47
C MET C 81 -24.94 31.51 1.95
N ARG C 82 -23.65 31.27 2.19
CA ARG C 82 -22.62 32.29 2.00
C ARG C 82 -21.43 31.73 1.23
N ILE C 83 -21.69 31.24 0.02
CA ILE C 83 -20.73 31.03 -1.09
C ILE C 83 -19.95 29.72 -0.93
N PRO C 84 -19.71 28.98 -2.03
CA PRO C 84 -18.89 27.76 -1.96
C PRO C 84 -17.44 28.06 -1.58
N PHE C 85 -16.69 26.99 -1.29
CA PHE C 85 -15.44 27.10 -0.57
C PHE C 85 -14.53 25.93 -0.89
N LYS C 86 -13.22 26.20 -0.97
CA LYS C 86 -12.22 25.13 -1.07
C LYS C 86 -10.93 25.61 -0.44
N HIS C 87 -10.16 24.67 0.11
CA HIS C 87 -8.97 25.01 0.87
C HIS C 87 -7.93 23.89 0.71
N LEU C 88 -6.81 24.06 1.40
CA LEU C 88 -5.76 23.04 1.40
C LEU C 88 -6.15 21.87 2.29
N SER C 89 -5.82 20.66 1.86
CA SER C 89 -6.34 19.44 2.45
C SER C 89 -5.33 18.69 3.31
N THR C 90 -4.11 19.19 3.47
CA THR C 90 -3.07 18.42 4.14
C THR C 90 -2.26 19.31 5.06
N GLU C 91 -2.11 18.88 6.32
CA GLU C 91 -1.22 19.56 7.24
C GLU C 91 0.24 19.40 6.84
N ASP C 92 0.61 18.25 6.29
CA ASP C 92 1.98 18.02 5.84
C ASP C 92 2.34 18.91 4.65
N LYS C 93 1.41 19.06 3.70
CA LYS C 93 1.66 19.90 2.53
C LYS C 93 1.55 21.38 2.83
N PHE C 94 1.11 21.75 4.04
CA PHE C 94 1.02 23.15 4.43
C PHE C 94 2.38 23.81 4.52
N ILE C 95 3.41 23.06 4.94
CA ILE C 95 4.76 23.62 5.03
C ILE C 95 5.49 23.62 3.70
N MET C 96 4.96 22.94 2.67
CA MET C 96 5.48 23.14 1.32
C MET C 96 4.70 24.20 0.54
N ARG C 97 3.43 24.42 0.88
CA ARG C 97 2.70 25.51 0.24
C ARG C 97 3.21 26.86 0.72
N ASN C 98 3.45 27.00 2.02
CA ASN C 98 4.05 28.18 2.60
C ASN C 98 5.51 27.89 2.93
N GLY C 99 6.15 28.80 3.64
CA GLY C 99 7.42 28.51 4.30
C GLY C 99 8.61 29.03 3.50
N LYS C 100 9.51 28.11 3.13
CA LYS C 100 10.78 28.46 2.53
C LYS C 100 10.62 28.69 1.03
N LEU C 101 11.75 28.72 0.31
CA LEU C 101 11.79 29.00 -1.12
C LEU C 101 11.05 27.96 -1.94
N VAL C 102 9.93 28.37 -2.53
CA VAL C 102 9.06 27.49 -3.31
C VAL C 102 8.85 28.13 -4.68
N SER C 103 7.94 27.55 -5.47
CA SER C 103 7.62 28.09 -6.79
C SER C 103 7.01 29.49 -6.67
N ARG C 104 7.45 30.38 -7.56
CA ARG C 104 7.05 31.78 -7.49
C ARG C 104 5.60 31.98 -7.94
N GLY C 105 5.08 31.09 -8.79
CA GLY C 105 3.74 31.28 -9.33
C GLY C 105 2.65 31.12 -8.28
N PHE C 106 2.70 30.05 -7.51
CA PHE C 106 1.70 29.77 -6.48
C PHE C 106 2.40 29.71 -5.12
N SER C 107 2.30 30.81 -4.36
CA SER C 107 2.76 30.86 -2.98
C SER C 107 1.66 31.44 -2.13
N GLY C 108 1.58 30.97 -0.89
CA GLY C 108 0.49 31.40 -0.02
C GLY C 108 -0.82 30.79 -0.46
N LYS C 109 -1.87 31.62 -0.48
CA LYS C 109 -3.22 31.27 -0.95
C LYS C 109 -3.81 30.08 -0.18
N PHE C 110 -3.99 30.28 1.12
CA PHE C 110 -4.45 29.21 1.99
C PHE C 110 -5.96 29.06 1.95
N ILE C 111 -6.70 30.17 1.91
CA ILE C 111 -8.15 30.19 1.94
C ILE C 111 -8.65 30.83 0.65
N THR C 112 -9.56 30.14 -0.04
CA THR C 112 -10.09 30.58 -1.33
C THR C 112 -11.60 30.45 -1.34
N CYS C 113 -12.27 31.41 -1.95
CA CYS C 113 -13.72 31.36 -2.16
C CYS C 113 -14.06 31.88 -3.54
N TYR C 114 -15.23 31.48 -4.04
CA TYR C 114 -15.68 31.80 -5.40
C TYR C 114 -17.06 32.44 -5.35
N PRO C 115 -17.13 33.76 -5.15
CA PRO C 115 -18.44 34.43 -5.09
C PRO C 115 -19.18 34.42 -6.42
N ASN C 116 -20.51 34.52 -6.34
CA ASN C 116 -21.36 34.49 -7.52
C ASN C 116 -21.55 35.88 -8.11
N GLN C 117 -20.41 36.48 -8.48
CA GLN C 117 -20.29 37.71 -9.26
C GLN C 117 -20.89 38.93 -8.58
N ASN C 118 -22.23 39.00 -8.49
CA ASN C 118 -22.92 40.21 -8.09
C ASN C 118 -23.38 40.21 -6.63
N GLU C 119 -22.91 39.27 -5.82
CA GLU C 119 -23.23 39.25 -4.40
C GLU C 119 -21.94 39.34 -3.61
N LEU C 120 -21.47 40.57 -3.40
CA LEU C 120 -20.29 40.81 -2.58
C LEU C 120 -20.43 42.05 -1.70
N GLU C 121 -21.65 42.59 -1.55
CA GLU C 121 -21.88 43.81 -0.81
C GLU C 121 -21.74 43.63 0.70
N SER C 122 -21.76 42.39 1.20
CA SER C 122 -21.64 42.15 2.63
C SER C 122 -20.68 41.02 2.97
N VAL C 123 -20.25 40.22 2.00
CA VAL C 123 -19.32 39.12 2.28
C VAL C 123 -17.95 39.67 2.65
N LEU C 124 -17.43 40.61 1.86
CA LEU C 124 -16.13 41.22 2.14
C LEU C 124 -16.19 42.05 3.42
N GLN C 125 -17.33 42.68 3.70
CA GLN C 125 -17.52 43.39 4.95
C GLN C 125 -17.53 42.43 6.13
N ARG C 126 -18.11 41.24 5.95
CA ARG C 126 -18.13 40.25 7.03
C ARG C 126 -16.80 39.54 7.21
N LEU C 127 -15.92 39.56 6.21
CA LEU C 127 -14.64 38.87 6.36
C LEU C 127 -13.60 39.67 7.15
N GLU C 128 -13.89 40.91 7.55
CA GLU C 128 -13.02 41.58 8.52
C GLU C 128 -13.47 41.36 9.96
N SER C 129 -14.54 40.59 10.17
CA SER C 129 -14.98 40.30 11.54
C SER C 129 -14.03 39.31 12.21
N ALA C 130 -13.82 38.16 11.58
CA ALA C 130 -12.86 37.20 12.12
C ALA C 130 -11.43 37.64 11.88
N LEU C 131 -11.20 38.47 10.88
CA LEU C 131 -9.88 38.99 10.56
C LEU C 131 -9.69 40.32 11.29
N LYS C 132 -8.71 41.12 10.84
CA LYS C 132 -8.27 42.43 11.36
C LYS C 132 -7.60 42.33 12.73
N GLN C 133 -7.40 41.12 13.25
CA GLN C 133 -6.59 40.88 14.43
C GLN C 133 -5.63 39.73 14.26
N TYR C 134 -5.69 39.01 13.14
CA TYR C 134 -4.84 37.88 12.85
C TYR C 134 -3.68 38.35 11.96
N ASN C 135 -2.92 37.40 11.42
CA ASN C 135 -1.78 37.70 10.58
C ASN C 135 -1.71 36.84 9.33
N GLY C 136 -0.60 36.90 8.60
CA GLY C 136 -0.42 36.09 7.41
C GLY C 136 0.53 36.71 6.42
N PRO C 137 1.05 35.90 5.50
CA PRO C 137 1.90 36.44 4.44
C PRO C 137 1.11 37.29 3.45
N TYR C 138 1.81 38.23 2.81
CA TYR C 138 1.16 39.21 1.94
C TYR C 138 0.75 38.60 0.60
N ILE C 139 1.60 37.77 0.02
CA ILE C 139 1.53 37.26 -1.36
C ILE C 139 1.52 38.40 -2.38
N LYS C 143 -2.44 41.52 -3.75
CA LYS C 143 -2.66 42.91 -3.39
C LYS C 143 -3.51 43.04 -2.13
N ARG C 144 -3.17 44.00 -1.28
CA ARG C 144 -3.94 44.25 -0.08
C ARG C 144 -5.28 44.91 -0.41
N TRP C 145 -6.26 44.66 0.44
CA TRP C 145 -7.58 45.31 0.33
C TRP C 145 -7.90 46.20 1.52
N ASP C 146 -7.68 45.71 2.73
CA ASP C 146 -7.94 46.48 3.95
C ASP C 146 -6.79 46.20 4.92
N GLU C 147 -6.99 46.56 6.18
CA GLU C 147 -6.02 46.23 7.23
C GLU C 147 -6.36 44.86 7.81
N ALA C 148 -6.21 43.86 6.96
CA ALA C 148 -6.51 42.47 7.26
C ALA C 148 -5.86 41.60 6.20
N PRO C 149 -5.54 40.34 6.52
CA PRO C 149 -5.04 39.43 5.48
C PRO C 149 -6.12 39.01 4.49
N ILE C 150 -6.56 39.94 3.65
CA ILE C 150 -7.57 39.69 2.61
C ILE C 150 -7.01 40.21 1.31
N TYR C 151 -6.95 39.35 0.29
CA TYR C 151 -6.34 39.69 -0.98
C TYR C 151 -7.31 39.44 -2.12
N LEU C 152 -7.20 40.25 -3.16
CA LEU C 152 -8.10 40.22 -4.31
C LEU C 152 -7.35 39.75 -5.55
N ARG C 153 -8.04 38.99 -6.39
CA ARG C 153 -7.48 38.50 -7.65
C ARG C 153 -8.63 38.21 -8.61
N TYR C 154 -8.44 38.58 -9.87
CA TYR C 154 -9.41 38.31 -10.92
C TYR C 154 -9.48 36.81 -11.21
N GLY C 228 16.06 37.41 -2.34
CA GLY C 228 17.31 36.76 -2.68
C GLY C 228 18.45 37.13 -1.75
N ILE C 229 19.60 37.48 -2.34
CA ILE C 229 20.76 37.86 -1.55
C ILE C 229 21.16 39.30 -1.87
N LYS C 240 30.09 48.44 -1.63
CA LYS C 240 29.59 47.12 -2.02
C LYS C 240 29.39 46.24 -0.79
N ILE C 241 28.16 46.21 -0.28
CA ILE C 241 27.79 45.39 0.87
C ILE C 241 26.65 44.47 0.43
N ILE C 242 26.84 43.16 0.62
CA ILE C 242 25.81 42.19 0.28
C ILE C 242 24.74 42.21 1.37
N LEU C 243 23.49 42.31 0.95
CA LEU C 243 22.35 42.43 1.86
C LEU C 243 21.52 41.14 1.81
N LYS C 244 20.41 41.16 2.55
CA LYS C 244 19.50 40.03 2.61
C LYS C 244 18.08 40.57 2.84
N GLU C 245 17.13 39.65 2.95
CA GLU C 245 15.74 40.01 3.14
C GLU C 245 15.11 39.10 4.19
N ALA C 246 14.09 39.61 4.86
CA ALA C 246 13.39 38.85 5.89
C ALA C 246 12.38 37.90 5.27
N TYR C 249 6.58 36.48 7.43
CA TYR C 249 6.27 35.06 7.57
C TYR C 249 6.70 34.29 6.33
N THR C 250 8.02 34.10 6.19
CA THR C 250 8.57 33.37 5.06
C THR C 250 9.84 32.67 5.52
N GLY C 251 9.89 31.35 5.33
CA GLY C 251 11.06 30.58 5.72
C GLY C 251 10.78 29.54 6.78
N LEU C 252 9.58 29.00 6.79
CA LEU C 252 9.18 28.01 7.79
C LEU C 252 9.60 26.62 7.37
N GLY C 253 10.19 25.88 8.30
CA GLY C 253 10.59 24.51 8.08
C GLY C 253 9.55 23.52 8.59
N PHE C 254 10.02 22.30 8.88
CA PHE C 254 9.12 21.29 9.43
C PHE C 254 8.78 21.57 10.89
N ASP C 255 9.68 22.20 11.62
CA ASP C 255 9.38 22.74 12.94
C ASP C 255 9.03 24.23 12.82
N GLY C 256 8.74 24.87 13.94
CA GLY C 256 8.44 26.29 13.87
C GLY C 256 9.70 27.12 14.00
N THR C 257 10.30 27.46 12.86
CA THR C 257 11.53 28.24 12.77
C THR C 257 11.46 29.05 11.48
N TYR C 258 10.99 30.29 11.57
CA TYR C 258 10.98 31.16 10.41
C TYR C 258 12.40 31.61 10.07
N SER C 259 12.58 32.04 8.81
CA SER C 259 13.88 32.56 8.39
C SER C 259 14.19 33.89 9.05
N SER C 260 13.17 34.68 9.37
CA SER C 260 13.39 35.88 10.19
C SER C 260 13.77 35.50 11.61
N GLU C 261 13.16 34.43 12.14
CA GLU C 261 13.53 33.93 13.45
C GLU C 261 14.92 33.30 13.44
N LYS C 262 15.22 32.53 12.39
CA LYS C 262 16.52 31.88 12.27
C LYS C 262 17.25 32.33 11.01
N ALA C 264 17.16 36.41 14.31
CA ALA C 264 17.52 36.68 15.70
C ALA C 264 18.79 35.93 16.08
N SER C 265 18.82 34.63 15.76
CA SER C 265 19.98 33.80 16.09
C SER C 265 21.22 34.25 15.34
N GLU C 266 21.06 34.62 14.06
CA GLU C 266 22.21 35.04 13.26
C GLU C 266 22.75 36.39 13.75
N CYS C 267 21.88 37.31 14.16
CA CYS C 267 22.38 38.61 14.60
C CYS C 267 22.97 38.54 16.01
N LYS C 268 22.44 37.68 16.89
CA LYS C 268 23.10 37.53 18.20
C LYS C 268 24.43 36.80 18.05
N ALA C 269 24.51 35.82 17.13
CA ALA C 269 25.78 35.14 16.90
C ALA C 269 26.80 36.07 16.23
N LEU C 270 26.34 37.01 15.43
CA LEU C 270 27.26 37.98 14.85
C LEU C 270 27.71 39.01 15.89
N LYS C 271 26.81 39.46 16.76
CA LYS C 271 27.16 40.47 17.74
C LYS C 271 27.99 39.92 18.91
N ILE C 272 27.93 38.61 19.16
CA ILE C 272 28.85 38.04 20.16
C ILE C 272 30.16 37.58 19.56
N LEU C 273 30.35 37.76 18.26
CA LEU C 273 31.56 37.31 17.58
C LEU C 273 32.04 38.39 16.62
N ASN C 274 31.99 39.64 17.08
CA ASN C 274 32.45 40.77 16.30
C ASN C 274 33.93 41.06 16.51
N GLU C 275 34.60 40.29 17.37
CA GLU C 275 36.00 40.54 17.68
C GLU C 275 36.94 40.06 16.59
N TRP C 276 36.60 38.97 15.91
CA TRP C 276 37.51 38.30 15.00
C TRP C 276 37.14 38.60 13.55
N SER C 277 38.17 38.87 12.73
CA SER C 277 37.96 39.21 11.33
C SER C 277 37.60 38.02 10.46
N GLU C 278 37.77 36.79 10.95
CA GLU C 278 37.35 35.62 10.20
C GLU C 278 35.84 35.56 10.08
N ALA C 279 35.14 35.82 11.17
CA ALA C 279 33.71 36.03 11.14
C ALA C 279 33.39 37.39 10.51
N PRO C 280 32.28 37.52 9.78
CA PRO C 280 31.95 38.83 9.18
C PRO C 280 31.47 39.85 10.19
N LYS C 281 31.36 41.11 9.77
CA LYS C 281 30.92 42.20 10.64
C LYS C 281 29.50 42.59 10.25
N ILE C 282 28.79 43.21 11.20
CA ILE C 282 27.44 43.68 10.98
C ILE C 282 27.46 45.18 10.70
N TYR C 283 26.77 45.60 9.64
CA TYR C 283 26.81 46.99 9.20
C TYR C 283 25.42 47.61 9.03
N TRP C 284 24.37 46.92 9.45
CA TRP C 284 23.02 47.47 9.34
C TRP C 284 22.14 46.87 10.43
N HIS C 285 21.35 47.73 11.07
CA HIS C 285 20.45 47.31 12.14
C HIS C 285 19.09 47.94 11.94
N GLY C 286 18.05 47.22 12.36
CA GLY C 286 16.69 47.70 12.31
C GLY C 286 15.79 46.71 11.60
N LYS C 287 14.61 47.19 11.21
CA LYS C 287 13.64 46.36 10.51
C LYS C 287 13.08 47.08 9.30
N HIS C 291 10.70 43.47 6.23
CA HIS C 291 11.80 43.32 5.28
C HIS C 291 13.06 43.99 5.81
N THR C 292 13.78 43.30 6.69
CA THR C 292 14.97 43.87 7.30
C THR C 292 16.20 43.56 6.46
N PHE C 293 17.17 44.47 6.49
CA PHE C 293 18.28 44.49 5.54
C PHE C 293 19.64 44.47 6.24
N LEU C 294 19.87 43.52 7.16
CA LEU C 294 21.17 43.37 7.79
C LEU C 294 22.23 42.99 6.76
N GLY C 295 23.39 43.64 6.84
CA GLY C 295 24.46 43.42 5.89
C GLY C 295 25.71 42.81 6.50
N ILE C 296 26.56 42.22 5.66
CA ILE C 296 27.79 41.58 6.09
C ILE C 296 28.93 42.08 5.22
N GLU C 297 30.15 41.95 5.75
CA GLU C 297 31.35 42.19 4.97
C GLU C 297 31.72 40.90 4.24
N HIS C 298 32.18 41.03 3.00
CA HIS C 298 32.58 39.88 2.20
C HIS C 298 34.10 39.71 2.28
N MET C 299 34.54 38.67 2.98
CA MET C 299 35.94 38.29 2.92
C MET C 299 36.26 37.68 1.56
N LYS C 300 37.49 37.90 1.11
CA LYS C 300 37.92 37.35 -0.17
C LYS C 300 38.16 35.85 -0.06
N GLY C 301 38.18 35.19 -1.19
CA GLY C 301 38.54 33.78 -1.22
C GLY C 301 37.77 33.04 -2.30
N VAL C 302 37.95 31.72 -2.27
CA VAL C 302 37.26 30.79 -3.16
C VAL C 302 36.67 29.67 -2.32
N PRO C 303 35.62 29.02 -2.79
CA PRO C 303 35.15 27.80 -2.12
C PRO C 303 36.17 26.68 -2.23
N LEU C 304 36.08 25.73 -1.32
CA LEU C 304 37.12 24.71 -1.18
C LEU C 304 37.10 23.65 -2.27
N ASN C 305 36.03 23.56 -3.06
CA ASN C 305 36.00 22.58 -4.15
C ASN C 305 36.94 22.98 -5.28
N ARG C 306 36.92 24.25 -5.68
CA ARG C 306 37.90 24.70 -6.67
C ARG C 306 39.29 24.80 -6.08
N TRP C 307 39.40 25.00 -4.77
CA TRP C 307 40.71 24.90 -4.11
C TRP C 307 41.24 23.47 -4.17
N VAL C 308 40.36 22.47 -4.08
CA VAL C 308 40.77 21.09 -4.25
C VAL C 308 41.20 20.83 -5.68
N THR C 309 40.43 21.31 -6.65
CA THR C 309 40.81 21.09 -8.05
C THR C 309 42.06 21.88 -8.46
N ASN C 310 42.42 22.93 -7.71
CA ASN C 310 43.64 23.67 -7.99
C ASN C 310 44.84 23.21 -7.16
N ASN C 311 44.61 22.50 -6.05
CA ASN C 311 45.70 22.15 -5.15
C ASN C 311 45.82 20.65 -4.90
N PHE C 312 44.72 19.95 -4.69
CA PHE C 312 44.78 18.49 -4.60
C PHE C 312 45.02 17.94 -6.00
N PRO C 313 46.00 17.04 -6.17
CA PRO C 313 46.42 16.67 -7.52
C PRO C 313 45.40 15.82 -8.26
N LEU C 314 45.24 16.12 -9.54
CA LEU C 314 44.48 15.30 -10.47
C LEU C 314 45.34 14.76 -11.60
N TYR C 315 46.40 15.46 -11.97
CA TYR C 315 47.45 14.97 -12.86
C TYR C 315 48.74 14.84 -12.08
N GLU C 316 49.69 14.07 -12.64
CA GLU C 316 50.94 13.82 -11.94
C GLU C 316 51.92 14.98 -12.07
N VAL C 317 51.68 15.91 -12.99
CA VAL C 317 52.62 17.00 -13.24
C VAL C 317 52.33 18.24 -12.40
N VAL C 318 51.25 18.25 -11.63
CA VAL C 318 50.90 19.41 -10.82
C VAL C 318 51.51 19.23 -9.43
N ASP C 319 51.76 20.36 -8.76
CA ASP C 319 52.28 20.45 -7.39
C ASP C 319 53.65 19.76 -7.27
N LYS C 320 54.62 20.39 -7.92
CA LYS C 320 56.00 19.91 -7.85
C LYS C 320 56.57 20.12 -6.44
N THR C 321 57.59 19.31 -6.12
CA THR C 321 58.34 19.33 -4.87
C THR C 321 57.46 19.10 -3.63
N LYS C 322 56.37 18.34 -3.81
CA LYS C 322 55.47 17.83 -2.76
C LYS C 322 54.88 19.00 -1.98
N ASP C 323 54.90 18.98 -0.63
CA ASP C 323 54.65 20.07 0.30
C ASP C 323 53.17 20.49 0.35
N TYR C 324 52.28 19.83 -0.42
CA TYR C 324 50.86 20.14 -0.37
C TYR C 324 50.24 19.75 0.96
N LEU C 325 50.74 18.69 1.58
CA LEU C 325 50.29 18.28 2.91
C LEU C 325 50.66 19.30 3.98
N LEU C 326 51.70 20.11 3.75
CA LEU C 326 52.00 21.19 4.68
C LEU C 326 50.92 22.27 4.64
N ARG C 327 50.42 22.60 3.45
CA ARG C 327 49.25 23.47 3.36
C ARG C 327 48.02 22.84 4.01
N VAL C 328 47.80 21.54 3.78
CA VAL C 328 46.66 20.85 4.37
C VAL C 328 46.73 20.89 5.90
N SER C 329 47.94 20.71 6.44
CA SER C 329 48.17 20.88 7.87
C SER C 329 47.91 22.31 8.32
N LYS C 330 48.20 23.30 7.47
CA LYS C 330 47.95 24.69 7.85
C LYS C 330 46.45 25.00 7.95
N ILE C 331 45.65 24.58 6.96
CA ILE C 331 44.19 24.74 7.06
C ILE C 331 43.62 23.96 8.26
N VAL C 332 44.02 22.70 8.46
CA VAL C 332 43.39 21.97 9.56
C VAL C 332 43.88 22.44 10.92
N GLU C 333 45.09 23.02 11.01
CA GLU C 333 45.51 23.61 12.28
C GLU C 333 44.80 24.93 12.53
N LYS C 334 44.45 25.67 11.47
CA LYS C 334 43.60 26.86 11.66
C LYS C 334 42.21 26.48 12.11
N LEU C 335 41.63 25.41 11.56
CA LEU C 335 40.32 24.95 12.02
C LEU C 335 40.34 24.46 13.45
N ILE C 336 41.35 23.69 13.88
CA ILE C 336 41.35 23.26 15.27
C ILE C 336 41.62 24.44 16.22
N ASP C 337 42.48 25.39 15.82
CA ASP C 337 42.77 26.55 16.65
C ASP C 337 41.54 27.43 16.84
N LEU C 338 40.91 27.84 15.73
CA LEU C 338 39.71 28.67 15.84
C LEU C 338 38.53 27.91 16.44
N THR C 339 38.45 26.59 16.23
CA THR C 339 37.40 25.78 16.82
C THR C 339 37.49 25.78 18.35
N ASN C 340 38.69 25.54 18.88
CA ASN C 340 38.90 25.62 20.31
C ASN C 340 38.76 27.05 20.84
N LYS C 341 38.99 28.05 20.00
CA LYS C 341 38.79 29.43 20.47
C LYS C 341 37.32 29.81 20.55
N PHE C 342 36.48 29.40 19.58
CA PHE C 342 35.10 29.87 19.68
C PHE C 342 34.16 28.87 20.34
N HIS C 343 34.61 27.65 20.67
CA HIS C 343 33.77 26.81 21.53
C HIS C 343 34.03 27.04 23.02
N SER C 344 34.59 28.18 23.39
CA SER C 344 34.76 28.49 24.81
C SER C 344 33.43 28.84 25.46
N GLU C 345 32.63 29.69 24.84
CA GLU C 345 31.44 30.27 25.49
C GLU C 345 30.20 30.17 24.59
N ASN C 346 29.54 29.00 24.64
CA ASN C 346 28.10 28.84 24.36
C ASN C 346 27.68 29.29 22.97
N VAL C 347 28.40 28.83 21.94
CA VAL C 347 28.01 29.10 20.56
C VAL C 347 28.47 27.93 19.69
N TYR C 348 27.58 27.47 18.81
CA TYR C 348 27.85 26.37 17.90
C TYR C 348 27.29 26.71 16.53
N HIS C 349 27.88 26.13 15.48
CA HIS C 349 27.53 26.47 14.11
C HIS C 349 26.55 25.47 13.49
N GLN C 350 26.67 24.19 13.85
CA GLN C 350 25.81 23.07 13.47
C GLN C 350 25.89 22.69 11.98
N ASP C 351 26.67 23.41 11.18
CA ASP C 351 26.93 23.01 9.79
C ASP C 351 28.28 23.56 9.32
N LEU C 352 29.19 22.65 8.96
CA LEU C 352 30.52 22.98 8.49
C LEU C 352 30.79 22.25 7.18
N HIS C 353 29.87 22.38 6.23
CA HIS C 353 29.92 21.72 4.94
C HIS C 353 30.90 22.44 4.00
N LEU C 354 30.76 22.22 2.70
CA LEU C 354 31.59 22.92 1.72
C LEU C 354 31.36 24.43 1.77
N GLY C 355 30.14 24.86 2.08
CA GLY C 355 29.91 26.24 2.42
C GLY C 355 30.36 26.58 3.83
N ASN C 356 30.30 27.87 4.16
CA ASN C 356 30.75 28.50 5.41
C ASN C 356 32.25 28.37 5.63
N ILE C 357 33.03 27.99 4.62
CA ILE C 357 34.49 27.98 4.69
C ILE C 357 35.02 28.64 3.42
N LEU C 358 36.09 29.43 3.56
CA LEU C 358 36.51 30.33 2.49
C LEU C 358 37.97 30.68 2.72
N VAL C 359 38.85 30.24 1.81
CA VAL C 359 40.29 30.43 1.94
C VAL C 359 40.74 31.45 0.90
N LYS C 360 41.39 32.52 1.36
CA LYS C 360 41.79 33.60 0.46
C LYS C 360 43.23 33.46 -0.05
N ASP C 361 44.22 33.47 0.85
CA ASP C 361 45.62 33.43 0.50
C ASP C 361 46.43 33.15 1.76
N GLU C 362 47.54 32.43 1.59
CA GLU C 362 48.45 32.01 2.67
C GLU C 362 47.66 31.22 3.72
N ASP C 363 46.76 30.36 3.23
CA ASP C 363 45.99 29.38 4.01
C ASP C 363 45.13 30.05 5.09
N GLU C 364 44.54 31.19 4.76
CA GLU C 364 43.75 31.98 5.70
C GLU C 364 42.27 31.71 5.47
N ILE C 365 41.65 31.01 6.42
CA ILE C 365 40.23 30.70 6.32
C ILE C 365 39.40 31.92 6.72
N SER C 366 38.10 31.86 6.41
CA SER C 366 37.16 32.89 6.84
C SER C 366 35.76 32.26 6.85
N ILE C 367 35.23 32.03 8.04
CA ILE C 367 33.91 31.44 8.18
C ILE C 367 32.85 32.54 8.06
N ILE C 368 31.91 32.35 7.14
CA ILE C 368 30.90 33.34 6.83
C ILE C 368 29.54 32.68 7.06
N ASP C 369 28.50 33.51 7.22
CA ASP C 369 27.09 33.12 7.30
C ASP C 369 26.83 32.24 8.53
N TRP C 370 27.07 32.84 9.69
CA TRP C 370 26.74 32.22 10.99
C TRP C 370 25.24 32.34 11.20
N GLU C 371 24.50 31.39 10.61
CA GLU C 371 23.04 31.47 10.55
C GLU C 371 22.34 30.41 11.39
N GLN C 372 22.95 29.25 11.60
CA GLN C 372 22.30 28.12 12.26
C GLN C 372 22.81 27.96 13.69
N ALA C 373 22.94 29.07 14.41
CA ALA C 373 23.54 29.09 15.73
C ALA C 373 22.50 28.77 16.80
N VAL C 374 22.64 27.60 17.41
CA VAL C 374 21.93 27.26 18.65
C VAL C 374 22.96 26.72 19.62
N PHE C 375 22.65 26.80 20.91
CA PHE C 375 23.61 26.40 21.93
C PHE C 375 22.89 25.83 23.14
N SER C 376 23.35 24.65 23.57
CA SER C 376 22.97 23.97 24.81
C SER C 376 23.98 22.86 25.02
N ASN C 377 23.96 22.29 26.24
CA ASN C 377 24.85 21.17 26.52
C ASN C 377 24.21 20.10 27.39
N ASP C 378 22.92 20.19 27.68
CA ASP C 378 22.25 19.24 28.56
C ASP C 378 21.27 18.32 27.84
N GLU C 379 20.33 18.85 27.06
CA GLU C 379 19.51 17.96 26.25
C GLU C 379 20.20 17.64 24.94
N LYS C 380 19.60 16.74 24.17
CA LYS C 380 20.14 16.25 22.91
C LYS C 380 19.15 16.50 21.80
N VAL C 381 19.66 16.92 20.63
CA VAL C 381 18.83 17.32 19.50
C VAL C 381 19.32 16.58 18.26
N VAL C 382 18.38 15.94 17.54
CA VAL C 382 18.69 15.34 16.25
C VAL C 382 19.03 16.43 15.24
N HIS C 383 20.09 16.21 14.47
CA HIS C 383 20.47 17.13 13.38
C HIS C 383 19.39 17.18 12.31
N LYS C 384 18.68 18.29 12.24
CA LYS C 384 17.48 18.37 11.39
C LYS C 384 17.83 18.77 9.96
N VAL C 385 18.43 19.95 9.78
CA VAL C 385 18.67 20.51 8.45
C VAL C 385 20.17 20.79 8.30
N ALA C 386 20.73 20.35 7.18
CA ALA C 386 22.12 20.58 6.81
C ALA C 386 22.26 20.30 5.32
N ALA C 387 23.48 20.46 4.82
CA ALA C 387 23.80 20.11 3.45
C ALA C 387 23.88 18.59 3.30
N PRO C 388 23.69 18.08 2.08
CA PRO C 388 23.93 16.64 1.85
C PRO C 388 25.40 16.28 2.06
N GLY C 389 25.61 15.07 2.57
CA GLY C 389 26.94 14.59 2.92
C GLY C 389 27.38 14.88 4.33
N PHE C 390 26.61 15.66 5.09
CA PHE C 390 26.98 16.04 6.46
C PHE C 390 25.71 16.03 7.31
N ARG C 391 25.51 14.97 8.09
CA ARG C 391 24.32 14.85 8.93
C ARG C 391 24.64 14.00 10.17
N ALA C 392 24.46 14.60 11.35
CA ALA C 392 24.67 13.87 12.59
C ALA C 392 23.49 12.93 12.85
N TRP C 393 23.65 12.05 13.84
CA TRP C 393 22.80 10.87 13.95
C TRP C 393 22.25 10.72 15.36
N ARG C 394 20.91 10.69 15.46
CA ARG C 394 20.16 10.04 16.55
C ARG C 394 20.45 10.63 17.93
N GLU C 395 20.07 11.90 18.09
CA GLU C 395 19.82 12.54 19.39
C GLU C 395 21.07 12.56 20.28
N THR C 396 22.05 13.33 19.83
CA THR C 396 23.27 13.54 20.61
C THR C 396 23.38 14.99 21.05
N LEU C 397 24.38 15.23 21.90
CA LEU C 397 24.58 16.55 22.48
C LEU C 397 25.03 17.56 21.43
N PRO C 398 24.67 18.84 21.59
CA PRO C 398 25.14 19.87 20.64
C PRO C 398 26.63 20.10 20.65
N SER C 399 27.35 19.66 21.69
CA SER C 399 28.79 19.64 21.64
C SER C 399 29.30 18.63 20.62
N GLU C 400 28.58 17.52 20.42
CA GLU C 400 29.00 16.48 19.49
C GLU C 400 28.16 16.39 18.22
N ILE C 401 27.21 17.32 18.02
CA ILE C 401 26.68 17.53 16.66
C ILE C 401 27.78 18.03 15.74
N ASP C 402 28.56 18.99 16.22
CA ASP C 402 29.62 19.55 15.40
C ASP C 402 30.84 18.63 15.29
N TRP C 403 30.89 17.57 16.11
CA TRP C 403 32.03 16.63 16.08
C TRP C 403 32.16 15.94 14.71
N TYR C 404 31.04 15.42 14.20
CA TYR C 404 31.05 14.73 12.91
C TYR C 404 31.41 15.69 11.78
N GLY C 405 30.89 16.92 11.85
CA GLY C 405 31.19 17.91 10.83
C GLY C 405 32.65 18.33 10.81
N ILE C 406 33.21 18.60 11.99
CA ILE C 406 34.61 19.03 12.04
C ILE C 406 35.56 17.87 11.80
N ARG C 407 35.11 16.62 11.99
CA ARG C 407 35.94 15.50 11.56
C ARG C 407 35.90 15.37 10.05
N GLN C 408 34.72 15.49 9.44
CA GLN C 408 34.58 15.17 8.02
C GLN C 408 35.14 16.29 7.13
N ILE C 409 35.04 17.55 7.57
CA ILE C 409 35.54 18.66 6.76
C ILE C 409 37.06 18.62 6.64
N ALA C 410 37.76 18.08 7.64
CA ALA C 410 39.17 17.81 7.50
C ALA C 410 39.44 16.45 6.89
N HIS C 411 38.46 15.54 6.94
CA HIS C 411 38.71 14.21 6.43
C HIS C 411 38.68 14.14 4.91
N TYR C 412 37.80 14.91 4.25
CA TYR C 412 37.82 14.71 2.79
C TYR C 412 38.90 15.55 2.11
N LEU C 413 39.65 16.35 2.86
CA LEU C 413 40.84 16.98 2.31
C LEU C 413 41.95 15.97 2.02
N TYR C 414 41.90 14.80 2.68
CA TYR C 414 42.84 13.73 2.39
C TYR C 414 42.60 13.15 1.00
N MET C 415 41.35 12.79 0.72
CA MET C 415 40.93 12.29 -0.60
C MET C 415 39.44 12.55 -0.74
N PRO C 416 39.03 13.47 -1.62
CA PRO C 416 37.62 13.89 -1.61
C PRO C 416 36.65 12.92 -2.25
N LEU C 417 35.95 12.16 -1.39
CA LEU C 417 34.71 11.46 -1.75
C LEU C 417 33.85 11.52 -0.48
N VAL C 418 32.95 12.49 -0.44
CA VAL C 418 32.25 12.82 0.79
C VAL C 418 30.73 12.67 0.67
N THR C 419 30.19 12.69 -0.54
CA THR C 419 28.74 12.82 -0.74
C THR C 419 27.96 11.55 -0.43
N THR C 420 28.61 10.41 -0.23
CA THR C 420 27.90 9.16 0.00
C THR C 420 27.84 8.76 1.46
N SER C 421 28.13 9.69 2.38
CA SER C 421 28.07 9.38 3.79
C SER C 421 26.66 9.45 4.37
N ASP C 422 25.68 9.90 3.60
CA ASP C 422 24.31 9.95 4.07
C ASP C 422 23.62 8.59 4.04
N LEU C 423 24.20 7.62 3.36
CA LEU C 423 23.69 6.25 3.33
C LEU C 423 24.47 5.31 4.22
N THR C 424 25.79 5.40 4.23
CA THR C 424 26.65 4.50 4.97
C THR C 424 27.25 5.27 6.14
N TYR C 425 26.82 4.96 7.35
CA TYR C 425 27.35 5.61 8.54
C TYR C 425 28.79 5.17 8.77
N ASN C 426 29.63 6.13 9.21
CA ASN C 426 31.08 5.96 9.40
C ASN C 426 31.75 5.49 8.11
N TYR C 427 31.43 6.17 7.00
CA TYR C 427 32.02 5.83 5.71
C TYR C 427 33.47 6.28 5.62
N VAL C 428 33.83 7.35 6.33
CA VAL C 428 35.09 8.07 6.07
C VAL C 428 36.34 7.32 6.51
N SER C 429 36.21 6.12 7.09
CA SER C 429 37.38 5.33 7.43
C SER C 429 38.06 4.78 6.19
N GLN C 430 37.29 4.47 5.14
CA GLN C 430 37.83 3.87 3.93
C GLN C 430 38.61 4.88 3.09
N THR C 431 38.20 6.16 3.10
CA THR C 431 38.88 7.19 2.33
C THR C 431 40.29 7.44 2.84
N ARG C 432 40.52 7.26 4.14
CA ARG C 432 41.85 7.44 4.71
C ARG C 432 42.83 6.41 4.18
N ILE C 433 42.44 5.13 4.22
CA ILE C 433 43.35 4.07 3.82
C ILE C 433 43.46 3.99 2.30
N GLU C 434 42.43 4.45 1.56
CA GLU C 434 42.59 4.53 0.12
C GLU C 434 43.21 5.84 -0.35
N GLY C 435 43.43 6.79 0.54
CA GLY C 435 44.20 7.96 0.17
C GLY C 435 45.66 7.80 0.53
N LYS C 436 45.93 7.00 1.56
CA LYS C 436 47.31 6.79 2.01
C LYS C 436 48.13 6.04 0.95
N LYS C 437 47.56 5.00 0.35
CA LYS C 437 48.27 4.25 -0.68
C LYS C 437 48.46 5.07 -1.94
N LEU C 438 47.47 5.90 -2.28
CA LEU C 438 47.60 6.79 -3.44
C LEU C 438 48.67 7.85 -3.21
N PHE C 439 48.74 8.42 -2.00
CA PHE C 439 49.75 9.42 -1.68
C PHE C 439 51.14 8.80 -1.63
N GLU C 440 51.25 7.55 -1.20
CA GLU C 440 52.54 6.86 -1.27
C GLU C 440 52.90 6.53 -2.70
N SER C 441 51.91 6.27 -3.57
CA SER C 441 52.17 6.02 -4.98
C SER C 441 52.62 7.28 -5.70
N LEU C 442 52.16 8.45 -5.25
CA LEU C 442 52.68 9.71 -5.79
C LEU C 442 54.16 9.88 -5.44
N GLY C 443 54.56 9.49 -4.24
CA GLY C 443 55.95 9.58 -3.84
C GLY C 443 56.22 10.71 -2.87
N TYR C 444 55.25 11.01 -2.02
CA TYR C 444 55.41 12.05 -1.01
C TYR C 444 56.33 11.57 0.11
N THR C 445 56.77 12.52 0.93
CA THR C 445 57.58 12.19 2.09
C THR C 445 56.76 11.45 3.14
N ARG C 446 57.38 10.46 3.78
CA ARG C 446 56.70 9.67 4.79
C ARG C 446 56.39 10.49 6.03
N GLU C 447 57.20 11.52 6.32
CA GLU C 447 57.00 12.36 7.50
C GLU C 447 55.71 13.16 7.37
N HIS C 448 55.43 13.73 6.20
CA HIS C 448 54.20 14.52 6.01
C HIS C 448 52.96 13.64 6.09
N ILE C 449 53.02 12.46 5.46
CA ILE C 449 51.89 11.53 5.47
C ILE C 449 51.61 11.02 6.88
N ASP C 450 52.67 10.65 7.61
CA ASP C 450 52.49 10.17 8.97
C ASP C 450 52.05 11.28 9.92
N TYR C 451 52.52 12.51 9.71
CA TYR C 451 52.07 13.62 10.55
C TYR C 451 50.61 13.95 10.30
N VAL C 452 50.17 13.91 9.04
CA VAL C 452 48.76 14.15 8.73
C VAL C 452 47.89 13.03 9.29
N GLU C 453 48.37 11.78 9.20
CA GLU C 453 47.63 10.65 9.75
C GLU C 453 47.51 10.73 11.28
N SER C 454 48.61 11.09 11.96
CA SER C 454 48.55 11.25 13.40
C SER C 454 47.74 12.46 13.81
N LEU C 455 47.72 13.51 12.97
CA LEU C 455 46.92 14.69 13.24
C LEU C 455 45.42 14.36 13.16
N LEU C 456 45.02 13.64 12.12
CA LEU C 456 43.64 13.14 12.05
C LEU C 456 43.35 12.13 13.16
N SER C 457 44.38 11.41 13.63
CA SER C 457 44.19 10.47 14.73
C SER C 457 43.89 11.19 16.04
N TYR C 458 44.60 12.26 16.35
CA TYR C 458 44.28 12.91 17.62
C TYR C 458 43.15 13.93 17.47
N LEU C 459 42.70 14.23 16.25
CA LEU C 459 41.37 14.82 16.11
C LEU C 459 40.26 13.78 16.28
N ASP C 460 40.52 12.53 15.87
CA ASP C 460 39.59 11.44 16.13
C ASP C 460 39.62 10.98 17.58
N SER C 461 40.64 11.40 18.35
CA SER C 461 40.78 11.13 19.79
C SER C 461 39.65 11.69 20.61
N LYS C 462 38.84 12.55 19.98
CA LYS C 462 37.63 13.00 20.61
C LYS C 462 36.79 12.08 19.79
N CYS C 463 36.48 10.90 20.31
CA CYS C 463 35.76 9.92 19.49
C CYS C 463 34.45 9.36 20.06
N PRO C 464 33.33 10.07 19.89
CA PRO C 464 32.07 9.47 20.36
C PRO C 464 31.30 8.78 19.28
N GLN C 465 31.56 7.51 19.08
CA GLN C 465 30.75 6.80 18.14
C GLN C 465 29.34 6.87 18.65
N ILE C 466 28.37 6.57 17.79
CA ILE C 466 26.97 6.55 18.22
C ILE C 466 26.29 5.39 17.54
N GLU C 467 26.03 4.32 18.27
CA GLU C 467 25.45 3.12 17.68
C GLU C 467 24.02 3.44 17.29
N ASN C 468 23.85 4.00 16.10
CA ASN C 468 22.51 4.32 15.62
C ASN C 468 21.72 3.05 15.29
N ILE C 469 20.42 3.12 15.47
CA ILE C 469 19.55 1.95 15.43
C ILE C 469 18.54 2.20 14.31
N SER C 470 18.81 1.67 13.12
CA SER C 470 17.92 1.86 11.98
C SER C 470 18.11 0.71 11.01
N ARG C 471 17.36 0.76 9.91
CA ARG C 471 17.50 -0.19 8.82
C ARG C 471 18.55 0.22 7.80
N LYS C 472 19.11 1.43 7.94
CA LYS C 472 20.21 1.84 7.07
C LYS C 472 21.50 1.13 7.38
N LYS C 473 21.63 0.53 8.56
CA LYS C 473 22.87 -0.10 9.01
C LYS C 473 23.09 -1.49 8.43
N VAL C 474 22.26 -1.91 7.48
CA VAL C 474 22.55 -3.13 6.73
C VAL C 474 23.77 -2.92 5.84
N LEU C 475 23.87 -1.74 5.21
CA LEU C 475 24.99 -1.40 4.33
C LEU C 475 26.13 -0.82 5.17
N LYS C 476 26.87 -1.73 5.79
CA LYS C 476 28.01 -1.38 6.62
C LYS C 476 29.20 -0.96 5.74
N PRO C 477 30.17 -0.24 6.32
CA PRO C 477 31.36 0.14 5.53
C PRO C 477 32.26 -1.04 5.22
N MET C 478 33.26 -0.76 4.39
CA MET C 478 34.35 -1.67 4.09
C MET C 478 35.52 -1.42 5.02
N HIS C 479 36.10 -2.50 5.56
CA HIS C 479 37.30 -2.41 6.38
C HIS C 479 38.40 -3.35 5.88
N GLU C 480 38.27 -3.86 4.67
CA GLU C 480 39.25 -4.78 4.10
C GLU C 480 39.66 -4.28 2.71
N ILE C 481 40.96 -4.23 2.47
CA ILE C 481 41.53 -3.79 1.20
C ILE C 481 42.58 -4.81 0.77
N ARG C 482 42.41 -5.39 -0.40
CA ARG C 482 43.32 -6.38 -0.95
C ARG C 482 44.03 -5.80 -2.18
N THR C 483 44.87 -6.64 -2.79
CA THR C 483 45.62 -6.27 -3.98
C THR C 483 45.42 -7.34 -5.04
N ILE C 484 45.23 -6.92 -6.28
CA ILE C 484 44.95 -7.84 -7.38
C ILE C 484 46.26 -8.19 -8.07
N GLU C 485 46.55 -9.47 -8.16
CA GLU C 485 47.72 -9.96 -8.88
C GLU C 485 47.40 -11.07 -9.88
N SER C 486 46.45 -11.93 -9.56
CA SER C 486 46.12 -13.09 -10.38
C SER C 486 44.72 -12.96 -10.95
N GLU C 487 44.39 -13.87 -11.87
CA GLU C 487 43.08 -13.84 -12.52
C GLU C 487 41.98 -14.34 -11.60
N GLN C 488 42.30 -15.25 -10.68
CA GLN C 488 41.28 -15.80 -9.78
C GLN C 488 40.79 -14.76 -8.79
N ASP C 489 41.62 -13.75 -8.48
CA ASP C 489 41.16 -12.62 -7.69
C ASP C 489 40.09 -11.83 -8.45
N ILE C 490 40.27 -11.67 -9.76
CA ILE C 490 39.28 -10.97 -10.57
C ILE C 490 37.99 -11.79 -10.67
N GLN C 491 38.12 -13.12 -10.79
CA GLN C 491 36.94 -13.98 -10.80
C GLN C 491 36.19 -13.94 -9.47
N ASP C 492 36.93 -13.90 -8.36
CA ASP C 492 36.32 -13.78 -7.04
C ASP C 492 35.63 -12.43 -6.88
N PHE C 493 36.24 -11.35 -7.39
CA PHE C 493 35.61 -10.03 -7.32
C PHE C 493 34.33 -9.97 -8.13
N ILE C 494 34.32 -10.57 -9.33
CA ILE C 494 33.11 -10.45 -10.14
C ILE C 494 32.02 -11.40 -9.65
N ILE C 495 32.37 -12.55 -9.06
CA ILE C 495 31.33 -13.39 -8.49
C ILE C 495 30.82 -12.79 -7.18
N LYS C 496 31.62 -11.96 -6.50
CA LYS C 496 31.10 -11.20 -5.38
C LYS C 496 30.16 -10.09 -5.85
N LEU C 497 30.56 -9.37 -6.91
CA LEU C 497 29.78 -8.24 -7.41
C LEU C 497 28.46 -8.67 -8.01
N LEU C 498 28.40 -9.87 -8.60
CA LEU C 498 27.16 -10.35 -9.19
C LEU C 498 26.12 -10.68 -8.12
N ARG C 499 26.55 -11.02 -6.91
CA ARG C 499 25.62 -11.28 -5.82
C ARG C 499 24.91 -10.02 -5.36
N GLY C 500 25.61 -8.89 -5.34
CA GLY C 500 25.00 -7.63 -4.94
C GLY C 500 23.93 -7.17 -5.90
N PHE C 501 24.03 -7.56 -7.18
CA PHE C 501 22.97 -7.30 -8.14
C PHE C 501 21.69 -8.06 -7.79
N THR C 502 21.82 -9.33 -7.39
CA THR C 502 20.65 -10.10 -6.98
C THR C 502 20.07 -9.57 -5.68
N LEU C 503 20.93 -9.12 -4.76
CA LEU C 503 20.43 -8.55 -3.50
C LEU C 503 19.72 -7.22 -3.72
N THR C 504 20.24 -6.36 -4.61
CA THR C 504 19.52 -5.11 -4.88
C THR C 504 18.31 -5.33 -5.77
N TYR C 505 18.22 -6.47 -6.46
CA TYR C 505 16.96 -6.83 -7.10
C TYR C 505 15.94 -7.34 -6.09
N GLY C 506 16.40 -8.01 -5.03
CA GLY C 506 15.48 -8.66 -4.12
C GLY C 506 14.62 -7.71 -3.31
N GLN C 507 15.23 -6.65 -2.77
CA GLN C 507 14.47 -5.72 -1.94
C GLN C 507 13.67 -4.70 -2.75
N TRP C 508 13.89 -4.63 -4.06
CA TRP C 508 13.13 -3.67 -4.88
C TRP C 508 11.72 -4.16 -5.18
N ARG C 509 11.52 -5.47 -5.30
CA ARG C 509 10.21 -6.00 -5.64
C ARG C 509 9.23 -6.00 -4.47
N LYS C 510 9.73 -5.91 -3.23
CA LYS C 510 8.85 -6.07 -2.08
C LYS C 510 7.96 -4.85 -1.86
N GLU C 511 8.53 -3.65 -1.96
CA GLU C 511 7.78 -2.43 -1.69
C GLU C 511 7.44 -1.65 -2.96
N PHE C 512 7.84 -2.12 -4.13
CA PHE C 512 7.55 -1.42 -5.37
C PHE C 512 7.26 -2.42 -6.47
N GLN C 513 6.39 -2.02 -7.39
CA GLN C 513 5.81 -2.93 -8.36
C GLN C 513 5.81 -2.38 -9.78
N SER C 514 6.13 -1.10 -9.99
CA SER C 514 6.00 -0.47 -11.29
C SER C 514 7.02 -1.01 -12.29
N ARG C 515 8.30 -0.79 -12.03
CA ARG C 515 9.34 -1.32 -12.89
C ARG C 515 9.84 -2.65 -12.36
N PHE C 516 10.97 -3.10 -12.89
CA PHE C 516 11.60 -4.34 -12.46
C PHE C 516 12.92 -4.16 -11.74
N PHE C 517 13.57 -3.01 -11.89
CA PHE C 517 14.91 -2.81 -11.36
C PHE C 517 15.09 -1.38 -10.87
N PRO C 518 16.00 -1.16 -9.91
CA PRO C 518 16.24 0.20 -9.41
C PRO C 518 16.84 1.12 -10.47
N VAL C 519 16.60 2.42 -10.31
CA VAL C 519 16.79 3.40 -11.37
C VAL C 519 17.78 4.49 -11.00
N HIS C 520 18.04 5.36 -11.96
CA HIS C 520 18.64 6.68 -11.75
C HIS C 520 17.54 7.72 -11.66
N TYR C 521 17.90 8.91 -11.20
CA TYR C 521 16.89 9.96 -11.03
C TYR C 521 16.55 10.68 -12.34
N TYR C 522 17.37 10.56 -13.38
CA TYR C 522 17.02 11.17 -14.65
C TYR C 522 16.10 10.27 -15.47
N GLY C 523 16.58 9.09 -15.85
CA GLY C 523 15.81 8.18 -16.68
C GLY C 523 15.09 7.10 -15.91
N LEU C 524 14.13 7.48 -15.09
CA LEU C 524 13.39 6.53 -14.27
C LEU C 524 12.05 6.14 -14.87
N ASN C 525 11.77 6.55 -16.11
CA ASN C 525 10.55 6.16 -16.80
C ASN C 525 10.78 5.56 -18.18
N PHE C 526 11.95 5.76 -18.80
CA PHE C 526 12.24 5.23 -20.13
C PHE C 526 12.55 3.74 -19.99
N ASN C 527 11.49 2.94 -19.90
CA ASN C 527 11.59 1.52 -19.58
C ASN C 527 11.65 0.68 -20.86
N GLN C 528 12.57 1.03 -21.76
CA GLN C 528 12.81 0.29 -23.00
C GLN C 528 14.19 0.61 -23.54
N GLY C 529 14.66 -0.25 -24.44
CA GLY C 529 15.86 0.03 -25.23
C GLY C 529 17.15 -0.21 -24.48
N ILE C 530 18.26 0.02 -25.19
CA ILE C 530 19.57 0.01 -24.55
C ILE C 530 19.85 1.41 -23.99
N ALA C 531 19.32 1.63 -22.79
CA ALA C 531 19.26 2.92 -22.13
C ALA C 531 19.08 2.65 -20.65
N PHE C 532 18.58 3.63 -19.92
CA PHE C 532 18.27 3.46 -18.51
C PHE C 532 17.05 2.56 -18.36
N SER C 533 17.21 1.26 -18.60
CA SER C 533 16.07 0.35 -18.69
C SER C 533 16.54 -1.07 -18.41
N ASP C 534 15.59 -1.90 -17.99
CA ASP C 534 15.88 -3.25 -17.51
C ASP C 534 16.31 -4.19 -18.64
N LEU C 535 15.80 -3.95 -19.85
CA LEU C 535 16.09 -4.84 -20.98
C LEU C 535 17.56 -4.79 -21.34
N ALA C 536 18.21 -3.64 -21.15
CA ALA C 536 19.65 -3.53 -21.23
C ALA C 536 20.36 -4.08 -20.00
N ILE C 537 19.65 -4.31 -18.89
CA ILE C 537 20.30 -4.85 -17.70
C ILE C 537 20.43 -6.37 -17.81
N LEU C 538 19.40 -7.04 -18.35
CA LEU C 538 19.35 -8.50 -18.34
C LEU C 538 20.46 -9.16 -19.18
N TRP C 539 20.78 -8.58 -20.34
CA TRP C 539 21.78 -9.25 -21.18
C TRP C 539 23.20 -9.07 -20.63
N SER C 540 23.46 -7.97 -19.92
CA SER C 540 24.71 -7.85 -19.17
C SER C 540 24.80 -8.90 -18.08
N TYR C 541 23.67 -9.18 -17.42
CA TYR C 541 23.61 -10.22 -16.39
C TYR C 541 23.91 -11.60 -16.96
N GLN C 542 23.31 -11.93 -18.10
CA GLN C 542 23.56 -13.27 -18.65
C GLN C 542 24.95 -13.37 -19.25
N GLN C 543 25.51 -12.25 -19.74
CA GLN C 543 26.90 -12.25 -20.21
C GLN C 543 27.87 -12.52 -19.06
N LEU C 544 27.73 -11.79 -17.96
CA LEU C 544 28.66 -11.98 -16.84
C LEU C 544 28.35 -13.24 -16.05
N ALA C 545 27.17 -13.85 -16.21
CA ALA C 545 26.97 -15.21 -15.73
C ALA C 545 27.65 -16.22 -16.63
N LYS C 546 27.72 -15.93 -17.94
CA LYS C 546 28.41 -16.83 -18.87
C LYS C 546 29.92 -16.79 -18.69
N LYS C 547 30.49 -15.63 -18.33
CA LYS C 547 31.94 -15.50 -18.35
C LYS C 547 32.61 -16.22 -17.18
N VAL C 548 32.05 -16.14 -15.97
CA VAL C 548 32.89 -16.36 -14.79
C VAL C 548 33.25 -17.81 -14.51
N LYS C 549 32.31 -18.66 -14.04
CA LYS C 549 32.53 -20.09 -13.81
C LYS C 549 31.21 -20.78 -13.52
N ASN C 550 30.85 -21.80 -14.32
CA ASN C 550 29.85 -22.86 -14.10
C ASN C 550 28.62 -22.48 -13.27
N PHE C 551 28.01 -21.35 -13.60
CA PHE C 551 27.08 -20.69 -12.68
C PHE C 551 25.78 -21.47 -12.50
N LYS C 552 25.15 -21.27 -11.34
CA LYS C 552 23.88 -21.90 -11.04
C LYS C 552 22.79 -21.38 -11.97
N PHE C 553 22.03 -22.31 -12.55
CA PHE C 553 21.05 -21.94 -13.56
C PHE C 553 19.81 -21.29 -12.95
N ASP C 554 19.51 -21.62 -11.68
CA ASP C 554 18.49 -21.01 -10.84
C ASP C 554 17.11 -21.07 -11.52
N ASP C 555 16.49 -19.94 -11.83
CA ASP C 555 15.30 -19.97 -12.69
C ASP C 555 15.28 -18.77 -13.63
N TYR C 556 16.41 -18.43 -14.25
CA TYR C 556 16.38 -17.25 -15.12
C TYR C 556 15.75 -17.48 -16.48
N TYR C 557 15.45 -18.72 -16.88
CA TYR C 557 14.68 -18.94 -18.11
C TYR C 557 13.28 -18.34 -18.00
N GLU C 558 12.57 -18.68 -16.92
CA GLU C 558 11.22 -18.15 -16.74
C GLU C 558 11.27 -16.65 -16.47
N ILE C 559 12.33 -16.16 -15.83
CA ILE C 559 12.51 -14.73 -15.62
C ILE C 559 12.70 -13.99 -16.94
N ARG C 560 13.54 -14.53 -17.83
CA ARG C 560 13.73 -13.90 -19.14
C ARG C 560 12.47 -13.93 -19.99
N THR C 561 11.67 -15.01 -19.92
CA THR C 561 10.46 -14.98 -20.72
C THR C 561 9.37 -14.09 -20.10
N GLN C 562 9.32 -13.95 -18.76
CA GLN C 562 8.35 -13.01 -18.19
C GLN C 562 8.88 -11.58 -18.20
N VAL C 563 10.09 -11.35 -18.69
CA VAL C 563 10.51 -10.01 -19.08
C VAL C 563 10.21 -9.75 -20.55
N ILE C 564 10.53 -10.71 -21.43
CA ILE C 564 10.37 -10.51 -22.85
C ILE C 564 8.89 -10.48 -23.26
N ASN C 565 7.98 -11.03 -22.44
CA ASN C 565 6.57 -10.91 -22.77
C ASN C 565 6.06 -9.48 -22.66
N GLU C 566 6.41 -8.75 -21.58
CA GLU C 566 5.98 -7.35 -21.59
C GLU C 566 6.88 -6.52 -22.49
N ALA C 567 8.09 -6.98 -22.83
CA ALA C 567 8.90 -6.26 -23.80
C ALA C 567 8.25 -6.25 -25.18
N VAL C 568 7.79 -7.41 -25.64
CA VAL C 568 7.09 -7.47 -26.92
C VAL C 568 5.68 -6.87 -26.78
N ASN C 569 5.14 -6.79 -25.57
CA ASN C 569 3.88 -6.07 -25.36
C ASN C 569 4.06 -4.56 -25.55
N ASN C 570 5.08 -3.98 -24.91
CA ASN C 570 5.27 -2.53 -24.95
C ASN C 570 6.30 -2.08 -25.98
N PHE C 571 6.56 -2.91 -27.00
CA PHE C 571 7.27 -2.44 -28.18
C PHE C 571 6.66 -1.18 -28.77
N LYS C 572 5.33 -1.11 -28.86
CA LYS C 572 4.67 0.10 -29.36
C LYS C 572 3.45 0.41 -28.50
N LYS C 573 3.67 1.17 -27.43
CA LYS C 573 2.60 1.89 -26.75
C LYS C 573 3.09 3.24 -26.22
N SER C 574 4.15 3.77 -26.82
CA SER C 574 4.76 5.01 -26.35
C SER C 574 5.13 5.84 -27.59
N SER C 575 5.91 6.89 -27.36
CA SER C 575 6.29 7.83 -28.42
C SER C 575 7.81 7.78 -28.58
N LEU C 576 8.33 8.72 -29.39
CA LEU C 576 9.74 8.89 -29.76
C LEU C 576 10.32 7.71 -30.54
N SER C 577 11.53 7.87 -31.05
CA SER C 577 12.22 6.85 -31.83
C SER C 577 13.71 7.07 -31.70
N GLY C 578 14.49 6.06 -32.07
CA GLY C 578 15.94 6.09 -31.92
C GLY C 578 16.47 4.73 -31.52
N LEU C 579 17.77 4.71 -31.20
CA LEU C 579 18.47 3.48 -30.88
C LEU C 579 18.60 3.23 -29.38
N PHE C 580 19.06 4.21 -28.62
CA PHE C 580 19.33 3.99 -27.20
C PHE C 580 18.04 3.91 -26.40
N ASP C 581 17.28 5.01 -26.35
CA ASP C 581 16.01 5.05 -25.64
C ASP C 581 14.84 5.16 -26.61
N GLY C 582 15.05 4.78 -27.86
CA GLY C 582 14.06 5.02 -28.89
C GLY C 582 13.15 3.84 -29.17
N LYS C 583 13.26 3.28 -30.37
CA LYS C 583 12.36 2.20 -30.77
C LYS C 583 13.07 0.89 -31.05
N ILE C 584 14.05 0.88 -31.95
CA ILE C 584 14.55 -0.37 -32.52
C ILE C 584 15.85 -0.83 -31.87
N GLY C 585 16.24 -0.22 -30.74
CA GLY C 585 17.30 -0.82 -29.94
C GLY C 585 16.86 -2.12 -29.30
N THR C 586 15.56 -2.25 -29.03
CA THR C 586 15.00 -3.49 -28.51
C THR C 586 15.14 -4.63 -29.52
N ILE C 587 14.99 -4.32 -30.81
CA ILE C 587 15.16 -5.31 -31.87
C ILE C 587 16.59 -5.83 -31.91
N TRP C 588 17.57 -4.91 -31.82
CA TRP C 588 18.97 -5.31 -31.83
C TRP C 588 19.32 -6.11 -30.58
N LEU C 589 18.76 -5.73 -29.43
CA LEU C 589 19.08 -6.47 -28.20
C LEU C 589 18.41 -7.84 -28.20
N ILE C 590 17.20 -7.95 -28.77
CA ILE C 590 16.52 -9.24 -28.84
C ILE C 590 17.24 -10.17 -29.80
N TYR C 591 17.73 -9.63 -30.92
CA TYR C 591 18.55 -10.45 -31.82
C TYR C 591 19.90 -10.82 -31.19
N GLU C 592 20.45 -9.94 -30.36
CA GLU C 592 21.68 -10.24 -29.64
C GLU C 592 21.44 -11.02 -28.35
N PHE C 593 20.18 -11.25 -27.99
CA PHE C 593 19.84 -11.95 -26.76
C PHE C 593 20.19 -13.43 -26.85
N GLU C 595 16.08 -14.78 -29.02
CA GLU C 595 14.94 -14.74 -29.94
C GLU C 595 15.36 -14.11 -31.26
N ILE C 596 15.32 -14.89 -32.34
CA ILE C 596 15.84 -14.47 -33.63
C ILE C 596 14.73 -14.02 -34.58
N ASP C 597 13.68 -14.84 -34.72
CA ASP C 597 12.70 -14.64 -35.77
C ASP C 597 11.81 -13.43 -35.52
N ARG C 598 11.41 -13.22 -34.26
CA ARG C 598 10.48 -12.15 -33.92
C ARG C 598 11.10 -10.78 -34.15
N ALA C 599 12.38 -10.62 -33.79
CA ALA C 599 13.08 -9.37 -34.04
C ALA C 599 13.18 -9.07 -35.53
N VAL C 600 13.47 -10.10 -36.33
CA VAL C 600 13.58 -9.94 -37.78
C VAL C 600 12.24 -9.54 -38.39
N GLU C 601 11.14 -10.16 -37.95
CA GLU C 601 9.88 -9.87 -38.62
C GLU C 601 9.26 -8.56 -38.12
N LEU C 602 9.45 -8.20 -36.83
CA LEU C 602 9.11 -6.84 -36.42
C LEU C 602 9.95 -5.79 -37.11
N PHE C 603 11.25 -6.06 -37.34
CA PHE C 603 12.11 -5.12 -38.04
C PHE C 603 11.65 -4.93 -39.49
N THR C 604 11.38 -6.02 -40.19
CA THR C 604 10.97 -5.92 -41.58
C THR C 604 9.53 -5.46 -41.75
N THR C 605 8.72 -5.46 -40.68
CA THR C 605 7.39 -4.87 -40.76
C THR C 605 7.31 -3.46 -40.20
N HIS C 606 8.35 -2.97 -39.52
CA HIS C 606 8.28 -1.66 -38.89
C HIS C 606 9.42 -0.71 -39.22
N PHE C 607 10.42 -1.13 -40.00
CA PHE C 607 11.62 -0.32 -40.18
C PHE C 607 11.35 0.93 -41.00
N ILE C 608 10.65 0.78 -42.13
CA ILE C 608 10.32 1.93 -42.96
C ILE C 608 9.28 2.80 -42.27
N GLU C 609 8.39 2.19 -41.49
CA GLU C 609 7.35 2.95 -40.79
C GLU C 609 7.93 3.82 -39.69
N ILE C 610 8.89 3.31 -38.93
CA ILE C 610 9.46 4.07 -37.83
C ILE C 610 10.58 5.00 -38.28
N PHE C 611 11.35 4.60 -39.31
CA PHE C 611 12.54 5.34 -39.72
C PHE C 611 12.19 6.71 -40.30
N GLU C 612 11.10 6.80 -41.05
CA GLU C 612 10.69 8.08 -41.63
C GLU C 612 10.08 9.03 -40.61
N ASN C 613 9.68 8.53 -39.43
CA ASN C 613 9.06 9.39 -38.43
C ASN C 613 10.08 10.30 -37.76
N SER C 614 11.27 9.78 -37.47
CA SER C 614 12.29 10.57 -36.81
C SER C 614 12.97 11.51 -37.79
N GLN C 615 13.62 12.54 -37.26
CA GLN C 615 14.16 13.63 -38.06
C GLN C 615 15.64 13.87 -37.84
N ASN C 616 16.14 13.71 -36.62
CA ASN C 616 17.54 13.97 -36.32
C ASN C 616 18.41 12.80 -36.81
N LYS C 617 19.73 12.99 -36.74
CA LYS C 617 20.67 12.00 -37.25
C LYS C 617 21.66 11.57 -36.16
N ASN C 618 21.51 12.08 -34.93
CA ASN C 618 22.40 11.69 -33.85
C ASN C 618 22.10 10.24 -33.41
N LEU C 619 23.07 9.65 -32.71
CA LEU C 619 22.97 8.24 -32.34
C LEU C 619 22.02 7.98 -31.18
N TYR C 620 21.62 9.01 -30.44
CA TYR C 620 20.79 8.76 -29.26
C TYR C 620 19.34 8.54 -29.62
N SER C 621 18.74 9.49 -30.36
CA SER C 621 17.34 9.38 -30.74
C SER C 621 17.09 9.86 -32.16
N GLY C 622 18.06 9.68 -33.06
CA GLY C 622 17.92 10.18 -34.42
C GLY C 622 17.73 9.11 -35.47
N GLN C 623 18.63 9.07 -36.46
CA GLN C 623 18.55 8.09 -37.54
C GLN C 623 19.82 7.29 -37.78
N ALA C 624 20.91 7.57 -37.08
CA ALA C 624 22.13 6.81 -37.31
C ALA C 624 22.07 5.47 -36.59
N ILE C 626 20.15 2.93 -36.02
CA ILE C 626 19.06 2.71 -36.96
C ILE C 626 19.65 2.26 -38.29
N LEU C 627 20.44 3.14 -38.91
CA LEU C 627 21.25 2.71 -40.03
C LEU C 627 22.32 1.73 -39.59
N LEU C 628 22.80 1.86 -38.35
CA LEU C 628 23.72 0.87 -37.79
C LEU C 628 23.03 -0.49 -37.65
N VAL C 629 21.78 -0.50 -37.20
CA VAL C 629 21.02 -1.74 -37.07
C VAL C 629 20.74 -2.35 -38.45
N GLY C 630 20.43 -1.50 -39.43
CA GLY C 630 20.19 -1.98 -40.77
C GLY C 630 21.43 -2.56 -41.43
N LEU C 631 22.58 -1.91 -41.26
CA LEU C 631 23.83 -2.45 -41.80
C LEU C 631 24.26 -3.71 -41.07
N TYR C 632 24.02 -3.78 -39.75
CA TYR C 632 24.34 -4.99 -38.99
C TYR C 632 23.47 -6.16 -39.42
N PHE C 633 22.19 -5.90 -39.71
CA PHE C 633 21.32 -6.96 -40.21
C PHE C 633 21.64 -7.30 -41.66
N LEU C 634 22.20 -6.35 -42.41
CA LEU C 634 22.51 -6.58 -43.82
C LEU C 634 23.79 -7.37 -44.02
N SER C 635 24.79 -7.18 -43.16
CA SER C 635 26.11 -7.78 -43.37
C SER C 635 26.07 -9.29 -43.22
N LYS C 636 25.43 -9.80 -42.15
CA LYS C 636 25.19 -11.24 -42.08
C LYS C 636 24.05 -11.65 -43.00
N GLY C 637 23.00 -10.85 -43.06
CA GLY C 637 21.94 -11.02 -44.04
C GLY C 637 20.69 -11.67 -43.51
N GLU C 638 19.70 -10.84 -43.15
CA GLU C 638 18.36 -11.31 -42.80
C GLU C 638 17.26 -10.39 -43.32
N ILE C 639 17.60 -9.33 -44.03
CA ILE C 639 16.63 -8.34 -44.48
C ILE C 639 16.02 -8.81 -45.80
N ASP C 640 14.79 -8.39 -46.09
CA ASP C 640 14.23 -8.56 -47.41
C ASP C 640 15.05 -7.76 -48.42
N ASN C 641 15.12 -8.28 -49.66
CA ASN C 641 16.16 -7.85 -50.58
C ASN C 641 15.89 -6.45 -51.14
N LYS C 642 14.76 -6.30 -51.86
CA LYS C 642 14.49 -5.08 -52.63
C LYS C 642 14.30 -3.87 -51.73
N LEU C 643 13.64 -4.05 -50.58
CA LEU C 643 13.62 -3.01 -49.56
C LEU C 643 15.01 -2.77 -49.00
N GLY C 644 15.87 -3.80 -49.00
CA GLY C 644 17.25 -3.61 -48.59
C GLY C 644 18.02 -2.68 -49.51
N GLU C 645 17.91 -2.88 -50.82
CA GLU C 645 18.58 -1.95 -51.73
C GLU C 645 17.91 -0.58 -51.75
N GLU C 646 16.60 -0.54 -51.53
CA GLU C 646 15.90 0.74 -51.44
C GLU C 646 16.38 1.57 -50.26
N ILE C 647 16.49 0.94 -49.09
CA ILE C 647 17.00 1.68 -47.93
C ILE C 647 18.50 1.90 -48.03
N LEU C 648 19.22 1.08 -48.82
CA LEU C 648 20.65 1.31 -49.02
C LEU C 648 20.89 2.56 -49.86
N ILE C 649 20.15 2.71 -50.96
CA ILE C 649 20.30 3.92 -51.76
C ILE C 649 19.66 5.11 -51.04
N ARG C 650 18.71 4.86 -50.14
CA ARG C 650 18.20 5.92 -49.27
C ARG C 650 19.29 6.46 -48.34
N LEU C 651 19.99 5.57 -47.62
CA LEU C 651 21.04 6.04 -46.73
C LEU C 651 22.23 6.60 -47.52
N ARG C 652 22.43 6.13 -48.76
CA ARG C 652 23.43 6.73 -49.64
C ARG C 652 23.06 8.18 -49.99
N GLU C 653 21.80 8.43 -50.33
CA GLU C 653 21.44 9.79 -50.71
C GLU C 653 21.33 10.73 -49.50
N TYR C 654 20.96 10.22 -48.32
CA TYR C 654 21.08 11.07 -47.13
C TYR C 654 22.53 11.32 -46.74
N THR C 655 23.42 10.37 -47.01
CA THR C 655 24.85 10.62 -46.82
C THR C 655 25.36 11.71 -47.75
N LEU C 656 24.94 11.67 -49.01
CA LEU C 656 25.32 12.71 -49.97
C LEU C 656 24.73 14.06 -49.56
N ASN C 657 23.46 14.07 -49.15
CA ASN C 657 22.80 15.30 -48.71
C ASN C 657 23.51 15.90 -47.49
N TYR C 658 23.94 15.04 -46.56
CA TYR C 658 24.76 15.50 -45.44
C TYR C 658 26.11 16.00 -45.91
N ILE C 659 26.63 15.47 -47.02
CA ILE C 659 27.92 15.94 -47.54
C ILE C 659 27.81 17.38 -48.05
N GLU C 660 26.72 17.76 -48.72
CA GLU C 660 26.65 19.20 -49.01
C GLU C 660 26.30 20.07 -47.79
N ASN C 661 25.34 19.65 -46.95
CA ASN C 661 24.88 20.60 -45.94
C ASN C 661 25.81 20.64 -44.73
N PRO C 662 25.75 21.73 -43.92
CA PRO C 662 26.44 21.74 -42.63
C PRO C 662 25.85 20.80 -41.59
N GLU C 663 26.34 20.90 -40.35
CA GLU C 663 25.97 19.94 -39.30
C GLU C 663 24.48 20.00 -38.95
N THR C 664 23.92 21.22 -38.82
CA THR C 664 22.49 21.53 -38.71
C THR C 664 21.73 20.78 -37.61
N PHE C 665 21.71 19.45 -37.68
CA PHE C 665 20.95 18.64 -36.73
C PHE C 665 21.51 18.74 -35.31
N CYS C 666 22.84 18.77 -35.19
CA CYS C 666 23.47 19.00 -33.88
C CYS C 666 24.54 20.07 -34.02
N LYS C 667 25.25 20.34 -32.93
CA LYS C 667 26.31 21.35 -32.92
C LYS C 667 27.66 20.68 -32.74
N VAL C 668 28.62 21.10 -33.55
CA VAL C 668 29.98 20.58 -33.46
C VAL C 668 30.94 21.69 -33.11
N SER C 671 28.02 25.06 -27.87
CA SER C 671 27.17 24.57 -26.80
C SER C 671 27.79 24.85 -25.44
N ASP C 672 27.65 26.09 -24.96
CA ASP C 672 28.24 26.51 -23.69
C ASP C 672 27.17 26.38 -22.61
N VAL C 673 26.86 25.14 -22.25
CA VAL C 673 25.97 24.83 -21.14
C VAL C 673 26.68 23.85 -20.21
N GLN C 674 26.62 24.14 -18.91
CA GLN C 674 27.28 23.33 -17.89
C GLN C 674 26.23 22.43 -17.25
N SER C 675 25.99 21.28 -17.87
CA SER C 675 24.94 20.39 -17.40
C SER C 675 25.39 18.94 -17.56
N ASN C 676 24.86 18.10 -16.68
CA ASN C 676 24.98 16.65 -16.77
C ASN C 676 23.76 16.11 -17.50
N ASP C 677 22.81 17.00 -17.82
CA ASP C 677 21.52 16.63 -18.39
C ASP C 677 21.70 16.03 -19.79
N PRO C 678 21.00 14.93 -20.10
CA PRO C 678 21.24 14.26 -21.39
C PRO C 678 20.71 15.05 -22.59
N TYR C 679 19.55 15.69 -22.46
CA TYR C 679 18.99 16.43 -23.57
C TYR C 679 19.77 17.72 -23.84
N GLU C 680 20.38 18.30 -22.80
CA GLU C 680 21.23 19.47 -22.96
C GLU C 680 22.66 19.10 -23.33
N ASN C 681 23.00 17.81 -23.33
CA ASN C 681 24.36 17.39 -23.67
C ASN C 681 24.56 17.50 -25.18
N PHE C 682 25.79 17.85 -25.58
CA PHE C 682 26.13 18.02 -26.97
C PHE C 682 27.61 17.74 -27.17
N GLY C 683 28.00 17.55 -28.42
CA GLY C 683 29.41 17.42 -28.79
C GLY C 683 30.12 16.18 -28.28
N GLY C 684 29.49 15.00 -28.38
CA GLY C 684 30.11 13.77 -27.96
C GLY C 684 29.66 12.60 -28.82
N LEU C 685 30.15 11.41 -28.46
CA LEU C 685 29.67 10.19 -29.11
C LEU C 685 28.21 9.92 -28.75
N LEU C 686 27.82 10.25 -27.52
CA LEU C 686 26.43 10.14 -27.13
C LEU C 686 25.57 11.18 -27.82
N TYR C 687 26.10 12.40 -28.02
CA TYR C 687 25.32 13.52 -28.55
C TYR C 687 26.22 14.33 -29.47
N GLY C 688 25.98 14.25 -30.76
CA GLY C 688 26.68 15.05 -31.74
C GLY C 688 27.01 14.25 -32.98
N HIS C 689 27.79 14.87 -33.86
CA HIS C 689 28.23 14.24 -35.10
C HIS C 689 29.57 13.52 -34.96
N ALA C 690 30.05 13.35 -33.73
CA ALA C 690 31.30 12.62 -33.52
C ALA C 690 31.13 11.12 -33.63
N GLY C 691 29.91 10.61 -33.63
CA GLY C 691 29.65 9.19 -33.67
C GLY C 691 29.24 8.62 -35.02
N VAL C 692 29.08 9.46 -36.04
CA VAL C 692 28.74 8.96 -37.37
C VAL C 692 29.94 8.37 -38.10
N ALA C 693 31.15 8.51 -37.54
CA ALA C 693 32.33 7.90 -38.10
C ALA C 693 32.25 6.37 -38.08
N TRP C 694 31.58 5.80 -37.08
CA TRP C 694 31.32 4.37 -37.04
C TRP C 694 30.43 3.94 -38.21
N LEU C 695 29.39 4.73 -38.49
CA LEU C 695 28.46 4.44 -39.58
C LEU C 695 29.13 4.57 -40.94
N PHE C 696 30.00 5.56 -41.10
CA PHE C 696 30.73 5.70 -42.37
C PHE C 696 31.78 4.61 -42.52
N GLY C 697 32.45 4.24 -41.42
CA GLY C 697 33.46 3.21 -41.47
C GLY C 697 32.92 1.83 -41.76
N GLU C 698 31.71 1.52 -41.27
CA GLU C 698 31.09 0.24 -41.59
C GLU C 698 30.75 0.13 -43.07
N ALA C 699 30.22 1.22 -43.64
CA ALA C 699 29.91 1.23 -45.08
C ALA C 699 31.17 1.20 -45.93
N TYR C 700 32.25 1.84 -45.47
CA TYR C 700 33.53 1.70 -46.15
C TYR C 700 34.05 0.27 -46.04
N LYS C 701 33.84 -0.37 -44.91
CA LYS C 701 34.38 -1.70 -44.66
C LYS C 701 33.54 -2.79 -45.32
N LEU C 702 32.34 -2.48 -45.81
CA LEU C 702 31.49 -3.55 -46.33
C LEU C 702 31.98 -4.11 -47.65
N THR C 703 31.96 -3.35 -48.75
CA THR C 703 32.70 -3.77 -49.95
C THR C 703 33.70 -2.71 -50.42
N GLY C 704 33.24 -1.56 -50.92
CA GLY C 704 34.13 -0.67 -51.64
C GLY C 704 33.85 0.82 -51.59
N GLU C 705 32.83 1.24 -50.84
CA GLU C 705 32.28 2.58 -50.99
C GLU C 705 33.23 3.63 -50.43
N SER C 706 33.85 4.38 -51.33
CA SER C 706 34.84 5.40 -50.98
C SER C 706 34.23 6.78 -50.79
N ILE C 707 32.94 6.97 -51.10
CA ILE C 707 32.27 8.23 -50.77
C ILE C 707 32.08 8.34 -49.26
N TYR C 708 31.97 7.20 -48.58
CA TYR C 708 31.88 7.18 -47.13
C TYR C 708 33.23 7.48 -46.50
N LYS C 709 34.32 7.15 -47.20
CA LYS C 709 35.64 7.64 -46.78
C LYS C 709 35.70 9.16 -46.86
N ASN C 710 35.17 9.75 -47.93
CA ASN C 710 35.12 11.21 -48.07
C ASN C 710 34.27 11.83 -46.97
N GLY C 711 33.18 11.15 -46.62
CA GLY C 711 32.38 11.50 -45.45
C GLY C 711 33.17 11.43 -44.16
N LEU C 712 34.10 10.47 -44.07
CA LEU C 712 34.96 10.39 -42.89
C LEU C 712 35.90 11.60 -42.77
N GLU C 713 36.56 12.02 -43.89
CA GLU C 713 37.39 13.23 -43.75
C GLU C 713 36.54 14.47 -43.48
N LEU C 714 35.37 14.58 -44.12
CA LEU C 714 34.50 15.74 -43.88
C LEU C 714 34.00 15.77 -42.43
N ALA C 715 33.65 14.62 -41.87
CA ALA C 715 33.16 14.55 -40.50
C ALA C 715 34.26 14.86 -39.49
N VAL C 716 35.48 14.32 -39.69
CA VAL C 716 36.53 14.62 -38.73
C VAL C 716 37.03 16.06 -38.87
N ASP C 717 36.98 16.64 -40.08
CA ASP C 717 37.36 18.03 -40.25
C ASP C 717 36.33 18.97 -39.64
N LYS C 718 35.05 18.59 -39.69
CA LYS C 718 34.03 19.40 -39.03
C LYS C 718 34.05 19.18 -37.52
N GLU C 719 34.55 18.04 -37.05
CA GLU C 719 34.46 17.71 -35.63
C GLU C 719 35.68 18.15 -34.83
N LEU C 720 36.87 18.22 -35.45
CA LEU C 720 38.09 18.48 -34.70
C LEU C 720 38.23 19.91 -34.21
N VAL C 721 37.41 20.84 -34.71
CA VAL C 721 37.56 22.25 -34.35
C VAL C 721 37.03 22.51 -32.95
N ALA C 722 36.06 21.69 -32.50
CA ALA C 722 35.26 22.00 -31.32
C ALA C 722 35.98 21.84 -30.00
N TYR C 723 37.21 21.33 -29.98
CA TYR C 723 37.88 21.02 -28.73
C TYR C 723 38.98 22.02 -28.43
N LYS C 724 39.03 22.46 -27.17
CA LYS C 724 40.03 23.41 -26.69
C LYS C 724 41.24 22.61 -26.17
N VAL C 725 42.31 23.30 -25.79
CA VAL C 725 43.54 22.66 -25.33
C VAL C 725 43.62 22.78 -23.82
N ASP C 726 44.26 21.80 -23.18
CA ASP C 726 44.45 21.77 -21.74
C ASP C 726 45.86 22.25 -21.41
N SER C 727 46.23 22.13 -20.13
CA SER C 727 47.59 22.44 -19.71
C SER C 727 48.61 21.47 -20.31
N ASN C 728 48.27 20.18 -20.37
CA ASN C 728 49.22 19.19 -20.86
C ASN C 728 49.08 18.91 -22.35
N ASN C 729 48.99 20.00 -23.15
CA ASN C 729 49.19 20.00 -24.60
C ASN C 729 48.30 19.02 -25.35
N SER C 730 47.03 18.92 -24.95
CA SER C 730 46.12 17.93 -25.51
C SER C 730 44.73 18.53 -25.62
N LEU C 731 43.90 17.92 -26.47
CA LEU C 731 42.56 18.42 -26.71
C LEU C 731 41.65 18.13 -25.53
N GLN C 732 40.70 19.04 -25.31
CA GLN C 732 39.83 19.02 -24.13
C GLN C 732 38.52 19.68 -24.51
N TYR C 733 37.45 19.32 -23.80
CA TYR C 733 36.16 19.96 -24.03
C TYR C 733 36.19 21.40 -23.57
N SER C 734 35.53 22.27 -24.33
CA SER C 734 35.80 23.71 -24.28
C SER C 734 34.91 24.49 -23.33
N GLN C 735 33.68 24.03 -23.08
CA GLN C 735 32.71 24.87 -22.38
C GLN C 735 33.03 24.97 -20.88
N GLY C 736 32.94 26.19 -20.37
CA GLY C 736 33.08 26.54 -18.97
C GLY C 736 34.45 26.19 -18.41
N HIS C 737 34.48 25.99 -17.10
CA HIS C 737 35.66 25.47 -16.41
C HIS C 737 35.64 23.95 -16.32
N ARG C 738 34.60 23.30 -16.85
CA ARG C 738 34.42 21.86 -16.72
C ARG C 738 35.31 21.15 -17.73
N LEU C 739 36.58 20.99 -17.36
CA LEU C 739 37.56 20.30 -18.19
C LEU C 739 37.54 18.82 -17.81
N LEU C 740 36.56 18.11 -18.34
CA LEU C 740 36.37 16.70 -18.03
C LEU C 740 36.64 15.83 -19.25
N PRO C 741 37.80 15.17 -19.34
CA PRO C 741 38.04 14.26 -20.47
C PRO C 741 37.37 12.91 -20.23
N TYR C 742 36.22 12.69 -20.88
CA TYR C 742 35.36 11.56 -20.60
C TYR C 742 35.04 10.82 -21.91
N LEU C 743 34.34 9.69 -21.76
CA LEU C 743 33.90 8.93 -22.93
C LEU C 743 32.90 9.73 -23.75
N ALA C 744 31.86 10.23 -23.09
CA ALA C 744 31.05 11.26 -23.72
C ALA C 744 31.81 12.57 -23.75
N THR C 745 31.44 13.44 -24.69
CA THR C 745 31.98 14.79 -24.89
C THR C 745 33.49 14.82 -25.11
N GLY C 746 34.26 14.55 -24.06
CA GLY C 746 35.67 14.87 -24.04
C GLY C 746 36.63 13.97 -24.78
N SER C 747 37.81 13.78 -24.18
CA SER C 747 38.98 13.27 -24.89
C SER C 747 38.93 11.77 -25.15
N ALA C 748 38.31 11.01 -24.25
CA ALA C 748 38.34 9.55 -24.36
C ALA C 748 37.53 9.07 -25.55
N GLY C 749 36.37 9.69 -25.81
CA GLY C 749 35.63 9.38 -27.01
C GLY C 749 36.35 9.78 -28.28
N LEU C 750 37.11 10.88 -28.22
CA LEU C 750 37.93 11.28 -29.37
C LEU C 750 39.01 10.26 -29.67
N LEU C 751 39.68 9.74 -28.62
CA LEU C 751 40.68 8.69 -28.80
C LEU C 751 40.04 7.39 -29.26
N LEU C 752 38.79 7.15 -28.88
CA LEU C 752 38.07 6.00 -29.39
C LEU C 752 37.77 6.12 -30.87
N LEU C 753 37.29 7.29 -31.31
CA LEU C 753 36.91 7.45 -32.71
C LEU C 753 38.12 7.57 -33.63
N ILE C 754 39.24 8.09 -33.12
CA ILE C 754 40.44 8.24 -33.96
C ILE C 754 41.02 6.88 -34.31
N ASN C 755 41.15 6.00 -33.32
CA ASN C 755 41.71 4.67 -33.53
C ASN C 755 40.65 3.63 -33.86
N ARG C 756 39.54 4.04 -34.49
CA ARG C 756 38.47 3.12 -34.84
C ARG C 756 38.91 2.17 -35.96
N ASN C 757 39.49 2.70 -37.03
CA ASN C 757 39.96 1.92 -38.15
C ASN C 757 41.38 2.33 -38.48
N LYS C 758 42.27 1.34 -38.62
CA LYS C 758 43.67 1.62 -38.93
C LYS C 758 43.85 1.99 -40.41
N GLU C 759 43.04 1.39 -41.29
CA GLU C 759 43.23 1.53 -42.72
C GLU C 759 42.88 2.93 -43.22
N ILE C 760 41.97 3.63 -42.54
CA ILE C 760 41.59 4.97 -42.96
C ILE C 760 42.55 6.05 -42.49
N LEU C 761 43.50 5.71 -41.64
CA LEU C 761 44.36 6.72 -41.02
C LEU C 761 45.50 7.13 -41.95
N SER C 762 45.96 8.37 -41.76
CA SER C 762 47.12 8.88 -42.48
C SER C 762 48.04 9.59 -41.49
N SER C 763 49.07 10.26 -42.01
CA SER C 763 49.97 11.00 -41.13
C SER C 763 49.35 12.29 -40.61
N LYS C 764 48.35 12.82 -41.32
CA LYS C 764 47.63 14.00 -40.82
C LYS C 764 46.72 13.65 -39.66
N TYR C 765 46.19 12.42 -39.64
CA TYR C 765 45.30 12.01 -38.56
C TYR C 765 46.05 11.77 -37.26
N LEU C 766 47.24 11.15 -37.34
CA LEU C 766 47.96 10.70 -36.15
C LEU C 766 48.91 11.77 -35.65
N LYS C 767 48.35 12.96 -35.39
CA LYS C 767 49.12 14.06 -34.83
C LYS C 767 48.90 14.23 -33.33
N TYR C 768 47.83 13.65 -32.79
CA TYR C 768 47.47 13.78 -31.38
C TYR C 768 47.11 12.43 -30.79
N LEU C 769 47.98 11.44 -30.99
CA LEU C 769 47.74 10.12 -30.39
C LEU C 769 48.23 10.07 -28.95
N THR C 770 49.54 10.24 -28.74
CA THR C 770 50.10 10.05 -27.41
C THR C 770 49.81 11.24 -26.49
N SER C 771 49.54 12.43 -27.05
CA SER C 771 49.13 13.55 -26.23
C SER C 771 47.72 13.34 -25.70
N LEU C 772 46.83 12.78 -26.53
CA LEU C 772 45.48 12.48 -26.08
C LEU C 772 45.46 11.29 -25.14
N GLU C 773 46.42 10.36 -25.29
CA GLU C 773 46.57 9.30 -24.30
C GLU C 773 47.10 9.86 -22.99
N ARG C 774 47.93 10.89 -23.04
CA ARG C 774 48.36 11.60 -21.83
C ARG C 774 47.20 12.37 -21.20
N ALA C 775 46.24 12.81 -22.02
CA ALA C 775 45.05 13.47 -21.49
C ALA C 775 44.20 12.51 -20.67
N THR C 776 44.02 11.28 -21.15
CA THR C 776 43.26 10.28 -20.42
C THR C 776 44.16 9.41 -19.55
N ASP C 777 44.99 10.06 -18.73
CA ASP C 777 45.81 9.38 -17.73
C ASP C 777 45.74 10.24 -16.47
N VAL C 778 44.77 9.95 -15.61
CA VAL C 778 44.49 10.76 -14.44
C VAL C 778 44.56 9.87 -13.20
N VAL C 779 44.86 10.51 -12.06
CA VAL C 779 44.97 9.78 -10.80
C VAL C 779 43.67 9.79 -10.01
N PHE C 780 42.65 10.49 -10.48
CA PHE C 780 41.45 10.68 -9.69
C PHE C 780 40.33 10.95 -10.69
N CYS C 781 39.24 10.19 -10.59
CA CYS C 781 37.98 10.53 -11.23
C CYS C 781 36.93 10.69 -10.14
N VAL C 782 36.22 11.82 -10.16
CA VAL C 782 35.36 12.17 -9.03
C VAL C 782 34.06 11.37 -9.07
N LEU C 783 33.57 11.02 -10.27
CA LEU C 783 32.39 10.16 -10.31
C LEU C 783 32.68 8.87 -11.06
N PRO C 784 32.04 7.75 -10.68
CA PRO C 784 32.27 6.48 -11.40
C PRO C 784 31.25 6.21 -12.49
N GLY C 785 31.56 5.28 -13.39
CA GLY C 785 30.63 4.86 -14.42
C GLY C 785 31.19 4.70 -15.83
N LEU C 786 30.34 4.33 -16.78
CA LEU C 786 30.76 4.24 -18.18
C LEU C 786 30.55 5.55 -18.92
N PHE C 787 29.31 6.04 -18.95
CA PHE C 787 29.00 7.24 -19.73
C PHE C 787 29.60 8.49 -19.10
N ASN C 788 29.68 8.54 -17.78
CA ASN C 788 30.18 9.72 -17.09
C ASN C 788 31.06 9.31 -15.92
N GLY C 789 32.01 8.42 -16.14
CA GLY C 789 32.85 8.00 -15.04
C GLY C 789 34.18 7.39 -15.45
N PHE C 790 34.80 6.72 -14.47
CA PHE C 790 36.14 6.18 -14.62
C PHE C 790 36.17 4.94 -15.51
N CYS C 791 35.11 4.13 -15.50
CA CYS C 791 35.11 2.88 -16.25
C CYS C 791 35.14 3.12 -17.76
N GLY C 792 34.47 4.18 -18.21
CA GLY C 792 34.57 4.56 -19.62
C GLY C 792 35.96 5.02 -20.00
N LEU C 793 36.65 5.71 -19.08
CA LEU C 793 38.04 6.11 -19.31
C LEU C 793 38.95 4.90 -19.43
N GLU C 794 38.77 3.90 -18.56
CA GLU C 794 39.64 2.74 -18.61
C GLU C 794 39.31 1.85 -19.80
N VAL C 795 38.05 1.85 -20.24
CA VAL C 795 37.70 1.15 -21.47
C VAL C 795 38.34 1.83 -22.68
N ALA C 796 38.26 3.16 -22.74
CA ALA C 796 38.80 3.89 -23.89
C ALA C 796 40.33 3.93 -23.89
N ASN C 797 40.98 3.68 -22.75
CA ASN C 797 42.44 3.69 -22.72
C ASN C 797 43.03 2.45 -23.39
N ASN C 798 42.31 1.32 -23.37
CA ASN C 798 42.84 0.10 -23.96
C ASN C 798 41.65 -0.71 -24.50
N ILE C 799 41.35 -0.53 -25.79
CA ILE C 799 40.30 -1.32 -26.43
C ILE C 799 40.79 -1.98 -27.73
N TYR C 800 41.47 -1.22 -28.59
CA TYR C 800 41.85 -1.73 -29.91
C TYR C 800 43.35 -1.64 -30.14
N SER C 801 44.14 -1.90 -29.09
CA SER C 801 45.59 -1.95 -29.19
C SER C 801 46.09 -3.39 -29.22
N ASP C 802 45.32 -4.27 -29.88
CA ASP C 802 45.58 -5.71 -30.04
C ASP C 802 45.68 -6.44 -28.70
N ILE C 803 46.16 -7.70 -28.76
CA ILE C 803 46.33 -8.69 -27.68
C ILE C 803 45.14 -8.83 -26.74
N ASP C 804 45.31 -9.61 -25.67
CA ASP C 804 44.24 -9.77 -24.68
C ASP C 804 44.78 -9.69 -23.27
N ASP C 805 46.09 -9.93 -23.11
CA ASP C 805 46.72 -9.86 -21.79
C ASP C 805 46.84 -8.42 -21.33
N ASN C 806 45.87 -7.94 -20.57
CA ASN C 806 45.80 -6.55 -20.14
C ASN C 806 45.63 -6.48 -18.63
N PHE C 807 46.44 -7.26 -17.91
CA PHE C 807 46.31 -7.39 -16.45
C PHE C 807 46.65 -6.11 -15.71
N SER C 808 47.47 -5.24 -16.31
CA SER C 808 47.64 -3.89 -15.79
C SER C 808 46.33 -3.10 -15.85
N GLY C 809 45.53 -3.34 -16.89
CA GLY C 809 44.22 -2.71 -16.96
C GLY C 809 43.27 -3.17 -15.88
N GLN C 810 43.24 -4.48 -15.59
CA GLN C 810 42.43 -4.97 -14.48
C GLN C 810 42.93 -4.44 -13.14
N LYS C 811 44.25 -4.38 -12.97
CA LYS C 811 44.83 -3.88 -11.72
C LYS C 811 44.45 -2.43 -11.49
N LYS C 812 44.63 -1.58 -12.51
CA LYS C 812 44.29 -0.16 -12.39
C LYS C 812 42.79 0.04 -12.19
N LEU C 813 41.97 -0.70 -12.95
CA LEU C 813 40.52 -0.54 -12.87
C LEU C 813 39.97 -0.94 -11.50
N ILE C 814 40.37 -2.12 -10.99
CA ILE C 814 39.84 -2.58 -9.71
C ILE C 814 40.41 -1.77 -8.56
N GLU C 815 41.72 -1.46 -8.60
CA GLU C 815 42.33 -0.72 -7.51
C GLU C 815 41.98 0.76 -7.51
N GLN C 816 41.39 1.28 -8.58
CA GLN C 816 40.79 2.60 -8.51
C GLN C 816 39.29 2.57 -8.32
N LEU C 817 38.65 1.42 -8.57
CA LEU C 817 37.21 1.28 -8.39
C LEU C 817 36.81 0.86 -6.98
N TYR C 818 37.77 0.37 -6.18
CA TYR C 818 37.47 0.00 -4.80
C TYR C 818 37.03 1.18 -3.93
N ARG C 819 37.38 2.42 -4.29
CA ARG C 819 37.04 3.55 -3.46
C ARG C 819 35.56 3.95 -3.53
N TYR C 820 34.79 3.40 -4.48
CA TYR C 820 33.42 3.84 -4.73
C TYR C 820 32.38 2.88 -4.18
N LEU C 821 32.79 1.82 -3.48
CA LEU C 821 31.89 0.72 -3.17
C LEU C 821 31.43 0.77 -1.71
N CYS C 822 30.15 0.45 -1.49
CA CYS C 822 29.59 0.24 -0.17
C CYS C 822 29.14 -1.21 -0.06
N VAL C 823 29.64 -1.92 0.95
CA VAL C 823 29.54 -3.38 0.98
C VAL C 823 28.21 -3.81 1.61
N ILE C 824 27.70 -4.93 1.11
CA ILE C 824 26.51 -5.60 1.61
C ILE C 824 26.99 -7.01 1.97
N GLU C 825 26.10 -7.90 2.42
CA GLU C 825 26.48 -9.29 2.68
C GLU C 825 26.96 -9.97 1.40
N GLU C 826 28.17 -10.54 1.49
CA GLU C 826 28.95 -11.25 0.45
C GLU C 826 28.86 -10.63 -0.96
N GLY C 827 28.84 -9.30 -1.03
CA GLY C 827 28.63 -8.64 -2.31
C GLY C 827 28.78 -7.14 -2.18
N PHE C 828 28.65 -6.48 -3.32
CA PHE C 828 28.79 -5.03 -3.41
C PHE C 828 27.65 -4.44 -4.21
N VAL C 829 27.21 -3.25 -3.82
CA VAL C 829 26.27 -2.45 -4.60
C VAL C 829 26.91 -1.08 -4.81
N ILE C 830 27.04 -0.68 -6.06
CA ILE C 830 27.76 0.54 -6.43
C ILE C 830 26.79 1.71 -6.37
N ALA C 831 27.17 2.75 -5.66
CA ALA C 831 26.41 3.99 -5.70
C ALA C 831 26.66 4.68 -7.03
N GLY C 832 25.59 5.20 -7.64
CA GLY C 832 25.67 5.81 -8.94
C GLY C 832 26.22 7.23 -8.89
N ASP C 833 26.17 7.88 -10.04
CA ASP C 833 26.59 9.27 -10.13
C ASP C 833 25.63 10.19 -9.37
N ASN C 834 26.19 11.27 -8.83
CA ASN C 834 25.57 12.09 -7.78
C ASN C 834 25.10 11.21 -6.63
N GLY C 835 26.06 10.51 -6.03
CA GLY C 835 25.75 9.38 -5.18
C GLY C 835 25.27 9.69 -3.77
N LEU C 836 23.96 9.51 -3.56
CA LEU C 836 23.39 9.43 -2.23
C LEU C 836 22.59 8.16 -2.00
N LYS C 837 22.09 7.55 -3.07
CA LYS C 837 21.38 6.28 -3.03
C LYS C 837 22.08 5.29 -3.95
N ILE C 838 21.44 4.16 -4.19
CA ILE C 838 21.99 3.13 -5.05
C ILE C 838 21.32 3.21 -6.42
N THR C 839 22.05 2.76 -7.44
CA THR C 839 21.65 2.96 -8.84
C THR C 839 22.08 1.75 -9.65
N THR C 840 21.19 1.27 -10.52
CA THR C 840 21.49 0.16 -11.44
C THR C 840 21.05 0.55 -12.85
N ASP C 841 21.98 1.02 -13.68
CA ASP C 841 21.70 1.30 -15.08
C ASP C 841 22.98 1.12 -15.89
N ILE C 842 22.93 1.55 -17.16
CA ILE C 842 24.07 1.46 -18.06
C ILE C 842 25.16 2.45 -17.69
N ALA C 843 24.79 3.69 -17.33
CA ALA C 843 25.79 4.72 -17.12
C ALA C 843 26.56 4.50 -15.82
N SER C 844 25.85 4.51 -14.68
CA SER C 844 26.49 4.37 -13.38
C SER C 844 25.71 3.33 -12.58
N GLY C 845 26.20 2.10 -12.57
CA GLY C 845 25.53 1.04 -11.83
C GLY C 845 26.22 -0.29 -12.05
N PHE C 846 25.44 -1.35 -11.90
CA PHE C 846 25.95 -2.70 -12.12
C PHE C 846 26.32 -2.93 -13.59
N ALA C 847 25.47 -2.47 -14.51
CA ALA C 847 25.69 -2.74 -15.92
C ALA C 847 26.86 -1.97 -16.49
N GLY C 848 27.22 -0.82 -15.92
CA GLY C 848 28.38 -0.10 -16.41
C GLY C 848 29.67 -0.87 -16.20
N VAL C 849 29.86 -1.40 -14.99
CA VAL C 849 31.02 -2.24 -14.71
C VAL C 849 30.93 -3.56 -15.48
N ALA C 850 29.70 -4.08 -15.66
CA ALA C 850 29.52 -5.33 -16.40
C ALA C 850 29.95 -5.20 -17.87
N ILE C 851 29.44 -4.17 -18.56
CA ILE C 851 29.80 -3.91 -19.94
C ILE C 851 31.28 -3.52 -20.06
N GLY C 852 31.82 -2.80 -19.07
CA GLY C 852 33.23 -2.44 -19.11
C GLY C 852 34.15 -3.64 -19.04
N LEU C 853 33.87 -4.56 -18.11
CA LEU C 853 34.70 -5.77 -18.03
C LEU C 853 34.52 -6.71 -19.22
N VAL C 854 33.30 -6.86 -19.74
CA VAL C 854 33.16 -7.79 -20.88
C VAL C 854 33.73 -7.16 -22.15
N SER C 855 33.77 -5.83 -22.22
CA SER C 855 34.42 -5.16 -23.34
C SER C 855 35.94 -5.20 -23.23
N ILE C 856 36.50 -5.18 -22.01
CA ILE C 856 37.94 -5.30 -21.90
C ILE C 856 38.39 -6.74 -22.17
N MET C 857 37.64 -7.73 -21.68
CA MET C 857 37.97 -9.12 -21.97
C MET C 857 37.79 -9.45 -23.45
N ASP C 858 36.68 -9.02 -24.04
CA ASP C 858 36.41 -9.25 -25.45
C ASP C 858 36.54 -7.91 -26.17
N ASN C 859 37.70 -7.69 -26.81
CA ASN C 859 38.07 -6.38 -27.34
C ASN C 859 37.28 -6.07 -28.61
N LYS C 860 35.98 -5.79 -28.45
CA LYS C 860 35.18 -5.30 -29.57
C LYS C 860 34.22 -4.21 -29.12
N LEU C 861 34.18 -3.93 -27.81
CA LEU C 861 33.40 -2.85 -27.19
C LEU C 861 31.91 -3.04 -27.49
N THR C 862 31.26 -4.00 -26.81
CA THR C 862 29.98 -4.52 -27.27
C THR C 862 28.79 -3.59 -27.09
N ILE C 863 28.89 -2.38 -27.62
CA ILE C 863 27.77 -1.50 -27.97
C ILE C 863 28.14 -0.89 -29.32
N LEU C 864 27.12 -0.63 -30.16
CA LEU C 864 27.25 -0.16 -31.55
C LEU C 864 28.10 -1.14 -32.36
N PRO C 865 27.55 -2.28 -32.75
CA PRO C 865 28.39 -3.39 -33.23
C PRO C 865 28.81 -3.21 -34.68
N GLN C 866 29.56 -4.19 -35.16
CA GLN C 866 29.99 -4.33 -36.54
C GLN C 866 29.54 -5.70 -37.04
N ILE C 867 30.11 -6.11 -38.18
CA ILE C 867 29.93 -7.39 -38.93
C ILE C 867 28.43 -7.78 -39.00
PG GTP D . -18.40 -6.96 27.68
O1G GTP D . -17.43 -5.83 27.43
O2G GTP D . -18.37 -7.48 29.10
O3G GTP D . -19.79 -6.72 27.13
O3B GTP D . -17.83 -8.17 26.81
PB GTP D . -18.62 -9.58 26.75
O1B GTP D . -17.87 -10.53 25.84
O2B GTP D . -18.96 -10.02 28.15
O3A GTP D . -19.98 -9.18 26.01
PA GTP D . -20.75 -10.34 25.22
O1A GTP D . -22.21 -9.97 25.13
O2A GTP D . -19.97 -10.67 23.99
O5' GTP D . -20.59 -11.55 26.25
C5' GTP D . -21.52 -11.75 27.32
C4' GTP D . -21.40 -13.22 27.70
O4' GTP D . -22.12 -13.57 28.87
C3' GTP D . -21.96 -14.10 26.62
O3' GTP D . -20.99 -14.34 25.61
C2' GTP D . -22.36 -15.36 27.36
O2' GTP D . -21.43 -16.41 27.08
C1' GTP D . -22.30 -14.98 28.82
N9 GTP D . -23.55 -15.38 29.50
C8 GTP D . -24.44 -16.30 29.07
N7 GTP D . -25.47 -16.42 29.94
C5 GTP D . -25.25 -15.57 30.95
C6 GTP D . -25.94 -15.20 32.20
O6 GTP D . -27.03 -15.73 32.52
N1 GTP D . -25.38 -14.28 32.98
C2 GTP D . -24.21 -13.69 32.67
N2 GTP D . -23.71 -12.76 33.51
N3 GTP D . -23.52 -13.97 31.53
C4 GTP D . -23.98 -14.90 30.67
P PO4 E . 7.72 -21.30 11.68
O1 PO4 E . 8.92 -22.17 11.37
O2 PO4 E . 6.85 -21.18 10.45
O3 PO4 E . 8.19 -19.93 12.11
O4 PO4 E . 6.93 -21.93 12.79
#